data_4N2Q
# 
_entry.id   4N2Q 
# 
_audit_conform.dict_name       mmcif_pdbx.dic 
_audit_conform.dict_version    5.389 
_audit_conform.dict_location   http://mmcif.pdb.org/dictionaries/ascii/mmcif_pdbx.dic 
# 
loop_
_database_2.database_id 
_database_2.database_code 
_database_2.pdbx_database_accession 
_database_2.pdbx_DOI 
PDB   4N2Q         pdb_00004n2q 10.2210/pdb4n2q/pdb 
NDB   NA2715       ?            ?                   
RCSB  RCSB082677   ?            ?                   
WWPDB D_1000082677 ?            ?                   
# 
loop_
_pdbx_audit_revision_history.ordinal 
_pdbx_audit_revision_history.data_content_type 
_pdbx_audit_revision_history.major_revision 
_pdbx_audit_revision_history.minor_revision 
_pdbx_audit_revision_history.revision_date 
1 'Structure model' 1 0 2013-10-30 
2 'Structure model' 1 1 2013-11-20 
3 'Structure model' 1 2 2014-01-08 
4 'Structure model' 1 3 2024-02-28 
5 'Structure model' 1 4 2024-04-03 
# 
_pdbx_audit_revision_details.ordinal             1 
_pdbx_audit_revision_details.revision_ordinal    1 
_pdbx_audit_revision_details.data_content_type   'Structure model' 
_pdbx_audit_revision_details.provider            repository 
_pdbx_audit_revision_details.type                'Initial release' 
_pdbx_audit_revision_details.description         ? 
_pdbx_audit_revision_details.details             ? 
# 
loop_
_pdbx_audit_revision_group.ordinal 
_pdbx_audit_revision_group.revision_ordinal 
_pdbx_audit_revision_group.data_content_type 
_pdbx_audit_revision_group.group 
1 2 'Structure model' 'Database references'    
2 3 'Structure model' 'Database references'    
3 4 'Structure model' 'Data collection'        
4 4 'Structure model' 'Database references'    
5 5 'Structure model' 'Refinement description' 
# 
loop_
_pdbx_audit_revision_category.ordinal 
_pdbx_audit_revision_category.revision_ordinal 
_pdbx_audit_revision_category.data_content_type 
_pdbx_audit_revision_category.category 
1 4 'Structure model' chem_comp_atom                
2 4 'Structure model' chem_comp_bond                
3 4 'Structure model' database_2                    
4 5 'Structure model' pdbx_initial_refinement_model 
# 
loop_
_pdbx_audit_revision_item.ordinal 
_pdbx_audit_revision_item.revision_ordinal 
_pdbx_audit_revision_item.data_content_type 
_pdbx_audit_revision_item.item 
1 4 'Structure model' '_database_2.pdbx_DOI'                
2 4 'Structure model' '_database_2.pdbx_database_accession' 
# 
_pdbx_database_status.status_code                     REL 
_pdbx_database_status.entry_id                        4N2Q 
_pdbx_database_status.recvd_initial_deposition_date   2013-10-06 
_pdbx_database_status.deposit_site                    RCSB 
_pdbx_database_status.process_site                    RCSB 
_pdbx_database_status.status_code_sf                  REL 
_pdbx_database_status.status_code_mr                  ? 
_pdbx_database_status.SG_entry                        ? 
_pdbx_database_status.status_code_cs                  ? 
_pdbx_database_status.methods_development_category    ? 
_pdbx_database_status.pdb_format_compatible           Y 
_pdbx_database_status.status_code_nmr_data            ? 
# 
loop_
_pdbx_database_related.db_name 
_pdbx_database_related.db_id 
_pdbx_database_related.details 
_pdbx_database_related.content_type 
PDB 4ME2 'Apo THA8 structure' unspecified 
PDB 4N2S .                    unspecified 
# 
loop_
_audit_author.name 
_audit_author.pdbx_ordinal 
'Ke, J.'          1 
'Chen, R.Z.'      2 
'Ban, T.'         3 
'Zhou, X.E.'      4 
'Gu, X.'          5 
'Brunzelle, J.S.' 6 
'Zhu, J.K.'       7 
'Melcher, K.'     8 
'Xu, H.E.'        9 
# 
_citation.id                        primary 
_citation.title                     'Structural basis for RNA recognition by a dimeric PPR-protein complex.' 
_citation.journal_abbrev            Nat.Struct.Mol.Biol. 
_citation.journal_volume            20 
_citation.page_first                1377 
_citation.page_last                 1382 
_citation.year                      2013 
_citation.journal_id_ASTM           ? 
_citation.country                   US 
_citation.journal_id_ISSN           1545-9993 
_citation.journal_id_CSD            ? 
_citation.book_publisher            ? 
_citation.pdbx_database_id_PubMed   24186060 
_citation.pdbx_database_id_DOI      10.1038/nsmb.2710 
# 
loop_
_citation_author.citation_id 
_citation_author.name 
_citation_author.ordinal 
_citation_author.identifier_ORCID 
primary 'Ke, J.'          1  ? 
primary 'Chen, R.Z.'      2  ? 
primary 'Ban, T.'         3  ? 
primary 'Zhou, X.E.'      4  ? 
primary 'Gu, X.'          5  ? 
primary 'Tan, M.H.'       6  ? 
primary 'Chen, C.'        7  ? 
primary 'Kang, Y.'        8  ? 
primary 'Brunzelle, J.S.' 9  ? 
primary 'Zhu, J.K.'       10 ? 
primary 'Melcher, K.'     11 ? 
primary 'Xu, H.E.'        12 ? 
# 
loop_
_entity.id 
_entity.type 
_entity.src_method 
_entity.pdbx_description 
_entity.formula_weight 
_entity.pdbx_number_of_molecules 
_entity.pdbx_ec 
_entity.pdbx_mutation 
_entity.pdbx_fragment 
_entity.details 
1 polymer man 'THA8 RNA binding protein'                              27752.734 1  ? ? ? ? 
2 polymer syn 
;RNA (5'-R(*AP*AP*GP*AP*AP*GP*AP*AP*AP*UP*UP*GP*G)-3')
;
4252.638  1  ? ? ? ? 
3 water   nat water                                                   18.015    14 ? ? ? ? 
# 
loop_
_entity_poly.entity_id 
_entity_poly.type 
_entity_poly.nstd_linkage 
_entity_poly.nstd_monomer 
_entity_poly.pdbx_seq_one_letter_code 
_entity_poly.pdbx_seq_one_letter_code_can 
_entity_poly.pdbx_strand_id 
_entity_poly.pdbx_target_identifier 
1 'polypeptide(L)'   no no 
;MASLLFLPHTTPAPTLRAKLLPGPRTIITCGPRDNRGPLQRGRSLSTEAIHAVQALKRLTAADRSPPAATAAASAALGRL
LRADLLAAMAELQRQGHWSLALAALHVARAEPWYRPDPELYATFVSSSPSNDPAAAAAVDALVEAFIEEKERGAAGGSSE
GVWVGEDVYKLTRLVRALVAKGRARAAWRVYEAAVRKGGCEVDEYMYRVMAKGMKRLGLDEEAAEVEADLADWEARHLPD
EMRPREKSKTAVTGSVV
;
;MASLLFLPHTTPAPTLRAKLLPGPRTIITCGPRDNRGPLQRGRSLSTEAIHAVQALKRLTAADRSPPAATAAASAALGRL
LRADLLAAMAELQRQGHWSLALAALHVARAEPWYRPDPELYATFVSSSPSNDPAAAAAVDALVEAFIEEKERGAAGGSSE
GVWVGEDVYKLTRLVRALVAKGRARAAWRVYEAAVRKGGCEVDEYMYRVMAKGMKRLGLDEEAAEVEADLADWEARHLPD
EMRPREKSKTAVTGSVV
;
A ? 
2 polyribonucleotide no no AAGAAGAAAUUGG AAGAAGAAAUUGG B ? 
# 
_pdbx_entity_nonpoly.entity_id   3 
_pdbx_entity_nonpoly.name        water 
_pdbx_entity_nonpoly.comp_id     HOH 
# 
loop_
_entity_poly_seq.entity_id 
_entity_poly_seq.num 
_entity_poly_seq.mon_id 
_entity_poly_seq.hetero 
1 1   MET n 
1 2   ALA n 
1 3   SER n 
1 4   LEU n 
1 5   LEU n 
1 6   PHE n 
1 7   LEU n 
1 8   PRO n 
1 9   HIS n 
1 10  THR n 
1 11  THR n 
1 12  PRO n 
1 13  ALA n 
1 14  PRO n 
1 15  THR n 
1 16  LEU n 
1 17  ARG n 
1 18  ALA n 
1 19  LYS n 
1 20  LEU n 
1 21  LEU n 
1 22  PRO n 
1 23  GLY n 
1 24  PRO n 
1 25  ARG n 
1 26  THR n 
1 27  ILE n 
1 28  ILE n 
1 29  THR n 
1 30  CYS n 
1 31  GLY n 
1 32  PRO n 
1 33  ARG n 
1 34  ASP n 
1 35  ASN n 
1 36  ARG n 
1 37  GLY n 
1 38  PRO n 
1 39  LEU n 
1 40  GLN n 
1 41  ARG n 
1 42  GLY n 
1 43  ARG n 
1 44  SER n 
1 45  LEU n 
1 46  SER n 
1 47  THR n 
1 48  GLU n 
1 49  ALA n 
1 50  ILE n 
1 51  HIS n 
1 52  ALA n 
1 53  VAL n 
1 54  GLN n 
1 55  ALA n 
1 56  LEU n 
1 57  LYS n 
1 58  ARG n 
1 59  LEU n 
1 60  THR n 
1 61  ALA n 
1 62  ALA n 
1 63  ASP n 
1 64  ARG n 
1 65  SER n 
1 66  PRO n 
1 67  PRO n 
1 68  ALA n 
1 69  ALA n 
1 70  THR n 
1 71  ALA n 
1 72  ALA n 
1 73  ALA n 
1 74  SER n 
1 75  ALA n 
1 76  ALA n 
1 77  LEU n 
1 78  GLY n 
1 79  ARG n 
1 80  LEU n 
1 81  LEU n 
1 82  ARG n 
1 83  ALA n 
1 84  ASP n 
1 85  LEU n 
1 86  LEU n 
1 87  ALA n 
1 88  ALA n 
1 89  MET n 
1 90  ALA n 
1 91  GLU n 
1 92  LEU n 
1 93  GLN n 
1 94  ARG n 
1 95  GLN n 
1 96  GLY n 
1 97  HIS n 
1 98  TRP n 
1 99  SER n 
1 100 LEU n 
1 101 ALA n 
1 102 LEU n 
1 103 ALA n 
1 104 ALA n 
1 105 LEU n 
1 106 HIS n 
1 107 VAL n 
1 108 ALA n 
1 109 ARG n 
1 110 ALA n 
1 111 GLU n 
1 112 PRO n 
1 113 TRP n 
1 114 TYR n 
1 115 ARG n 
1 116 PRO n 
1 117 ASP n 
1 118 PRO n 
1 119 GLU n 
1 120 LEU n 
1 121 TYR n 
1 122 ALA n 
1 123 THR n 
1 124 PHE n 
1 125 VAL n 
1 126 SER n 
1 127 SER n 
1 128 SER n 
1 129 PRO n 
1 130 SER n 
1 131 ASN n 
1 132 ASP n 
1 133 PRO n 
1 134 ALA n 
1 135 ALA n 
1 136 ALA n 
1 137 ALA n 
1 138 ALA n 
1 139 VAL n 
1 140 ASP n 
1 141 ALA n 
1 142 LEU n 
1 143 VAL n 
1 144 GLU n 
1 145 ALA n 
1 146 PHE n 
1 147 ILE n 
1 148 GLU n 
1 149 GLU n 
1 150 LYS n 
1 151 GLU n 
1 152 ARG n 
1 153 GLY n 
1 154 ALA n 
1 155 ALA n 
1 156 GLY n 
1 157 GLY n 
1 158 SER n 
1 159 SER n 
1 160 GLU n 
1 161 GLY n 
1 162 VAL n 
1 163 TRP n 
1 164 VAL n 
1 165 GLY n 
1 166 GLU n 
1 167 ASP n 
1 168 VAL n 
1 169 TYR n 
1 170 LYS n 
1 171 LEU n 
1 172 THR n 
1 173 ARG n 
1 174 LEU n 
1 175 VAL n 
1 176 ARG n 
1 177 ALA n 
1 178 LEU n 
1 179 VAL n 
1 180 ALA n 
1 181 LYS n 
1 182 GLY n 
1 183 ARG n 
1 184 ALA n 
1 185 ARG n 
1 186 ALA n 
1 187 ALA n 
1 188 TRP n 
1 189 ARG n 
1 190 VAL n 
1 191 TYR n 
1 192 GLU n 
1 193 ALA n 
1 194 ALA n 
1 195 VAL n 
1 196 ARG n 
1 197 LYS n 
1 198 GLY n 
1 199 GLY n 
1 200 CYS n 
1 201 GLU n 
1 202 VAL n 
1 203 ASP n 
1 204 GLU n 
1 205 TYR n 
1 206 MET n 
1 207 TYR n 
1 208 ARG n 
1 209 VAL n 
1 210 MET n 
1 211 ALA n 
1 212 LYS n 
1 213 GLY n 
1 214 MET n 
1 215 LYS n 
1 216 ARG n 
1 217 LEU n 
1 218 GLY n 
1 219 LEU n 
1 220 ASP n 
1 221 GLU n 
1 222 GLU n 
1 223 ALA n 
1 224 ALA n 
1 225 GLU n 
1 226 VAL n 
1 227 GLU n 
1 228 ALA n 
1 229 ASP n 
1 230 LEU n 
1 231 ALA n 
1 232 ASP n 
1 233 TRP n 
1 234 GLU n 
1 235 ALA n 
1 236 ARG n 
1 237 HIS n 
1 238 LEU n 
1 239 PRO n 
1 240 ASP n 
1 241 GLU n 
1 242 MET n 
1 243 ARG n 
1 244 PRO n 
1 245 ARG n 
1 246 GLU n 
1 247 LYS n 
1 248 SER n 
1 249 LYS n 
1 250 THR n 
1 251 ALA n 
1 252 VAL n 
1 253 THR n 
1 254 GLY n 
1 255 SER n 
1 256 VAL n 
1 257 VAL n 
2 1   A   n 
2 2   A   n 
2 3   G   n 
2 4   A   n 
2 5   A   n 
2 6   G   n 
2 7   A   n 
2 8   A   n 
2 9   A   n 
2 10  U   n 
2 11  U   n 
2 12  G   n 
2 13  G   n 
# 
_entity_src_gen.entity_id                          1 
_entity_src_gen.pdbx_src_id                        1 
_entity_src_gen.pdbx_alt_source_flag               sample 
_entity_src_gen.pdbx_seq_type                      ? 
_entity_src_gen.pdbx_beg_seq_num                   ? 
_entity_src_gen.pdbx_end_seq_num                   ? 
_entity_src_gen.gene_src_common_name               'Purple false brome' 
_entity_src_gen.gene_src_genus                     ? 
_entity_src_gen.pdbx_gene_src_gene                 'BRADI2G00245, BRADI2G00270' 
_entity_src_gen.gene_src_species                   ? 
_entity_src_gen.gene_src_strain                    ? 
_entity_src_gen.gene_src_tissue                    ? 
_entity_src_gen.gene_src_tissue_fraction           ? 
_entity_src_gen.gene_src_details                   ? 
_entity_src_gen.pdbx_gene_src_fragment             ? 
_entity_src_gen.pdbx_gene_src_scientific_name      'Brachypodium distachyon' 
_entity_src_gen.pdbx_gene_src_ncbi_taxonomy_id     15368 
_entity_src_gen.pdbx_gene_src_variant              ? 
_entity_src_gen.pdbx_gene_src_cell_line            ? 
_entity_src_gen.pdbx_gene_src_atcc                 ? 
_entity_src_gen.pdbx_gene_src_organ                ? 
_entity_src_gen.pdbx_gene_src_organelle            ? 
_entity_src_gen.pdbx_gene_src_cell                 ? 
_entity_src_gen.pdbx_gene_src_cellular_location    ? 
_entity_src_gen.host_org_common_name               ? 
_entity_src_gen.pdbx_host_org_scientific_name      'Escherichia coli' 
_entity_src_gen.pdbx_host_org_ncbi_taxonomy_id     511693 
_entity_src_gen.host_org_genus                     ? 
_entity_src_gen.pdbx_host_org_gene                 ? 
_entity_src_gen.pdbx_host_org_organ                ? 
_entity_src_gen.host_org_species                   ? 
_entity_src_gen.pdbx_host_org_tissue               ? 
_entity_src_gen.pdbx_host_org_tissue_fraction      ? 
_entity_src_gen.pdbx_host_org_strain               BL21 
_entity_src_gen.pdbx_host_org_variant              ? 
_entity_src_gen.pdbx_host_org_cell_line            ? 
_entity_src_gen.pdbx_host_org_atcc                 ? 
_entity_src_gen.pdbx_host_org_culture_collection   ? 
_entity_src_gen.pdbx_host_org_cell                 ? 
_entity_src_gen.pdbx_host_org_organelle            ? 
_entity_src_gen.pdbx_host_org_cellular_location    ? 
_entity_src_gen.pdbx_host_org_vector_type          Plasmid 
_entity_src_gen.pdbx_host_org_vector               ? 
_entity_src_gen.host_org_details                   ? 
_entity_src_gen.expression_system_id               ? 
_entity_src_gen.plasmid_name                       pET24a 
_entity_src_gen.plasmid_details                    ? 
_entity_src_gen.pdbx_description                   ? 
# 
_pdbx_entity_src_syn.entity_id              2 
_pdbx_entity_src_syn.pdbx_src_id            1 
_pdbx_entity_src_syn.pdbx_alt_source_flag   sample 
_pdbx_entity_src_syn.pdbx_beg_seq_num       ? 
_pdbx_entity_src_syn.pdbx_end_seq_num       ? 
_pdbx_entity_src_syn.organism_scientific    ? 
_pdbx_entity_src_syn.organism_common_name   ? 
_pdbx_entity_src_syn.ncbi_taxonomy_id       ? 
_pdbx_entity_src_syn.details                'The RNA sequence is chemically synthesized' 
# 
loop_
_chem_comp.id 
_chem_comp.type 
_chem_comp.mon_nstd_flag 
_chem_comp.name 
_chem_comp.pdbx_synonyms 
_chem_comp.formula 
_chem_comp.formula_weight 
A   'RNA linking'       y "ADENOSINE-5'-MONOPHOSPHATE" ? 'C10 H14 N5 O7 P' 347.221 
ALA 'L-peptide linking' y ALANINE                      ? 'C3 H7 N O2'      89.093  
ARG 'L-peptide linking' y ARGININE                     ? 'C6 H15 N4 O2 1'  175.209 
ASN 'L-peptide linking' y ASPARAGINE                   ? 'C4 H8 N2 O3'     132.118 
ASP 'L-peptide linking' y 'ASPARTIC ACID'              ? 'C4 H7 N O4'      133.103 
CYS 'L-peptide linking' y CYSTEINE                     ? 'C3 H7 N O2 S'    121.158 
G   'RNA linking'       y "GUANOSINE-5'-MONOPHOSPHATE" ? 'C10 H14 N5 O8 P' 363.221 
GLN 'L-peptide linking' y GLUTAMINE                    ? 'C5 H10 N2 O3'    146.144 
GLU 'L-peptide linking' y 'GLUTAMIC ACID'              ? 'C5 H9 N O4'      147.129 
GLY 'peptide linking'   y GLYCINE                      ? 'C2 H5 N O2'      75.067  
HIS 'L-peptide linking' y HISTIDINE                    ? 'C6 H10 N3 O2 1'  156.162 
HOH non-polymer         . WATER                        ? 'H2 O'            18.015  
ILE 'L-peptide linking' y ISOLEUCINE                   ? 'C6 H13 N O2'     131.173 
LEU 'L-peptide linking' y LEUCINE                      ? 'C6 H13 N O2'     131.173 
LYS 'L-peptide linking' y LYSINE                       ? 'C6 H15 N2 O2 1'  147.195 
MET 'L-peptide linking' y METHIONINE                   ? 'C5 H11 N O2 S'   149.211 
PHE 'L-peptide linking' y PHENYLALANINE                ? 'C9 H11 N O2'     165.189 
PRO 'L-peptide linking' y PROLINE                      ? 'C5 H9 N O2'      115.130 
SER 'L-peptide linking' y SERINE                       ? 'C3 H7 N O3'      105.093 
THR 'L-peptide linking' y THREONINE                    ? 'C4 H9 N O3'      119.119 
TRP 'L-peptide linking' y TRYPTOPHAN                   ? 'C11 H12 N2 O2'   204.225 
TYR 'L-peptide linking' y TYROSINE                     ? 'C9 H11 N O3'     181.189 
U   'RNA linking'       y "URIDINE-5'-MONOPHOSPHATE"   ? 'C9 H13 N2 O9 P'  324.181 
VAL 'L-peptide linking' y VALINE                       ? 'C5 H11 N O2'     117.146 
# 
loop_
_pdbx_poly_seq_scheme.asym_id 
_pdbx_poly_seq_scheme.entity_id 
_pdbx_poly_seq_scheme.seq_id 
_pdbx_poly_seq_scheme.mon_id 
_pdbx_poly_seq_scheme.ndb_seq_num 
_pdbx_poly_seq_scheme.pdb_seq_num 
_pdbx_poly_seq_scheme.auth_seq_num 
_pdbx_poly_seq_scheme.pdb_mon_id 
_pdbx_poly_seq_scheme.auth_mon_id 
_pdbx_poly_seq_scheme.pdb_strand_id 
_pdbx_poly_seq_scheme.pdb_ins_code 
_pdbx_poly_seq_scheme.hetero 
A 1 1   MET 1   1   ?   ?   ?   A . n 
A 1 2   ALA 2   2   ?   ?   ?   A . n 
A 1 3   SER 3   3   ?   ?   ?   A . n 
A 1 4   LEU 4   4   ?   ?   ?   A . n 
A 1 5   LEU 5   5   ?   ?   ?   A . n 
A 1 6   PHE 6   6   ?   ?   ?   A . n 
A 1 7   LEU 7   7   ?   ?   ?   A . n 
A 1 8   PRO 8   8   ?   ?   ?   A . n 
A 1 9   HIS 9   9   ?   ?   ?   A . n 
A 1 10  THR 10  10  ?   ?   ?   A . n 
A 1 11  THR 11  11  ?   ?   ?   A . n 
A 1 12  PRO 12  12  ?   ?   ?   A . n 
A 1 13  ALA 13  13  ?   ?   ?   A . n 
A 1 14  PRO 14  14  ?   ?   ?   A . n 
A 1 15  THR 15  15  ?   ?   ?   A . n 
A 1 16  LEU 16  16  ?   ?   ?   A . n 
A 1 17  ARG 17  17  ?   ?   ?   A . n 
A 1 18  ALA 18  18  ?   ?   ?   A . n 
A 1 19  LYS 19  19  ?   ?   ?   A . n 
A 1 20  LEU 20  20  ?   ?   ?   A . n 
A 1 21  LEU 21  21  ?   ?   ?   A . n 
A 1 22  PRO 22  22  ?   ?   ?   A . n 
A 1 23  GLY 23  23  ?   ?   ?   A . n 
A 1 24  PRO 24  24  ?   ?   ?   A . n 
A 1 25  ARG 25  25  ?   ?   ?   A . n 
A 1 26  THR 26  26  ?   ?   ?   A . n 
A 1 27  ILE 27  27  ?   ?   ?   A . n 
A 1 28  ILE 28  28  ?   ?   ?   A . n 
A 1 29  THR 29  29  ?   ?   ?   A . n 
A 1 30  CYS 30  30  ?   ?   ?   A . n 
A 1 31  GLY 31  31  ?   ?   ?   A . n 
A 1 32  PRO 32  32  ?   ?   ?   A . n 
A 1 33  ARG 33  33  ?   ?   ?   A . n 
A 1 34  ASP 34  34  ?   ?   ?   A . n 
A 1 35  ASN 35  35  ?   ?   ?   A . n 
A 1 36  ARG 36  36  ?   ?   ?   A . n 
A 1 37  GLY 37  37  ?   ?   ?   A . n 
A 1 38  PRO 38  38  ?   ?   ?   A . n 
A 1 39  LEU 39  39  ?   ?   ?   A . n 
A 1 40  GLN 40  40  ?   ?   ?   A . n 
A 1 41  ARG 41  41  ?   ?   ?   A . n 
A 1 42  GLY 42  42  ?   ?   ?   A . n 
A 1 43  ARG 43  43  ?   ?   ?   A . n 
A 1 44  SER 44  44  44  SER SER A . n 
A 1 45  LEU 45  45  45  LEU LEU A . n 
A 1 46  SER 46  46  46  SER SER A . n 
A 1 47  THR 47  47  47  THR THR A . n 
A 1 48  GLU 48  48  48  GLU GLU A . n 
A 1 49  ALA 49  49  49  ALA ALA A . n 
A 1 50  ILE 50  50  50  ILE ILE A . n 
A 1 51  HIS 51  51  51  HIS HIS A . n 
A 1 52  ALA 52  52  52  ALA ALA A . n 
A 1 53  VAL 53  53  53  VAL VAL A . n 
A 1 54  GLN 54  54  54  GLN GLN A . n 
A 1 55  ALA 55  55  55  ALA ALA A . n 
A 1 56  LEU 56  56  56  LEU LEU A . n 
A 1 57  LYS 57  57  57  LYS LYS A . n 
A 1 58  ARG 58  58  58  ARG ARG A . n 
A 1 59  LEU 59  59  59  LEU LEU A . n 
A 1 60  THR 60  60  60  THR THR A . n 
A 1 61  ALA 61  61  61  ALA ALA A . n 
A 1 62  ALA 62  62  62  ALA ALA A . n 
A 1 63  ASP 63  63  63  ASP ASP A . n 
A 1 64  ARG 64  64  64  ARG ARG A . n 
A 1 65  SER 65  65  65  SER SER A . n 
A 1 66  PRO 66  66  66  PRO PRO A . n 
A 1 67  PRO 67  67  67  PRO PRO A . n 
A 1 68  ALA 68  68  68  ALA ALA A . n 
A 1 69  ALA 69  69  69  ALA ALA A . n 
A 1 70  THR 70  70  70  THR THR A . n 
A 1 71  ALA 71  71  71  ALA ALA A . n 
A 1 72  ALA 72  72  72  ALA ALA A . n 
A 1 73  ALA 73  73  73  ALA ALA A . n 
A 1 74  SER 74  74  74  SER SER A . n 
A 1 75  ALA 75  75  75  ALA ALA A . n 
A 1 76  ALA 76  76  76  ALA ALA A . n 
A 1 77  LEU 77  77  77  LEU LEU A . n 
A 1 78  GLY 78  78  78  GLY GLY A . n 
A 1 79  ARG 79  79  79  ARG ARG A . n 
A 1 80  LEU 80  80  80  LEU LEU A . n 
A 1 81  LEU 81  81  81  LEU LEU A . n 
A 1 82  ARG 82  82  82  ARG ARG A . n 
A 1 83  ALA 83  83  83  ALA ALA A . n 
A 1 84  ASP 84  84  84  ASP ASP A . n 
A 1 85  LEU 85  85  85  LEU LEU A . n 
A 1 86  LEU 86  86  86  LEU LEU A . n 
A 1 87  ALA 87  87  87  ALA ALA A . n 
A 1 88  ALA 88  88  88  ALA ALA A . n 
A 1 89  MET 89  89  89  MET MET A . n 
A 1 90  ALA 90  90  90  ALA ALA A . n 
A 1 91  GLU 91  91  91  GLU GLU A . n 
A 1 92  LEU 92  92  92  LEU LEU A . n 
A 1 93  GLN 93  93  93  GLN GLN A . n 
A 1 94  ARG 94  94  94  ARG ARG A . n 
A 1 95  GLN 95  95  95  GLN GLN A . n 
A 1 96  GLY 96  96  96  GLY GLY A . n 
A 1 97  HIS 97  97  97  HIS HIS A . n 
A 1 98  TRP 98  98  98  TRP TRP A . n 
A 1 99  SER 99  99  99  SER SER A . n 
A 1 100 LEU 100 100 100 LEU LEU A . n 
A 1 101 ALA 101 101 101 ALA ALA A . n 
A 1 102 LEU 102 102 102 LEU LEU A . n 
A 1 103 ALA 103 103 103 ALA ALA A . n 
A 1 104 ALA 104 104 104 ALA ALA A . n 
A 1 105 LEU 105 105 105 LEU LEU A . n 
A 1 106 HIS 106 106 106 HIS HIS A . n 
A 1 107 VAL 107 107 107 VAL VAL A . n 
A 1 108 ALA 108 108 108 ALA ALA A . n 
A 1 109 ARG 109 109 109 ARG ARG A . n 
A 1 110 ALA 110 110 110 ALA ALA A . n 
A 1 111 GLU 111 111 111 GLU GLU A . n 
A 1 112 PRO 112 112 112 PRO PRO A . n 
A 1 113 TRP 113 113 113 TRP TRP A . n 
A 1 114 TYR 114 114 114 TYR TYR A . n 
A 1 115 ARG 115 115 115 ARG ARG A . n 
A 1 116 PRO 116 116 116 PRO PRO A . n 
A 1 117 ASP 117 117 117 ASP ASP A . n 
A 1 118 PRO 118 118 118 PRO PRO A . n 
A 1 119 GLU 119 119 119 GLU GLU A . n 
A 1 120 LEU 120 120 120 LEU LEU A . n 
A 1 121 TYR 121 121 121 TYR TYR A . n 
A 1 122 ALA 122 122 122 ALA ALA A . n 
A 1 123 THR 123 123 123 THR THR A . n 
A 1 124 PHE 124 124 124 PHE PHE A . n 
A 1 125 VAL 125 125 125 VAL VAL A . n 
A 1 126 SER 126 126 126 SER SER A . n 
A 1 127 SER 127 127 127 SER SER A . n 
A 1 128 SER 128 128 128 SER SER A . n 
A 1 129 PRO 129 129 129 PRO PRO A . n 
A 1 130 SER 130 130 130 SER SER A . n 
A 1 131 ASN 131 131 131 ASN ASN A . n 
A 1 132 ASP 132 132 132 ASP ASP A . n 
A 1 133 PRO 133 133 133 PRO PRO A . n 
A 1 134 ALA 134 134 134 ALA ALA A . n 
A 1 135 ALA 135 135 135 ALA ALA A . n 
A 1 136 ALA 136 136 136 ALA ALA A . n 
A 1 137 ALA 137 137 137 ALA ALA A . n 
A 1 138 ALA 138 138 138 ALA ALA A . n 
A 1 139 VAL 139 139 139 VAL VAL A . n 
A 1 140 ASP 140 140 140 ASP ASP A . n 
A 1 141 ALA 141 141 141 ALA ALA A . n 
A 1 142 LEU 142 142 142 LEU LEU A . n 
A 1 143 VAL 143 143 143 VAL VAL A . n 
A 1 144 GLU 144 144 144 GLU GLU A . n 
A 1 145 ALA 145 145 145 ALA ALA A . n 
A 1 146 PHE 146 146 146 PHE PHE A . n 
A 1 147 ILE 147 147 147 ILE ILE A . n 
A 1 148 GLU 148 148 148 GLU GLU A . n 
A 1 149 GLU 149 149 149 GLU GLU A . n 
A 1 150 LYS 150 150 150 LYS LYS A . n 
A 1 151 GLU 151 151 151 GLU GLU A . n 
A 1 152 ARG 152 152 152 ARG ARG A . n 
A 1 153 GLY 153 153 153 GLY GLY A . n 
A 1 154 ALA 154 154 154 ALA ALA A . n 
A 1 155 ALA 155 155 155 ALA ALA A . n 
A 1 156 GLY 156 156 156 GLY GLY A . n 
A 1 157 GLY 157 157 157 GLY GLY A . n 
A 1 158 SER 158 158 158 SER SER A . n 
A 1 159 SER 159 159 159 SER SER A . n 
A 1 160 GLU 160 160 160 GLU GLU A . n 
A 1 161 GLY 161 161 161 GLY GLY A . n 
A 1 162 VAL 162 162 162 VAL VAL A . n 
A 1 163 TRP 163 163 163 TRP TRP A . n 
A 1 164 VAL 164 164 164 VAL VAL A . n 
A 1 165 GLY 165 165 165 GLY GLY A . n 
A 1 166 GLU 166 166 166 GLU GLU A . n 
A 1 167 ASP 167 167 167 ASP ASP A . n 
A 1 168 VAL 168 168 168 VAL VAL A . n 
A 1 169 TYR 169 169 169 TYR TYR A . n 
A 1 170 LYS 170 170 170 LYS LYS A . n 
A 1 171 LEU 171 171 171 LEU LEU A . n 
A 1 172 THR 172 172 172 THR THR A . n 
A 1 173 ARG 173 173 173 ARG ARG A . n 
A 1 174 LEU 174 174 174 LEU LEU A . n 
A 1 175 VAL 175 175 175 VAL VAL A . n 
A 1 176 ARG 176 176 176 ARG ARG A . n 
A 1 177 ALA 177 177 177 ALA ALA A . n 
A 1 178 LEU 178 178 178 LEU LEU A . n 
A 1 179 VAL 179 179 179 VAL VAL A . n 
A 1 180 ALA 180 180 180 ALA ALA A . n 
A 1 181 LYS 181 181 181 LYS LYS A . n 
A 1 182 GLY 182 182 182 GLY GLY A . n 
A 1 183 ARG 183 183 183 ARG ARG A . n 
A 1 184 ALA 184 184 184 ALA ALA A . n 
A 1 185 ARG 185 185 185 ARG ARG A . n 
A 1 186 ALA 186 186 186 ALA ALA A . n 
A 1 187 ALA 187 187 187 ALA ALA A . n 
A 1 188 TRP 188 188 188 TRP TRP A . n 
A 1 189 ARG 189 189 189 ARG ARG A . n 
A 1 190 VAL 190 190 190 VAL VAL A . n 
A 1 191 TYR 191 191 191 TYR TYR A . n 
A 1 192 GLU 192 192 192 GLU GLU A . n 
A 1 193 ALA 193 193 193 ALA ALA A . n 
A 1 194 ALA 194 194 194 ALA ALA A . n 
A 1 195 VAL 195 195 195 VAL VAL A . n 
A 1 196 ARG 196 196 196 ARG ARG A . n 
A 1 197 LYS 197 197 197 LYS LYS A . n 
A 1 198 GLY 198 198 198 GLY GLY A . n 
A 1 199 GLY 199 199 199 GLY GLY A . n 
A 1 200 CYS 200 200 200 CYS CYS A . n 
A 1 201 GLU 201 201 201 GLU GLU A . n 
A 1 202 VAL 202 202 202 VAL VAL A . n 
A 1 203 ASP 203 203 203 ASP ASP A . n 
A 1 204 GLU 204 204 204 GLU GLU A . n 
A 1 205 TYR 205 205 205 TYR TYR A . n 
A 1 206 MET 206 206 206 MET MET A . n 
A 1 207 TYR 207 207 207 TYR TYR A . n 
A 1 208 ARG 208 208 208 ARG ARG A . n 
A 1 209 VAL 209 209 209 VAL VAL A . n 
A 1 210 MET 210 210 210 MET MET A . n 
A 1 211 ALA 211 211 211 ALA ALA A . n 
A 1 212 LYS 212 212 212 LYS LYS A . n 
A 1 213 GLY 213 213 213 GLY GLY A . n 
A 1 214 MET 214 214 214 MET MET A . n 
A 1 215 LYS 215 215 215 LYS LYS A . n 
A 1 216 ARG 216 216 216 ARG ARG A . n 
A 1 217 LEU 217 217 217 LEU LEU A . n 
A 1 218 GLY 218 218 218 GLY GLY A . n 
A 1 219 LEU 219 219 219 LEU LEU A . n 
A 1 220 ASP 220 220 220 ASP ASP A . n 
A 1 221 GLU 221 221 221 GLU GLU A . n 
A 1 222 GLU 222 222 222 GLU GLU A . n 
A 1 223 ALA 223 223 223 ALA ALA A . n 
A 1 224 ALA 224 224 224 ALA ALA A . n 
A 1 225 GLU 225 225 225 GLU GLU A . n 
A 1 226 VAL 226 226 226 VAL VAL A . n 
A 1 227 GLU 227 227 227 GLU GLU A . n 
A 1 228 ALA 228 228 228 ALA ALA A . n 
A 1 229 ASP 229 229 229 ASP ASP A . n 
A 1 230 LEU 230 230 230 LEU LEU A . n 
A 1 231 ALA 231 231 231 ALA ALA A . n 
A 1 232 ASP 232 232 232 ASP ASP A . n 
A 1 233 TRP 233 233 233 TRP TRP A . n 
A 1 234 GLU 234 234 234 GLU GLU A . n 
A 1 235 ALA 235 235 235 ALA ALA A . n 
A 1 236 ARG 236 236 236 ARG ARG A . n 
A 1 237 HIS 237 237 237 HIS HIS A . n 
A 1 238 LEU 238 238 238 LEU LEU A . n 
A 1 239 PRO 239 239 239 PRO PRO A . n 
A 1 240 ASP 240 240 240 ASP ASP A . n 
A 1 241 GLU 241 241 241 GLU GLU A . n 
A 1 242 MET 242 242 ?   ?   ?   A . n 
A 1 243 ARG 243 243 ?   ?   ?   A . n 
A 1 244 PRO 244 244 ?   ?   ?   A . n 
A 1 245 ARG 245 245 ?   ?   ?   A . n 
A 1 246 GLU 246 246 ?   ?   ?   A . n 
A 1 247 LYS 247 247 ?   ?   ?   A . n 
A 1 248 SER 248 248 ?   ?   ?   A . n 
A 1 249 LYS 249 249 ?   ?   ?   A . n 
A 1 250 THR 250 250 ?   ?   ?   A . n 
A 1 251 ALA 251 251 ?   ?   ?   A . n 
A 1 252 VAL 252 252 ?   ?   ?   A . n 
A 1 253 THR 253 253 ?   ?   ?   A . n 
A 1 254 GLY 254 254 ?   ?   ?   A . n 
A 1 255 SER 255 255 ?   ?   ?   A . n 
A 1 256 VAL 256 256 ?   ?   ?   A . n 
A 1 257 VAL 257 257 ?   ?   ?   A . n 
B 2 1   A   1   1   ?   ?   ?   B . n 
B 2 2   A   2   2   ?   ?   ?   B . n 
B 2 3   G   3   3   ?   ?   ?   B . n 
B 2 4   A   4   4   ?   ?   ?   B . n 
B 2 5   A   5   5   5   A   A   B . n 
B 2 6   G   6   6   6   G   G   B . n 
B 2 7   A   7   7   7   A   A   B . n 
B 2 8   A   8   8   8   A   A   B . n 
B 2 9   A   9   9   9   A   A   B . n 
B 2 10  U   10  10  ?   ?   ?   B . n 
B 2 11  U   11  11  ?   ?   ?   B . n 
B 2 12  G   12  12  ?   ?   ?   B . n 
B 2 13  G   13  13  ?   ?   ?   B . n 
# 
loop_
_pdbx_nonpoly_scheme.asym_id 
_pdbx_nonpoly_scheme.entity_id 
_pdbx_nonpoly_scheme.mon_id 
_pdbx_nonpoly_scheme.ndb_seq_num 
_pdbx_nonpoly_scheme.pdb_seq_num 
_pdbx_nonpoly_scheme.auth_seq_num 
_pdbx_nonpoly_scheme.pdb_mon_id 
_pdbx_nonpoly_scheme.auth_mon_id 
_pdbx_nonpoly_scheme.pdb_strand_id 
_pdbx_nonpoly_scheme.pdb_ins_code 
C 3 HOH 1  301 301 HOH HOH A . 
C 3 HOH 2  302 302 HOH HOH A . 
C 3 HOH 3  303 303 HOH HOH A . 
C 3 HOH 4  304 304 HOH HOH A . 
C 3 HOH 5  305 305 HOH HOH A . 
C 3 HOH 6  306 306 HOH HOH A . 
C 3 HOH 7  307 307 HOH HOH A . 
C 3 HOH 8  308 308 HOH HOH A . 
C 3 HOH 9  309 309 HOH HOH A . 
C 3 HOH 10 310 310 HOH HOH A . 
C 3 HOH 11 311 311 HOH HOH A . 
C 3 HOH 12 312 312 HOH HOH A . 
D 3 HOH 1  101 101 HOH HOH B . 
D 3 HOH 2  102 102 HOH HOH B . 
# 
loop_
_pdbx_unobs_or_zero_occ_atoms.id 
_pdbx_unobs_or_zero_occ_atoms.PDB_model_num 
_pdbx_unobs_or_zero_occ_atoms.polymer_flag 
_pdbx_unobs_or_zero_occ_atoms.occupancy_flag 
_pdbx_unobs_or_zero_occ_atoms.auth_asym_id 
_pdbx_unobs_or_zero_occ_atoms.auth_comp_id 
_pdbx_unobs_or_zero_occ_atoms.auth_seq_id 
_pdbx_unobs_or_zero_occ_atoms.PDB_ins_code 
_pdbx_unobs_or_zero_occ_atoms.auth_atom_id 
_pdbx_unobs_or_zero_occ_atoms.label_alt_id 
_pdbx_unobs_or_zero_occ_atoms.label_asym_id 
_pdbx_unobs_or_zero_occ_atoms.label_comp_id 
_pdbx_unobs_or_zero_occ_atoms.label_seq_id 
_pdbx_unobs_or_zero_occ_atoms.label_atom_id 
1  1 Y 1 B A 8 ? N9 ? B A 8 N9 
2  1 Y 1 B A 8 ? C8 ? B A 8 C8 
3  1 Y 1 B A 8 ? N7 ? B A 8 N7 
4  1 Y 1 B A 8 ? C5 ? B A 8 C5 
5  1 Y 1 B A 8 ? C6 ? B A 8 C6 
6  1 Y 1 B A 8 ? N6 ? B A 8 N6 
7  1 Y 1 B A 8 ? N1 ? B A 8 N1 
8  1 Y 1 B A 8 ? C2 ? B A 8 C2 
9  1 Y 1 B A 8 ? N3 ? B A 8 N3 
10 1 Y 1 B A 8 ? C4 ? B A 8 C4 
11 1 Y 1 B A 9 ? N9 ? B A 9 N9 
12 1 Y 1 B A 9 ? C8 ? B A 9 C8 
13 1 Y 1 B A 9 ? N7 ? B A 9 N7 
14 1 Y 1 B A 9 ? C5 ? B A 9 C5 
15 1 Y 1 B A 9 ? C6 ? B A 9 C6 
16 1 Y 1 B A 9 ? N6 ? B A 9 N6 
17 1 Y 1 B A 9 ? N1 ? B A 9 N1 
18 1 Y 1 B A 9 ? C2 ? B A 9 C2 
19 1 Y 1 B A 9 ? N3 ? B A 9 N3 
20 1 Y 1 B A 9 ? C4 ? B A 9 C4 
# 
loop_
_software.name 
_software.classification 
_software.version 
_software.citation_id 
_software.pdbx_ordinal 
HKL-2000 'data collection' .        ? 1 
PHASER   phasing           .        ? 2 
REFMAC   refinement        5.6.0117 ? 3 
HKL-2000 'data reduction'  .        ? 4 
HKL-2000 'data scaling'    .        ? 5 
# 
_cell.entry_id           4N2Q 
_cell.length_a           90.341 
_cell.length_b           90.341 
_cell.length_c           81.733 
_cell.angle_alpha        90.00 
_cell.angle_beta         90.00 
_cell.angle_gamma        90.00 
_cell.Z_PDB              8 
_cell.pdbx_unique_axis   ? 
_cell.length_a_esd       ? 
_cell.length_b_esd       ? 
_cell.length_c_esd       ? 
_cell.angle_alpha_esd    ? 
_cell.angle_beta_esd     ? 
_cell.angle_gamma_esd    ? 
# 
_symmetry.entry_id                         4N2Q 
_symmetry.space_group_name_H-M             'P 41 21 2' 
_symmetry.pdbx_full_space_group_name_H-M   ? 
_symmetry.cell_setting                     ? 
_symmetry.Int_Tables_number                92 
_symmetry.space_group_name_Hall            ? 
# 
_exptl.entry_id          4N2Q 
_exptl.method            'X-RAY DIFFRACTION' 
_exptl.crystals_number   1 
# 
_exptl_crystal.id                    1 
_exptl_crystal.density_meas          ? 
_exptl_crystal.density_Matthews      2.61 
_exptl_crystal.density_percent_sol   52.79 
_exptl_crystal.description           ? 
_exptl_crystal.F_000                 ? 
_exptl_crystal.preparation           ? 
# 
_exptl_crystal_grow.crystal_id      1 
_exptl_crystal_grow.method          'VAPOR DIFFUSION, HANGING DROP' 
_exptl_crystal_grow.temp            295 
_exptl_crystal_grow.temp_details    ? 
_exptl_crystal_grow.pH              6.0 
_exptl_crystal_grow.pdbx_pH_range   ? 
_exptl_crystal_grow.pdbx_details    '14% PEG 4000 and 0.1 M MES, pH6.0, VAPOR DIFFUSION, HANGING DROP, temperature 295K' 
# 
_diffrn.id                     1 
_diffrn.ambient_temp           100 
_diffrn.ambient_temp_details   ? 
_diffrn.crystal_id             1 
# 
_diffrn_detector.diffrn_id              1 
_diffrn_detector.detector               CCD 
_diffrn_detector.type                   'MARMOSAIC 300 mm CCD' 
_diffrn_detector.pdbx_collection_date   2013-03-08 
_diffrn_detector.details                ? 
# 
_diffrn_radiation.diffrn_id                        1 
_diffrn_radiation.wavelength_id                    1 
_diffrn_radiation.pdbx_monochromatic_or_laue_m_l   M 
_diffrn_radiation.monochromator                    'Ni FILTER' 
_diffrn_radiation.pdbx_diffrn_protocol             'SINGLE WAVELENGTH' 
_diffrn_radiation.pdbx_scattering_type             x-ray 
# 
_diffrn_radiation_wavelength.id           1 
_diffrn_radiation_wavelength.wavelength   .97856 
_diffrn_radiation_wavelength.wt           1.0 
# 
_diffrn_source.diffrn_id                   1 
_diffrn_source.source                      SYNCHROTRON 
_diffrn_source.type                        'APS BEAMLINE 21-ID-G' 
_diffrn_source.pdbx_synchrotron_site       APS 
_diffrn_source.pdbx_synchrotron_beamline   21-ID-G 
_diffrn_source.pdbx_wavelength             ? 
_diffrn_source.pdbx_wavelength_list        .97856 
# 
_reflns.pdbx_diffrn_id               1 
_reflns.pdbx_ordinal                 1 
_reflns.entry_id                     4N2Q 
_reflns.observed_criterion_sigma_I   ? 
_reflns.observed_criterion_sigma_F   ? 
_reflns.d_resolution_low             50.0 
_reflns.d_resolution_high            2.8 
_reflns.number_obs                   8811 
_reflns.number_all                   8811 
_reflns.percent_possible_obs         100 
_reflns.pdbx_Rmerge_I_obs            0.05 
_reflns.pdbx_Rsym_value              ? 
_reflns.pdbx_netI_over_sigmaI        34.4 
_reflns.B_iso_Wilson_estimate        ? 
_reflns.pdbx_redundancy              14.1 
_reflns.R_free_details               ? 
_reflns.pdbx_chi_squared             ? 
_reflns.pdbx_scaling_rejects         ? 
# 
_reflns_shell.pdbx_diffrn_id         1 
_reflns_shell.pdbx_ordinal           1 
_reflns_shell.d_res_high             2.80 
_reflns_shell.d_res_low              2.95 
_reflns_shell.percent_possible_all   100 
_reflns_shell.Rmerge_I_obs           0.944 
_reflns_shell.pdbx_Rsym_value        ? 
_reflns_shell.meanI_over_sigI_obs    3.3 
_reflns_shell.pdbx_redundancy        14.7 
_reflns_shell.percent_possible_obs   ? 
_reflns_shell.number_unique_all      ? 
_reflns_shell.number_measured_all    ? 
_reflns_shell.number_measured_obs    ? 
_reflns_shell.number_unique_obs      ? 
_reflns_shell.pdbx_chi_squared       ? 
# 
_refine.pdbx_refine_id                           'X-RAY DIFFRACTION' 
_refine.entry_id                                 4N2Q 
_refine.pdbx_diffrn_id                           1 
_refine.pdbx_TLS_residual_ADP_flag               ? 
_refine.ls_number_reflns_obs                     8359 
_refine.ls_number_reflns_all                     8365 
_refine.pdbx_ls_sigma_I                          ? 
_refine.pdbx_ls_sigma_F                          ? 
_refine.pdbx_data_cutoff_high_absF               ? 
_refine.pdbx_data_cutoff_low_absF                ? 
_refine.pdbx_data_cutoff_high_rms_absF           ? 
_refine.ls_d_res_low                             45.21 
_refine.ls_d_res_high                            2.80 
_refine.ls_percent_reflns_obs                    99.9 
_refine.ls_R_factor_obs                          0.207 
_refine.ls_R_factor_all                          ? 
_refine.ls_R_factor_R_work                       0.205 
_refine.ls_R_factor_R_free                       0.258 
_refine.ls_R_factor_R_free_error                 ? 
_refine.ls_R_factor_R_free_error_details         ? 
_refine.ls_percent_reflns_R_free                 4.700 
_refine.ls_number_reflns_R_free                  415 
_refine.ls_number_parameters                     ? 
_refine.ls_number_restraints                     ? 
_refine.occupancy_min                            ? 
_refine.occupancy_max                            ? 
_refine.correlation_coeff_Fo_to_Fc               0.953 
_refine.correlation_coeff_Fo_to_Fc_free          0.911 
_refine.B_iso_mean                               92.10 
_refine.aniso_B[1][1]                            -1.82000 
_refine.aniso_B[2][2]                            -1.82000 
_refine.aniso_B[3][3]                            3.63000 
_refine.aniso_B[1][2]                            -0.00000 
_refine.aniso_B[1][3]                            -0.00000 
_refine.aniso_B[2][3]                            -0.00000 
_refine.solvent_model_details                    MASK 
_refine.solvent_model_param_ksol                 ? 
_refine.solvent_model_param_bsol                 ? 
_refine.pdbx_solvent_vdw_probe_radii             1.20 
_refine.pdbx_solvent_ion_probe_radii             0.80 
_refine.pdbx_solvent_shrinkage_radii             0.80 
_refine.pdbx_ls_cross_valid_method               THROUGHOUT 
_refine.details                                  'HYDROGENS HAVE BEEN ADDED IN THE RIDING POSITIONS' 
_refine.pdbx_starting_model                      'Apo THA8 structure' 
_refine.pdbx_method_to_determine_struct          'MOLECULAR REPLACEMENT' 
_refine.pdbx_isotropic_thermal_model             ? 
_refine.pdbx_stereochemistry_target_values       'MAXIMUM LIKELIHOOD' 
_refine.pdbx_stereochem_target_val_spec_case     ? 
_refine.pdbx_R_Free_selection_details            RANDOM 
_refine.pdbx_overall_ESU_R                       0.531 
_refine.pdbx_overall_ESU_R_Free                  0.321 
_refine.overall_SU_ML                            0.229 
_refine.pdbx_overall_phase_error                 ? 
_refine.overall_SU_B                             12.079 
_refine.overall_SU_R_Cruickshank_DPI             ? 
_refine.pdbx_overall_SU_R_free_Cruickshank_DPI   ? 
_refine.pdbx_overall_SU_R_Blow_DPI               ? 
_refine.pdbx_overall_SU_R_free_Blow_DPI          ? 
_refine.ls_redundancy_reflns_obs                 ? 
_refine.overall_SU_R_free                        ? 
_refine.ls_wR_factor_R_free                      ? 
_refine.ls_wR_factor_R_work                      ? 
_refine.overall_FOM_free_R_set                   ? 
_refine.overall_FOM_work_R_set                   ? 
# 
_refine_hist.pdbx_refine_id                   'X-RAY DIFFRACTION' 
_refine_hist.cycle_id                         LAST 
_refine_hist.pdbx_number_atoms_protein        1500 
_refine_hist.pdbx_number_atoms_nucleic_acid   91 
_refine_hist.pdbx_number_atoms_ligand         0 
_refine_hist.number_atoms_solvent             14 
_refine_hist.number_atoms_total               1605 
_refine_hist.d_res_high                       2.80 
_refine_hist.d_res_low                        45.21 
# 
loop_
_refine_ls_restr.type 
_refine_ls_restr.dev_ideal 
_refine_ls_restr.dev_ideal_target 
_refine_ls_restr.weight 
_refine_ls_restr.number 
_refine_ls_restr.pdbx_refine_id 
_refine_ls_restr.pdbx_restraint_function 
r_bond_refined_d             0.009  0.019  ? 1630 'X-RAY DIFFRACTION' ? 
r_bond_other_d               0.001  0.020  ? 1506 'X-RAY DIFFRACTION' ? 
r_angle_refined_deg          1.144  1.918  ? 2231 'X-RAY DIFFRACTION' ? 
r_angle_other_deg            0.781  3.000  ? 3454 'X-RAY DIFFRACTION' ? 
r_dihedral_angle_1_deg       3.125  5.000  ? 197  'X-RAY DIFFRACTION' ? 
r_dihedral_angle_2_deg       38.609 22.500 ? 68   'X-RAY DIFFRACTION' ? 
r_dihedral_angle_3_deg       17.339 15.000 ? 242  'X-RAY DIFFRACTION' ? 
r_dihedral_angle_4_deg       18.792 15.000 ? 17   'X-RAY DIFFRACTION' ? 
r_chiral_restr               0.053  0.200  ? 247  'X-RAY DIFFRACTION' ? 
r_gen_planes_refined         0.005  0.021  ? 1792 'X-RAY DIFFRACTION' ? 
r_gen_planes_other           0.001  0.020  ? 363  'X-RAY DIFFRACTION' ? 
r_nbd_refined                ?      ?      ? ?    'X-RAY DIFFRACTION' ? 
r_nbd_other                  ?      ?      ? ?    'X-RAY DIFFRACTION' ? 
r_nbtor_refined              ?      ?      ? ?    'X-RAY DIFFRACTION' ? 
r_nbtor_other                ?      ?      ? ?    'X-RAY DIFFRACTION' ? 
r_xyhbond_nbd_refined        ?      ?      ? ?    'X-RAY DIFFRACTION' ? 
r_xyhbond_nbd_other          ?      ?      ? ?    'X-RAY DIFFRACTION' ? 
r_metal_ion_refined          ?      ?      ? ?    'X-RAY DIFFRACTION' ? 
r_metal_ion_other            ?      ?      ? ?    'X-RAY DIFFRACTION' ? 
r_symmetry_vdw_refined       ?      ?      ? ?    'X-RAY DIFFRACTION' ? 
r_symmetry_vdw_other         ?      ?      ? ?    'X-RAY DIFFRACTION' ? 
r_symmetry_hbond_refined     ?      ?      ? ?    'X-RAY DIFFRACTION' ? 
r_symmetry_hbond_other       ?      ?      ? ?    'X-RAY DIFFRACTION' ? 
r_symmetry_metal_ion_refined ?      ?      ? ?    'X-RAY DIFFRACTION' ? 
r_symmetry_metal_ion_other   ?      ?      ? ?    'X-RAY DIFFRACTION' ? 
r_mcbond_it                  5.963  8.879  ? 791  'X-RAY DIFFRACTION' ? 
r_mcbond_other               5.956  8.873  ? 790  'X-RAY DIFFRACTION' ? 
r_mcangle_it                 8.659  13.311 ? 987  'X-RAY DIFFRACTION' ? 
r_mcangle_other              ?      ?      ? ?    'X-RAY DIFFRACTION' ? 
r_scbond_it                  7.153  9.947  ? 839  'X-RAY DIFFRACTION' ? 
r_scbond_other               ?      ?      ? ?    'X-RAY DIFFRACTION' ? 
r_scangle_it                 ?      ?      ? ?    'X-RAY DIFFRACTION' ? 
r_scangle_other              ?      ?      ? ?    'X-RAY DIFFRACTION' ? 
r_long_range_B_refined       ?      ?      ? ?    'X-RAY DIFFRACTION' ? 
r_long_range_B_other         ?      ?      ? ?    'X-RAY DIFFRACTION' ? 
r_rigid_bond_restr           ?      ?      ? ?    'X-RAY DIFFRACTION' ? 
r_sphericity_free            ?      ?      ? ?    'X-RAY DIFFRACTION' ? 
r_sphericity_bonded          ?      ?      ? ?    'X-RAY DIFFRACTION' ? 
# 
_refine_ls_shell.pdbx_refine_id                   'X-RAY DIFFRACTION' 
_refine_ls_shell.pdbx_total_number_of_bins_used   20 
_refine_ls_shell.d_res_high                       2.80 
_refine_ls_shell.d_res_low                        2.87 
_refine_ls_shell.number_reflns_R_work             594 
_refine_ls_shell.R_factor_R_work                  0.3090 
_refine_ls_shell.percent_reflns_obs               100.00 
_refine_ls_shell.R_factor_R_free                  0.3840 
_refine_ls_shell.R_factor_R_free_error            ? 
_refine_ls_shell.percent_reflns_R_free            ? 
_refine_ls_shell.number_reflns_R_free             26 
_refine_ls_shell.number_reflns_all                ? 
_refine_ls_shell.R_factor_all                     ? 
_refine_ls_shell.redundancy_reflns_obs            ? 
_refine_ls_shell.number_reflns_obs                ? 
# 
_struct.entry_id                  4N2Q 
_struct.title                     'Crystal structure of THA8 in complex with Zm4 RNA' 
_struct.pdbx_model_details        ? 
_struct.pdbx_CASP_flag            ? 
_struct.pdbx_model_type_details   ? 
# 
_struct_keywords.entry_id        4N2Q 
_struct_keywords.pdbx_keywords   SPLICING/RNA 
_struct_keywords.text            
'Pentatricopeptide repeat (PPR) protein, Group II intron RNA splicing, small intron RNA, chloroplast, SPLICING-RNA complex' 
# 
loop_
_struct_asym.id 
_struct_asym.pdbx_blank_PDB_chainid_flag 
_struct_asym.pdbx_modified 
_struct_asym.entity_id 
_struct_asym.details 
A N N 1 ? 
B N N 2 ? 
C N N 3 ? 
D N N 3 ? 
# 
loop_
_struct_ref.id 
_struct_ref.db_name 
_struct_ref.db_code 
_struct_ref.pdbx_db_accession 
_struct_ref.entity_id 
_struct_ref.pdbx_seq_one_letter_code 
_struct_ref.pdbx_align_begin 
_struct_ref.pdbx_db_isoform 
1 UNP I1HB13_BRADI I1HB13 1 
;MASLLFLPHTTPAPTLRAKLLPGPRTIITCGPRDNRGPLQRGRSLSTEAIHAVQALKRLTAADRSPPAATAAASAALGRL
LRADLLAAMAELQRQGHWSLALAALHVARAEPWYRPDPELYATFVSSSPSNDPAAAAAVDALVEAFIEEKERGAAGGSSE
GVWVGEDVYKLTRLVRALVAKGRARAAWRVYEAAVRKGGCEVDEYMYRVMAKGMKRLGLDEEAAEVEADLADWEARHLPD
EMRPREKSKTAVTGSVV
;
1 ? 
2 PDB 4N2Q         4N2Q   2 AAGAAGAAAUUGG ? ? 
# 
loop_
_struct_ref_seq.align_id 
_struct_ref_seq.ref_id 
_struct_ref_seq.pdbx_PDB_id_code 
_struct_ref_seq.pdbx_strand_id 
_struct_ref_seq.seq_align_beg 
_struct_ref_seq.pdbx_seq_align_beg_ins_code 
_struct_ref_seq.seq_align_end 
_struct_ref_seq.pdbx_seq_align_end_ins_code 
_struct_ref_seq.pdbx_db_accession 
_struct_ref_seq.db_align_beg 
_struct_ref_seq.pdbx_db_align_beg_ins_code 
_struct_ref_seq.db_align_end 
_struct_ref_seq.pdbx_db_align_end_ins_code 
_struct_ref_seq.pdbx_auth_seq_align_beg 
_struct_ref_seq.pdbx_auth_seq_align_end 
1 1 4N2Q A 1 ? 257 ? I1HB13 1 ? 257 ? 1 257 
2 2 4N2Q B 1 ? 13  ? 4N2Q   1 ? 13  ? 1 13  
# 
_pdbx_struct_assembly.id                   1 
_pdbx_struct_assembly.details              author_defined_assembly 
_pdbx_struct_assembly.method_details       ? 
_pdbx_struct_assembly.oligomeric_details   tetrameric 
_pdbx_struct_assembly.oligomeric_count     4 
# 
_pdbx_struct_assembly_gen.assembly_id       1 
_pdbx_struct_assembly_gen.oper_expression   1,2 
_pdbx_struct_assembly_gen.asym_id_list      A,B,C,D 
# 
loop_
_pdbx_struct_oper_list.id 
_pdbx_struct_oper_list.type 
_pdbx_struct_oper_list.name 
_pdbx_struct_oper_list.symmetry_operation 
_pdbx_struct_oper_list.matrix[1][1] 
_pdbx_struct_oper_list.matrix[1][2] 
_pdbx_struct_oper_list.matrix[1][3] 
_pdbx_struct_oper_list.vector[1] 
_pdbx_struct_oper_list.matrix[2][1] 
_pdbx_struct_oper_list.matrix[2][2] 
_pdbx_struct_oper_list.matrix[2][3] 
_pdbx_struct_oper_list.vector[2] 
_pdbx_struct_oper_list.matrix[3][1] 
_pdbx_struct_oper_list.matrix[3][2] 
_pdbx_struct_oper_list.matrix[3][3] 
_pdbx_struct_oper_list.vector[3] 
1 'identity operation'         1_555 x,y,z              1.0000000000 0.0000000000  0.0000000000 0.0000000000   0.0000000000  1.0000000000 0.0000000000 0.0000000000 0.0000000000  0.0000000000  1.0000000000 0.0000000000  
2 'crystal symmetry operation' 3_555 -y+1/2,x+1/2,z+1/4 0.2173666750 -0.5592410217 0.8000007552 -27.2050980677 -0.2532364622 0.7592236274 0.5995421401 3.6734323314 -0.9426680343 -0.3329098425 0.0234096976 29.7298723556 
# 
_struct_biol.id        1 
_struct_biol.details   'This is a heterotetramer composed of two protein chains and two RNA chains.' 
# 
loop_
_struct_conf.conf_type_id 
_struct_conf.id 
_struct_conf.pdbx_PDB_helix_id 
_struct_conf.beg_label_comp_id 
_struct_conf.beg_label_asym_id 
_struct_conf.beg_label_seq_id 
_struct_conf.pdbx_beg_PDB_ins_code 
_struct_conf.end_label_comp_id 
_struct_conf.end_label_asym_id 
_struct_conf.end_label_seq_id 
_struct_conf.pdbx_end_PDB_ins_code 
_struct_conf.beg_auth_comp_id 
_struct_conf.beg_auth_asym_id 
_struct_conf.beg_auth_seq_id 
_struct_conf.end_auth_comp_id 
_struct_conf.end_auth_asym_id 
_struct_conf.end_auth_seq_id 
_struct_conf.pdbx_PDB_helix_class 
_struct_conf.details 
_struct_conf.pdbx_PDB_helix_length 
HELX_P HELX_P1  1  SER A 46  ? ASP A 63  ? SER A 46  ASP A 63  1 ? 18 
HELX_P HELX_P2  2  SER A 65  ? LEU A 77  ? SER A 65  LEU A 77  1 ? 13 
HELX_P HELX_P3  3  LEU A 81  ? GLY A 96  ? LEU A 81  GLY A 96  1 ? 16 
HELX_P HELX_P4  4  HIS A 97  ? GLU A 111 ? HIS A 97  GLU A 111 1 ? 15 
HELX_P HELX_P5  5  ASP A 117 ? SER A 127 ? ASP A 117 SER A 127 1 ? 11 
HELX_P HELX_P6  6  ASP A 132 ? ARG A 152 ? ASP A 132 ARG A 152 1 ? 21 
HELX_P HELX_P7  7  ASP A 167 ? LYS A 181 ? ASP A 167 LYS A 181 1 ? 15 
HELX_P HELX_P8  8  ARG A 183 ? VAL A 195 ? ARG A 183 VAL A 195 1 ? 13 
HELX_P HELX_P9  9  ASP A 203 ? LEU A 217 ? ASP A 203 LEU A 217 1 ? 15 
HELX_P HELX_P10 10 LEU A 219 ? LEU A 238 ? LEU A 219 LEU A 238 1 ? 20 
# 
_struct_conf_type.id          HELX_P 
_struct_conf_type.criteria    ? 
_struct_conf_type.reference   ? 
# 
loop_
_pdbx_validate_torsion.id 
_pdbx_validate_torsion.PDB_model_num 
_pdbx_validate_torsion.auth_comp_id 
_pdbx_validate_torsion.auth_asym_id 
_pdbx_validate_torsion.auth_seq_id 
_pdbx_validate_torsion.PDB_ins_code 
_pdbx_validate_torsion.label_alt_id 
_pdbx_validate_torsion.phi 
_pdbx_validate_torsion.psi 
1 1 ALA A 155 ? ? -145.54 42.32   
2 1 SER A 159 ? ? -50.37  107.95  
3 1 VAL A 202 ? ? -109.51 -169.80 
# 
loop_
_pdbx_unobs_or_zero_occ_residues.id 
_pdbx_unobs_or_zero_occ_residues.PDB_model_num 
_pdbx_unobs_or_zero_occ_residues.polymer_flag 
_pdbx_unobs_or_zero_occ_residues.occupancy_flag 
_pdbx_unobs_or_zero_occ_residues.auth_asym_id 
_pdbx_unobs_or_zero_occ_residues.auth_comp_id 
_pdbx_unobs_or_zero_occ_residues.auth_seq_id 
_pdbx_unobs_or_zero_occ_residues.PDB_ins_code 
_pdbx_unobs_or_zero_occ_residues.label_asym_id 
_pdbx_unobs_or_zero_occ_residues.label_comp_id 
_pdbx_unobs_or_zero_occ_residues.label_seq_id 
1  1 Y 1 A MET 1   ? A MET 1   
2  1 Y 1 A ALA 2   ? A ALA 2   
3  1 Y 1 A SER 3   ? A SER 3   
4  1 Y 1 A LEU 4   ? A LEU 4   
5  1 Y 1 A LEU 5   ? A LEU 5   
6  1 Y 1 A PHE 6   ? A PHE 6   
7  1 Y 1 A LEU 7   ? A LEU 7   
8  1 Y 1 A PRO 8   ? A PRO 8   
9  1 Y 1 A HIS 9   ? A HIS 9   
10 1 Y 1 A THR 10  ? A THR 10  
11 1 Y 1 A THR 11  ? A THR 11  
12 1 Y 1 A PRO 12  ? A PRO 12  
13 1 Y 1 A ALA 13  ? A ALA 13  
14 1 Y 1 A PRO 14  ? A PRO 14  
15 1 Y 1 A THR 15  ? A THR 15  
16 1 Y 1 A LEU 16  ? A LEU 16  
17 1 Y 1 A ARG 17  ? A ARG 17  
18 1 Y 1 A ALA 18  ? A ALA 18  
19 1 Y 1 A LYS 19  ? A LYS 19  
20 1 Y 1 A LEU 20  ? A LEU 20  
21 1 Y 1 A LEU 21  ? A LEU 21  
22 1 Y 1 A PRO 22  ? A PRO 22  
23 1 Y 1 A GLY 23  ? A GLY 23  
24 1 Y 1 A PRO 24  ? A PRO 24  
25 1 Y 1 A ARG 25  ? A ARG 25  
26 1 Y 1 A THR 26  ? A THR 26  
27 1 Y 1 A ILE 27  ? A ILE 27  
28 1 Y 1 A ILE 28  ? A ILE 28  
29 1 Y 1 A THR 29  ? A THR 29  
30 1 Y 1 A CYS 30  ? A CYS 30  
31 1 Y 1 A GLY 31  ? A GLY 31  
32 1 Y 1 A PRO 32  ? A PRO 32  
33 1 Y 1 A ARG 33  ? A ARG 33  
34 1 Y 1 A ASP 34  ? A ASP 34  
35 1 Y 1 A ASN 35  ? A ASN 35  
36 1 Y 1 A ARG 36  ? A ARG 36  
37 1 Y 1 A GLY 37  ? A GLY 37  
38 1 Y 1 A PRO 38  ? A PRO 38  
39 1 Y 1 A LEU 39  ? A LEU 39  
40 1 Y 1 A GLN 40  ? A GLN 40  
41 1 Y 1 A ARG 41  ? A ARG 41  
42 1 Y 1 A GLY 42  ? A GLY 42  
43 1 Y 1 A ARG 43  ? A ARG 43  
44 1 Y 1 A MET 242 ? A MET 242 
45 1 Y 1 A ARG 243 ? A ARG 243 
46 1 Y 1 A PRO 244 ? A PRO 244 
47 1 Y 1 A ARG 245 ? A ARG 245 
48 1 Y 1 A GLU 246 ? A GLU 246 
49 1 Y 1 A LYS 247 ? A LYS 247 
50 1 Y 1 A SER 248 ? A SER 248 
51 1 Y 1 A LYS 249 ? A LYS 249 
52 1 Y 1 A THR 250 ? A THR 250 
53 1 Y 1 A ALA 251 ? A ALA 251 
54 1 Y 1 A VAL 252 ? A VAL 252 
55 1 Y 1 A THR 253 ? A THR 253 
56 1 Y 1 A GLY 254 ? A GLY 254 
57 1 Y 1 A SER 255 ? A SER 255 
58 1 Y 1 A VAL 256 ? A VAL 256 
59 1 Y 1 A VAL 257 ? A VAL 257 
60 1 Y 1 B A   1   ? B A   1   
61 1 Y 1 B A   2   ? B A   2   
62 1 Y 1 B G   3   ? B G   3   
63 1 Y 1 B A   4   ? B A   4   
64 1 Y 1 B U   10  ? B U   10  
65 1 Y 1 B U   11  ? B U   11  
66 1 Y 1 B G   12  ? B G   12  
67 1 Y 1 B G   13  ? B G   13  
# 
loop_
_chem_comp_atom.comp_id 
_chem_comp_atom.atom_id 
_chem_comp_atom.type_symbol 
_chem_comp_atom.pdbx_aromatic_flag 
_chem_comp_atom.pdbx_stereo_config 
_chem_comp_atom.pdbx_ordinal 
A   OP3    O N N 1   
A   P      P N N 2   
A   OP1    O N N 3   
A   OP2    O N N 4   
A   "O5'"  O N N 5   
A   "C5'"  C N N 6   
A   "C4'"  C N R 7   
A   "O4'"  O N N 8   
A   "C3'"  C N S 9   
A   "O3'"  O N N 10  
A   "C2'"  C N R 11  
A   "O2'"  O N N 12  
A   "C1'"  C N R 13  
A   N9     N Y N 14  
A   C8     C Y N 15  
A   N7     N Y N 16  
A   C5     C Y N 17  
A   C6     C Y N 18  
A   N6     N N N 19  
A   N1     N Y N 20  
A   C2     C Y N 21  
A   N3     N Y N 22  
A   C4     C Y N 23  
A   HOP3   H N N 24  
A   HOP2   H N N 25  
A   "H5'"  H N N 26  
A   "H5''" H N N 27  
A   "H4'"  H N N 28  
A   "H3'"  H N N 29  
A   "HO3'" H N N 30  
A   "H2'"  H N N 31  
A   "HO2'" H N N 32  
A   "H1'"  H N N 33  
A   H8     H N N 34  
A   H61    H N N 35  
A   H62    H N N 36  
A   H2     H N N 37  
ALA N      N N N 38  
ALA CA     C N S 39  
ALA C      C N N 40  
ALA O      O N N 41  
ALA CB     C N N 42  
ALA OXT    O N N 43  
ALA H      H N N 44  
ALA H2     H N N 45  
ALA HA     H N N 46  
ALA HB1    H N N 47  
ALA HB2    H N N 48  
ALA HB3    H N N 49  
ALA HXT    H N N 50  
ARG N      N N N 51  
ARG CA     C N S 52  
ARG C      C N N 53  
ARG O      O N N 54  
ARG CB     C N N 55  
ARG CG     C N N 56  
ARG CD     C N N 57  
ARG NE     N N N 58  
ARG CZ     C N N 59  
ARG NH1    N N N 60  
ARG NH2    N N N 61  
ARG OXT    O N N 62  
ARG H      H N N 63  
ARG H2     H N N 64  
ARG HA     H N N 65  
ARG HB2    H N N 66  
ARG HB3    H N N 67  
ARG HG2    H N N 68  
ARG HG3    H N N 69  
ARG HD2    H N N 70  
ARG HD3    H N N 71  
ARG HE     H N N 72  
ARG HH11   H N N 73  
ARG HH12   H N N 74  
ARG HH21   H N N 75  
ARG HH22   H N N 76  
ARG HXT    H N N 77  
ASN N      N N N 78  
ASN CA     C N S 79  
ASN C      C N N 80  
ASN O      O N N 81  
ASN CB     C N N 82  
ASN CG     C N N 83  
ASN OD1    O N N 84  
ASN ND2    N N N 85  
ASN OXT    O N N 86  
ASN H      H N N 87  
ASN H2     H N N 88  
ASN HA     H N N 89  
ASN HB2    H N N 90  
ASN HB3    H N N 91  
ASN HD21   H N N 92  
ASN HD22   H N N 93  
ASN HXT    H N N 94  
ASP N      N N N 95  
ASP CA     C N S 96  
ASP C      C N N 97  
ASP O      O N N 98  
ASP CB     C N N 99  
ASP CG     C N N 100 
ASP OD1    O N N 101 
ASP OD2    O N N 102 
ASP OXT    O N N 103 
ASP H      H N N 104 
ASP H2     H N N 105 
ASP HA     H N N 106 
ASP HB2    H N N 107 
ASP HB3    H N N 108 
ASP HD2    H N N 109 
ASP HXT    H N N 110 
CYS N      N N N 111 
CYS CA     C N R 112 
CYS C      C N N 113 
CYS O      O N N 114 
CYS CB     C N N 115 
CYS SG     S N N 116 
CYS OXT    O N N 117 
CYS H      H N N 118 
CYS H2     H N N 119 
CYS HA     H N N 120 
CYS HB2    H N N 121 
CYS HB3    H N N 122 
CYS HG     H N N 123 
CYS HXT    H N N 124 
G   OP3    O N N 125 
G   P      P N N 126 
G   OP1    O N N 127 
G   OP2    O N N 128 
G   "O5'"  O N N 129 
G   "C5'"  C N N 130 
G   "C4'"  C N R 131 
G   "O4'"  O N N 132 
G   "C3'"  C N S 133 
G   "O3'"  O N N 134 
G   "C2'"  C N R 135 
G   "O2'"  O N N 136 
G   "C1'"  C N R 137 
G   N9     N Y N 138 
G   C8     C Y N 139 
G   N7     N Y N 140 
G   C5     C Y N 141 
G   C6     C N N 142 
G   O6     O N N 143 
G   N1     N N N 144 
G   C2     C N N 145 
G   N2     N N N 146 
G   N3     N N N 147 
G   C4     C Y N 148 
G   HOP3   H N N 149 
G   HOP2   H N N 150 
G   "H5'"  H N N 151 
G   "H5''" H N N 152 
G   "H4'"  H N N 153 
G   "H3'"  H N N 154 
G   "HO3'" H N N 155 
G   "H2'"  H N N 156 
G   "HO2'" H N N 157 
G   "H1'"  H N N 158 
G   H8     H N N 159 
G   H1     H N N 160 
G   H21    H N N 161 
G   H22    H N N 162 
GLN N      N N N 163 
GLN CA     C N S 164 
GLN C      C N N 165 
GLN O      O N N 166 
GLN CB     C N N 167 
GLN CG     C N N 168 
GLN CD     C N N 169 
GLN OE1    O N N 170 
GLN NE2    N N N 171 
GLN OXT    O N N 172 
GLN H      H N N 173 
GLN H2     H N N 174 
GLN HA     H N N 175 
GLN HB2    H N N 176 
GLN HB3    H N N 177 
GLN HG2    H N N 178 
GLN HG3    H N N 179 
GLN HE21   H N N 180 
GLN HE22   H N N 181 
GLN HXT    H N N 182 
GLU N      N N N 183 
GLU CA     C N S 184 
GLU C      C N N 185 
GLU O      O N N 186 
GLU CB     C N N 187 
GLU CG     C N N 188 
GLU CD     C N N 189 
GLU OE1    O N N 190 
GLU OE2    O N N 191 
GLU OXT    O N N 192 
GLU H      H N N 193 
GLU H2     H N N 194 
GLU HA     H N N 195 
GLU HB2    H N N 196 
GLU HB3    H N N 197 
GLU HG2    H N N 198 
GLU HG3    H N N 199 
GLU HE2    H N N 200 
GLU HXT    H N N 201 
GLY N      N N N 202 
GLY CA     C N N 203 
GLY C      C N N 204 
GLY O      O N N 205 
GLY OXT    O N N 206 
GLY H      H N N 207 
GLY H2     H N N 208 
GLY HA2    H N N 209 
GLY HA3    H N N 210 
GLY HXT    H N N 211 
HIS N      N N N 212 
HIS CA     C N S 213 
HIS C      C N N 214 
HIS O      O N N 215 
HIS CB     C N N 216 
HIS CG     C Y N 217 
HIS ND1    N Y N 218 
HIS CD2    C Y N 219 
HIS CE1    C Y N 220 
HIS NE2    N Y N 221 
HIS OXT    O N N 222 
HIS H      H N N 223 
HIS H2     H N N 224 
HIS HA     H N N 225 
HIS HB2    H N N 226 
HIS HB3    H N N 227 
HIS HD1    H N N 228 
HIS HD2    H N N 229 
HIS HE1    H N N 230 
HIS HE2    H N N 231 
HIS HXT    H N N 232 
HOH O      O N N 233 
HOH H1     H N N 234 
HOH H2     H N N 235 
ILE N      N N N 236 
ILE CA     C N S 237 
ILE C      C N N 238 
ILE O      O N N 239 
ILE CB     C N S 240 
ILE CG1    C N N 241 
ILE CG2    C N N 242 
ILE CD1    C N N 243 
ILE OXT    O N N 244 
ILE H      H N N 245 
ILE H2     H N N 246 
ILE HA     H N N 247 
ILE HB     H N N 248 
ILE HG12   H N N 249 
ILE HG13   H N N 250 
ILE HG21   H N N 251 
ILE HG22   H N N 252 
ILE HG23   H N N 253 
ILE HD11   H N N 254 
ILE HD12   H N N 255 
ILE HD13   H N N 256 
ILE HXT    H N N 257 
LEU N      N N N 258 
LEU CA     C N S 259 
LEU C      C N N 260 
LEU O      O N N 261 
LEU CB     C N N 262 
LEU CG     C N N 263 
LEU CD1    C N N 264 
LEU CD2    C N N 265 
LEU OXT    O N N 266 
LEU H      H N N 267 
LEU H2     H N N 268 
LEU HA     H N N 269 
LEU HB2    H N N 270 
LEU HB3    H N N 271 
LEU HG     H N N 272 
LEU HD11   H N N 273 
LEU HD12   H N N 274 
LEU HD13   H N N 275 
LEU HD21   H N N 276 
LEU HD22   H N N 277 
LEU HD23   H N N 278 
LEU HXT    H N N 279 
LYS N      N N N 280 
LYS CA     C N S 281 
LYS C      C N N 282 
LYS O      O N N 283 
LYS CB     C N N 284 
LYS CG     C N N 285 
LYS CD     C N N 286 
LYS CE     C N N 287 
LYS NZ     N N N 288 
LYS OXT    O N N 289 
LYS H      H N N 290 
LYS H2     H N N 291 
LYS HA     H N N 292 
LYS HB2    H N N 293 
LYS HB3    H N N 294 
LYS HG2    H N N 295 
LYS HG3    H N N 296 
LYS HD2    H N N 297 
LYS HD3    H N N 298 
LYS HE2    H N N 299 
LYS HE3    H N N 300 
LYS HZ1    H N N 301 
LYS HZ2    H N N 302 
LYS HZ3    H N N 303 
LYS HXT    H N N 304 
MET N      N N N 305 
MET CA     C N S 306 
MET C      C N N 307 
MET O      O N N 308 
MET CB     C N N 309 
MET CG     C N N 310 
MET SD     S N N 311 
MET CE     C N N 312 
MET OXT    O N N 313 
MET H      H N N 314 
MET H2     H N N 315 
MET HA     H N N 316 
MET HB2    H N N 317 
MET HB3    H N N 318 
MET HG2    H N N 319 
MET HG3    H N N 320 
MET HE1    H N N 321 
MET HE2    H N N 322 
MET HE3    H N N 323 
MET HXT    H N N 324 
PHE N      N N N 325 
PHE CA     C N S 326 
PHE C      C N N 327 
PHE O      O N N 328 
PHE CB     C N N 329 
PHE CG     C Y N 330 
PHE CD1    C Y N 331 
PHE CD2    C Y N 332 
PHE CE1    C Y N 333 
PHE CE2    C Y N 334 
PHE CZ     C Y N 335 
PHE OXT    O N N 336 
PHE H      H N N 337 
PHE H2     H N N 338 
PHE HA     H N N 339 
PHE HB2    H N N 340 
PHE HB3    H N N 341 
PHE HD1    H N N 342 
PHE HD2    H N N 343 
PHE HE1    H N N 344 
PHE HE2    H N N 345 
PHE HZ     H N N 346 
PHE HXT    H N N 347 
PRO N      N N N 348 
PRO CA     C N S 349 
PRO C      C N N 350 
PRO O      O N N 351 
PRO CB     C N N 352 
PRO CG     C N N 353 
PRO CD     C N N 354 
PRO OXT    O N N 355 
PRO H      H N N 356 
PRO HA     H N N 357 
PRO HB2    H N N 358 
PRO HB3    H N N 359 
PRO HG2    H N N 360 
PRO HG3    H N N 361 
PRO HD2    H N N 362 
PRO HD3    H N N 363 
PRO HXT    H N N 364 
SER N      N N N 365 
SER CA     C N S 366 
SER C      C N N 367 
SER O      O N N 368 
SER CB     C N N 369 
SER OG     O N N 370 
SER OXT    O N N 371 
SER H      H N N 372 
SER H2     H N N 373 
SER HA     H N N 374 
SER HB2    H N N 375 
SER HB3    H N N 376 
SER HG     H N N 377 
SER HXT    H N N 378 
THR N      N N N 379 
THR CA     C N S 380 
THR C      C N N 381 
THR O      O N N 382 
THR CB     C N R 383 
THR OG1    O N N 384 
THR CG2    C N N 385 
THR OXT    O N N 386 
THR H      H N N 387 
THR H2     H N N 388 
THR HA     H N N 389 
THR HB     H N N 390 
THR HG1    H N N 391 
THR HG21   H N N 392 
THR HG22   H N N 393 
THR HG23   H N N 394 
THR HXT    H N N 395 
TRP N      N N N 396 
TRP CA     C N S 397 
TRP C      C N N 398 
TRP O      O N N 399 
TRP CB     C N N 400 
TRP CG     C Y N 401 
TRP CD1    C Y N 402 
TRP CD2    C Y N 403 
TRP NE1    N Y N 404 
TRP CE2    C Y N 405 
TRP CE3    C Y N 406 
TRP CZ2    C Y N 407 
TRP CZ3    C Y N 408 
TRP CH2    C Y N 409 
TRP OXT    O N N 410 
TRP H      H N N 411 
TRP H2     H N N 412 
TRP HA     H N N 413 
TRP HB2    H N N 414 
TRP HB3    H N N 415 
TRP HD1    H N N 416 
TRP HE1    H N N 417 
TRP HE3    H N N 418 
TRP HZ2    H N N 419 
TRP HZ3    H N N 420 
TRP HH2    H N N 421 
TRP HXT    H N N 422 
TYR N      N N N 423 
TYR CA     C N S 424 
TYR C      C N N 425 
TYR O      O N N 426 
TYR CB     C N N 427 
TYR CG     C Y N 428 
TYR CD1    C Y N 429 
TYR CD2    C Y N 430 
TYR CE1    C Y N 431 
TYR CE2    C Y N 432 
TYR CZ     C Y N 433 
TYR OH     O N N 434 
TYR OXT    O N N 435 
TYR H      H N N 436 
TYR H2     H N N 437 
TYR HA     H N N 438 
TYR HB2    H N N 439 
TYR HB3    H N N 440 
TYR HD1    H N N 441 
TYR HD2    H N N 442 
TYR HE1    H N N 443 
TYR HE2    H N N 444 
TYR HH     H N N 445 
TYR HXT    H N N 446 
U   OP3    O N N 447 
U   P      P N N 448 
U   OP1    O N N 449 
U   OP2    O N N 450 
U   "O5'"  O N N 451 
U   "C5'"  C N N 452 
U   "C4'"  C N R 453 
U   "O4'"  O N N 454 
U   "C3'"  C N S 455 
U   "O3'"  O N N 456 
U   "C2'"  C N R 457 
U   "O2'"  O N N 458 
U   "C1'"  C N R 459 
U   N1     N N N 460 
U   C2     C N N 461 
U   O2     O N N 462 
U   N3     N N N 463 
U   C4     C N N 464 
U   O4     O N N 465 
U   C5     C N N 466 
U   C6     C N N 467 
U   HOP3   H N N 468 
U   HOP2   H N N 469 
U   "H5'"  H N N 470 
U   "H5''" H N N 471 
U   "H4'"  H N N 472 
U   "H3'"  H N N 473 
U   "HO3'" H N N 474 
U   "H2'"  H N N 475 
U   "HO2'" H N N 476 
U   "H1'"  H N N 477 
U   H3     H N N 478 
U   H5     H N N 479 
U   H6     H N N 480 
VAL N      N N N 481 
VAL CA     C N S 482 
VAL C      C N N 483 
VAL O      O N N 484 
VAL CB     C N N 485 
VAL CG1    C N N 486 
VAL CG2    C N N 487 
VAL OXT    O N N 488 
VAL H      H N N 489 
VAL H2     H N N 490 
VAL HA     H N N 491 
VAL HB     H N N 492 
VAL HG11   H N N 493 
VAL HG12   H N N 494 
VAL HG13   H N N 495 
VAL HG21   H N N 496 
VAL HG22   H N N 497 
VAL HG23   H N N 498 
VAL HXT    H N N 499 
# 
loop_
_chem_comp_bond.comp_id 
_chem_comp_bond.atom_id_1 
_chem_comp_bond.atom_id_2 
_chem_comp_bond.value_order 
_chem_comp_bond.pdbx_aromatic_flag 
_chem_comp_bond.pdbx_stereo_config 
_chem_comp_bond.pdbx_ordinal 
A   OP3   P      sing N N 1   
A   OP3   HOP3   sing N N 2   
A   P     OP1    doub N N 3   
A   P     OP2    sing N N 4   
A   P     "O5'"  sing N N 5   
A   OP2   HOP2   sing N N 6   
A   "O5'" "C5'"  sing N N 7   
A   "C5'" "C4'"  sing N N 8   
A   "C5'" "H5'"  sing N N 9   
A   "C5'" "H5''" sing N N 10  
A   "C4'" "O4'"  sing N N 11  
A   "C4'" "C3'"  sing N N 12  
A   "C4'" "H4'"  sing N N 13  
A   "O4'" "C1'"  sing N N 14  
A   "C3'" "O3'"  sing N N 15  
A   "C3'" "C2'"  sing N N 16  
A   "C3'" "H3'"  sing N N 17  
A   "O3'" "HO3'" sing N N 18  
A   "C2'" "O2'"  sing N N 19  
A   "C2'" "C1'"  sing N N 20  
A   "C2'" "H2'"  sing N N 21  
A   "O2'" "HO2'" sing N N 22  
A   "C1'" N9     sing N N 23  
A   "C1'" "H1'"  sing N N 24  
A   N9    C8     sing Y N 25  
A   N9    C4     sing Y N 26  
A   C8    N7     doub Y N 27  
A   C8    H8     sing N N 28  
A   N7    C5     sing Y N 29  
A   C5    C6     sing Y N 30  
A   C5    C4     doub Y N 31  
A   C6    N6     sing N N 32  
A   C6    N1     doub Y N 33  
A   N6    H61    sing N N 34  
A   N6    H62    sing N N 35  
A   N1    C2     sing Y N 36  
A   C2    N3     doub Y N 37  
A   C2    H2     sing N N 38  
A   N3    C4     sing Y N 39  
ALA N     CA     sing N N 40  
ALA N     H      sing N N 41  
ALA N     H2     sing N N 42  
ALA CA    C      sing N N 43  
ALA CA    CB     sing N N 44  
ALA CA    HA     sing N N 45  
ALA C     O      doub N N 46  
ALA C     OXT    sing N N 47  
ALA CB    HB1    sing N N 48  
ALA CB    HB2    sing N N 49  
ALA CB    HB3    sing N N 50  
ALA OXT   HXT    sing N N 51  
ARG N     CA     sing N N 52  
ARG N     H      sing N N 53  
ARG N     H2     sing N N 54  
ARG CA    C      sing N N 55  
ARG CA    CB     sing N N 56  
ARG CA    HA     sing N N 57  
ARG C     O      doub N N 58  
ARG C     OXT    sing N N 59  
ARG CB    CG     sing N N 60  
ARG CB    HB2    sing N N 61  
ARG CB    HB3    sing N N 62  
ARG CG    CD     sing N N 63  
ARG CG    HG2    sing N N 64  
ARG CG    HG3    sing N N 65  
ARG CD    NE     sing N N 66  
ARG CD    HD2    sing N N 67  
ARG CD    HD3    sing N N 68  
ARG NE    CZ     sing N N 69  
ARG NE    HE     sing N N 70  
ARG CZ    NH1    sing N N 71  
ARG CZ    NH2    doub N N 72  
ARG NH1   HH11   sing N N 73  
ARG NH1   HH12   sing N N 74  
ARG NH2   HH21   sing N N 75  
ARG NH2   HH22   sing N N 76  
ARG OXT   HXT    sing N N 77  
ASN N     CA     sing N N 78  
ASN N     H      sing N N 79  
ASN N     H2     sing N N 80  
ASN CA    C      sing N N 81  
ASN CA    CB     sing N N 82  
ASN CA    HA     sing N N 83  
ASN C     O      doub N N 84  
ASN C     OXT    sing N N 85  
ASN CB    CG     sing N N 86  
ASN CB    HB2    sing N N 87  
ASN CB    HB3    sing N N 88  
ASN CG    OD1    doub N N 89  
ASN CG    ND2    sing N N 90  
ASN ND2   HD21   sing N N 91  
ASN ND2   HD22   sing N N 92  
ASN OXT   HXT    sing N N 93  
ASP N     CA     sing N N 94  
ASP N     H      sing N N 95  
ASP N     H2     sing N N 96  
ASP CA    C      sing N N 97  
ASP CA    CB     sing N N 98  
ASP CA    HA     sing N N 99  
ASP C     O      doub N N 100 
ASP C     OXT    sing N N 101 
ASP CB    CG     sing N N 102 
ASP CB    HB2    sing N N 103 
ASP CB    HB3    sing N N 104 
ASP CG    OD1    doub N N 105 
ASP CG    OD2    sing N N 106 
ASP OD2   HD2    sing N N 107 
ASP OXT   HXT    sing N N 108 
CYS N     CA     sing N N 109 
CYS N     H      sing N N 110 
CYS N     H2     sing N N 111 
CYS CA    C      sing N N 112 
CYS CA    CB     sing N N 113 
CYS CA    HA     sing N N 114 
CYS C     O      doub N N 115 
CYS C     OXT    sing N N 116 
CYS CB    SG     sing N N 117 
CYS CB    HB2    sing N N 118 
CYS CB    HB3    sing N N 119 
CYS SG    HG     sing N N 120 
CYS OXT   HXT    sing N N 121 
G   OP3   P      sing N N 122 
G   OP3   HOP3   sing N N 123 
G   P     OP1    doub N N 124 
G   P     OP2    sing N N 125 
G   P     "O5'"  sing N N 126 
G   OP2   HOP2   sing N N 127 
G   "O5'" "C5'"  sing N N 128 
G   "C5'" "C4'"  sing N N 129 
G   "C5'" "H5'"  sing N N 130 
G   "C5'" "H5''" sing N N 131 
G   "C4'" "O4'"  sing N N 132 
G   "C4'" "C3'"  sing N N 133 
G   "C4'" "H4'"  sing N N 134 
G   "O4'" "C1'"  sing N N 135 
G   "C3'" "O3'"  sing N N 136 
G   "C3'" "C2'"  sing N N 137 
G   "C3'" "H3'"  sing N N 138 
G   "O3'" "HO3'" sing N N 139 
G   "C2'" "O2'"  sing N N 140 
G   "C2'" "C1'"  sing N N 141 
G   "C2'" "H2'"  sing N N 142 
G   "O2'" "HO2'" sing N N 143 
G   "C1'" N9     sing N N 144 
G   "C1'" "H1'"  sing N N 145 
G   N9    C8     sing Y N 146 
G   N9    C4     sing Y N 147 
G   C8    N7     doub Y N 148 
G   C8    H8     sing N N 149 
G   N7    C5     sing Y N 150 
G   C5    C6     sing N N 151 
G   C5    C4     doub Y N 152 
G   C6    O6     doub N N 153 
G   C6    N1     sing N N 154 
G   N1    C2     sing N N 155 
G   N1    H1     sing N N 156 
G   C2    N2     sing N N 157 
G   C2    N3     doub N N 158 
G   N2    H21    sing N N 159 
G   N2    H22    sing N N 160 
G   N3    C4     sing N N 161 
GLN N     CA     sing N N 162 
GLN N     H      sing N N 163 
GLN N     H2     sing N N 164 
GLN CA    C      sing N N 165 
GLN CA    CB     sing N N 166 
GLN CA    HA     sing N N 167 
GLN C     O      doub N N 168 
GLN C     OXT    sing N N 169 
GLN CB    CG     sing N N 170 
GLN CB    HB2    sing N N 171 
GLN CB    HB3    sing N N 172 
GLN CG    CD     sing N N 173 
GLN CG    HG2    sing N N 174 
GLN CG    HG3    sing N N 175 
GLN CD    OE1    doub N N 176 
GLN CD    NE2    sing N N 177 
GLN NE2   HE21   sing N N 178 
GLN NE2   HE22   sing N N 179 
GLN OXT   HXT    sing N N 180 
GLU N     CA     sing N N 181 
GLU N     H      sing N N 182 
GLU N     H2     sing N N 183 
GLU CA    C      sing N N 184 
GLU CA    CB     sing N N 185 
GLU CA    HA     sing N N 186 
GLU C     O      doub N N 187 
GLU C     OXT    sing N N 188 
GLU CB    CG     sing N N 189 
GLU CB    HB2    sing N N 190 
GLU CB    HB3    sing N N 191 
GLU CG    CD     sing N N 192 
GLU CG    HG2    sing N N 193 
GLU CG    HG3    sing N N 194 
GLU CD    OE1    doub N N 195 
GLU CD    OE2    sing N N 196 
GLU OE2   HE2    sing N N 197 
GLU OXT   HXT    sing N N 198 
GLY N     CA     sing N N 199 
GLY N     H      sing N N 200 
GLY N     H2     sing N N 201 
GLY CA    C      sing N N 202 
GLY CA    HA2    sing N N 203 
GLY CA    HA3    sing N N 204 
GLY C     O      doub N N 205 
GLY C     OXT    sing N N 206 
GLY OXT   HXT    sing N N 207 
HIS N     CA     sing N N 208 
HIS N     H      sing N N 209 
HIS N     H2     sing N N 210 
HIS CA    C      sing N N 211 
HIS CA    CB     sing N N 212 
HIS CA    HA     sing N N 213 
HIS C     O      doub N N 214 
HIS C     OXT    sing N N 215 
HIS CB    CG     sing N N 216 
HIS CB    HB2    sing N N 217 
HIS CB    HB3    sing N N 218 
HIS CG    ND1    sing Y N 219 
HIS CG    CD2    doub Y N 220 
HIS ND1   CE1    doub Y N 221 
HIS ND1   HD1    sing N N 222 
HIS CD2   NE2    sing Y N 223 
HIS CD2   HD2    sing N N 224 
HIS CE1   NE2    sing Y N 225 
HIS CE1   HE1    sing N N 226 
HIS NE2   HE2    sing N N 227 
HIS OXT   HXT    sing N N 228 
HOH O     H1     sing N N 229 
HOH O     H2     sing N N 230 
ILE N     CA     sing N N 231 
ILE N     H      sing N N 232 
ILE N     H2     sing N N 233 
ILE CA    C      sing N N 234 
ILE CA    CB     sing N N 235 
ILE CA    HA     sing N N 236 
ILE C     O      doub N N 237 
ILE C     OXT    sing N N 238 
ILE CB    CG1    sing N N 239 
ILE CB    CG2    sing N N 240 
ILE CB    HB     sing N N 241 
ILE CG1   CD1    sing N N 242 
ILE CG1   HG12   sing N N 243 
ILE CG1   HG13   sing N N 244 
ILE CG2   HG21   sing N N 245 
ILE CG2   HG22   sing N N 246 
ILE CG2   HG23   sing N N 247 
ILE CD1   HD11   sing N N 248 
ILE CD1   HD12   sing N N 249 
ILE CD1   HD13   sing N N 250 
ILE OXT   HXT    sing N N 251 
LEU N     CA     sing N N 252 
LEU N     H      sing N N 253 
LEU N     H2     sing N N 254 
LEU CA    C      sing N N 255 
LEU CA    CB     sing N N 256 
LEU CA    HA     sing N N 257 
LEU C     O      doub N N 258 
LEU C     OXT    sing N N 259 
LEU CB    CG     sing N N 260 
LEU CB    HB2    sing N N 261 
LEU CB    HB3    sing N N 262 
LEU CG    CD1    sing N N 263 
LEU CG    CD2    sing N N 264 
LEU CG    HG     sing N N 265 
LEU CD1   HD11   sing N N 266 
LEU CD1   HD12   sing N N 267 
LEU CD1   HD13   sing N N 268 
LEU CD2   HD21   sing N N 269 
LEU CD2   HD22   sing N N 270 
LEU CD2   HD23   sing N N 271 
LEU OXT   HXT    sing N N 272 
LYS N     CA     sing N N 273 
LYS N     H      sing N N 274 
LYS N     H2     sing N N 275 
LYS CA    C      sing N N 276 
LYS CA    CB     sing N N 277 
LYS CA    HA     sing N N 278 
LYS C     O      doub N N 279 
LYS C     OXT    sing N N 280 
LYS CB    CG     sing N N 281 
LYS CB    HB2    sing N N 282 
LYS CB    HB3    sing N N 283 
LYS CG    CD     sing N N 284 
LYS CG    HG2    sing N N 285 
LYS CG    HG3    sing N N 286 
LYS CD    CE     sing N N 287 
LYS CD    HD2    sing N N 288 
LYS CD    HD3    sing N N 289 
LYS CE    NZ     sing N N 290 
LYS CE    HE2    sing N N 291 
LYS CE    HE3    sing N N 292 
LYS NZ    HZ1    sing N N 293 
LYS NZ    HZ2    sing N N 294 
LYS NZ    HZ3    sing N N 295 
LYS OXT   HXT    sing N N 296 
MET N     CA     sing N N 297 
MET N     H      sing N N 298 
MET N     H2     sing N N 299 
MET CA    C      sing N N 300 
MET CA    CB     sing N N 301 
MET CA    HA     sing N N 302 
MET C     O      doub N N 303 
MET C     OXT    sing N N 304 
MET CB    CG     sing N N 305 
MET CB    HB2    sing N N 306 
MET CB    HB3    sing N N 307 
MET CG    SD     sing N N 308 
MET CG    HG2    sing N N 309 
MET CG    HG3    sing N N 310 
MET SD    CE     sing N N 311 
MET CE    HE1    sing N N 312 
MET CE    HE2    sing N N 313 
MET CE    HE3    sing N N 314 
MET OXT   HXT    sing N N 315 
PHE N     CA     sing N N 316 
PHE N     H      sing N N 317 
PHE N     H2     sing N N 318 
PHE CA    C      sing N N 319 
PHE CA    CB     sing N N 320 
PHE CA    HA     sing N N 321 
PHE C     O      doub N N 322 
PHE C     OXT    sing N N 323 
PHE CB    CG     sing N N 324 
PHE CB    HB2    sing N N 325 
PHE CB    HB3    sing N N 326 
PHE CG    CD1    doub Y N 327 
PHE CG    CD2    sing Y N 328 
PHE CD1   CE1    sing Y N 329 
PHE CD1   HD1    sing N N 330 
PHE CD2   CE2    doub Y N 331 
PHE CD2   HD2    sing N N 332 
PHE CE1   CZ     doub Y N 333 
PHE CE1   HE1    sing N N 334 
PHE CE2   CZ     sing Y N 335 
PHE CE2   HE2    sing N N 336 
PHE CZ    HZ     sing N N 337 
PHE OXT   HXT    sing N N 338 
PRO N     CA     sing N N 339 
PRO N     CD     sing N N 340 
PRO N     H      sing N N 341 
PRO CA    C      sing N N 342 
PRO CA    CB     sing N N 343 
PRO CA    HA     sing N N 344 
PRO C     O      doub N N 345 
PRO C     OXT    sing N N 346 
PRO CB    CG     sing N N 347 
PRO CB    HB2    sing N N 348 
PRO CB    HB3    sing N N 349 
PRO CG    CD     sing N N 350 
PRO CG    HG2    sing N N 351 
PRO CG    HG3    sing N N 352 
PRO CD    HD2    sing N N 353 
PRO CD    HD3    sing N N 354 
PRO OXT   HXT    sing N N 355 
SER N     CA     sing N N 356 
SER N     H      sing N N 357 
SER N     H2     sing N N 358 
SER CA    C      sing N N 359 
SER CA    CB     sing N N 360 
SER CA    HA     sing N N 361 
SER C     O      doub N N 362 
SER C     OXT    sing N N 363 
SER CB    OG     sing N N 364 
SER CB    HB2    sing N N 365 
SER CB    HB3    sing N N 366 
SER OG    HG     sing N N 367 
SER OXT   HXT    sing N N 368 
THR N     CA     sing N N 369 
THR N     H      sing N N 370 
THR N     H2     sing N N 371 
THR CA    C      sing N N 372 
THR CA    CB     sing N N 373 
THR CA    HA     sing N N 374 
THR C     O      doub N N 375 
THR C     OXT    sing N N 376 
THR CB    OG1    sing N N 377 
THR CB    CG2    sing N N 378 
THR CB    HB     sing N N 379 
THR OG1   HG1    sing N N 380 
THR CG2   HG21   sing N N 381 
THR CG2   HG22   sing N N 382 
THR CG2   HG23   sing N N 383 
THR OXT   HXT    sing N N 384 
TRP N     CA     sing N N 385 
TRP N     H      sing N N 386 
TRP N     H2     sing N N 387 
TRP CA    C      sing N N 388 
TRP CA    CB     sing N N 389 
TRP CA    HA     sing N N 390 
TRP C     O      doub N N 391 
TRP C     OXT    sing N N 392 
TRP CB    CG     sing N N 393 
TRP CB    HB2    sing N N 394 
TRP CB    HB3    sing N N 395 
TRP CG    CD1    doub Y N 396 
TRP CG    CD2    sing Y N 397 
TRP CD1   NE1    sing Y N 398 
TRP CD1   HD1    sing N N 399 
TRP CD2   CE2    doub Y N 400 
TRP CD2   CE3    sing Y N 401 
TRP NE1   CE2    sing Y N 402 
TRP NE1   HE1    sing N N 403 
TRP CE2   CZ2    sing Y N 404 
TRP CE3   CZ3    doub Y N 405 
TRP CE3   HE3    sing N N 406 
TRP CZ2   CH2    doub Y N 407 
TRP CZ2   HZ2    sing N N 408 
TRP CZ3   CH2    sing Y N 409 
TRP CZ3   HZ3    sing N N 410 
TRP CH2   HH2    sing N N 411 
TRP OXT   HXT    sing N N 412 
TYR N     CA     sing N N 413 
TYR N     H      sing N N 414 
TYR N     H2     sing N N 415 
TYR CA    C      sing N N 416 
TYR CA    CB     sing N N 417 
TYR CA    HA     sing N N 418 
TYR C     O      doub N N 419 
TYR C     OXT    sing N N 420 
TYR CB    CG     sing N N 421 
TYR CB    HB2    sing N N 422 
TYR CB    HB3    sing N N 423 
TYR CG    CD1    doub Y N 424 
TYR CG    CD2    sing Y N 425 
TYR CD1   CE1    sing Y N 426 
TYR CD1   HD1    sing N N 427 
TYR CD2   CE2    doub Y N 428 
TYR CD2   HD2    sing N N 429 
TYR CE1   CZ     doub Y N 430 
TYR CE1   HE1    sing N N 431 
TYR CE2   CZ     sing Y N 432 
TYR CE2   HE2    sing N N 433 
TYR CZ    OH     sing N N 434 
TYR OH    HH     sing N N 435 
TYR OXT   HXT    sing N N 436 
U   OP3   P      sing N N 437 
U   OP3   HOP3   sing N N 438 
U   P     OP1    doub N N 439 
U   P     OP2    sing N N 440 
U   P     "O5'"  sing N N 441 
U   OP2   HOP2   sing N N 442 
U   "O5'" "C5'"  sing N N 443 
U   "C5'" "C4'"  sing N N 444 
U   "C5'" "H5'"  sing N N 445 
U   "C5'" "H5''" sing N N 446 
U   "C4'" "O4'"  sing N N 447 
U   "C4'" "C3'"  sing N N 448 
U   "C4'" "H4'"  sing N N 449 
U   "O4'" "C1'"  sing N N 450 
U   "C3'" "O3'"  sing N N 451 
U   "C3'" "C2'"  sing N N 452 
U   "C3'" "H3'"  sing N N 453 
U   "O3'" "HO3'" sing N N 454 
U   "C2'" "O2'"  sing N N 455 
U   "C2'" "C1'"  sing N N 456 
U   "C2'" "H2'"  sing N N 457 
U   "O2'" "HO2'" sing N N 458 
U   "C1'" N1     sing N N 459 
U   "C1'" "H1'"  sing N N 460 
U   N1    C2     sing N N 461 
U   N1    C6     sing N N 462 
U   C2    O2     doub N N 463 
U   C2    N3     sing N N 464 
U   N3    C4     sing N N 465 
U   N3    H3     sing N N 466 
U   C4    O4     doub N N 467 
U   C4    C5     sing N N 468 
U   C5    C6     doub N N 469 
U   C5    H5     sing N N 470 
U   C6    H6     sing N N 471 
VAL N     CA     sing N N 472 
VAL N     H      sing N N 473 
VAL N     H2     sing N N 474 
VAL CA    C      sing N N 475 
VAL CA    CB     sing N N 476 
VAL CA    HA     sing N N 477 
VAL C     O      doub N N 478 
VAL C     OXT    sing N N 479 
VAL CB    CG1    sing N N 480 
VAL CB    CG2    sing N N 481 
VAL CB    HB     sing N N 482 
VAL CG1   HG11   sing N N 483 
VAL CG1   HG12   sing N N 484 
VAL CG1   HG13   sing N N 485 
VAL CG2   HG21   sing N N 486 
VAL CG2   HG22   sing N N 487 
VAL CG2   HG23   sing N N 488 
VAL OXT   HXT    sing N N 489 
# 
_pdbx_initial_refinement_model.accession_code   4ME2 
_pdbx_initial_refinement_model.id               1 
_pdbx_initial_refinement_model.entity_id_list   ? 
_pdbx_initial_refinement_model.type             'experimental model' 
_pdbx_initial_refinement_model.source_name      PDB 
_pdbx_initial_refinement_model.details          'Apo THA8 structure' 
# 
_atom_sites.entry_id                    4N2Q 
_atom_sites.fract_transf_matrix[1][1]   -0.00902658 
_atom_sites.fract_transf_matrix[1][2]   -0.00542754 
_atom_sites.fract_transf_matrix[1][3]   0.00340372 
_atom_sites.fract_transf_matrix[2][1]   0.00379621 
_atom_sites.fract_transf_matrix[2][2]   0.00020582 
_atom_sites.fract_transf_matrix[2][3]   0.01039563 
_atom_sites.fract_transf_matrix[3][1]   -0.00570428 
_atom_sites.fract_transf_matrix[3][2]   0.01066078 
_atom_sites.fract_transf_matrix[3][3]   0.00187198 
_atom_sites.fract_transf_vector[1]      -0.060141 
_atom_sites.fract_transf_vector[2]      0.233310 
_atom_sites.fract_transf_vector[3]      0.535226 
# 
loop_
_atom_type.symbol 
C 
N 
O 
P 
S 
# 
loop_
_atom_site.group_PDB 
_atom_site.id 
_atom_site.type_symbol 
_atom_site.label_atom_id 
_atom_site.label_alt_id 
_atom_site.label_comp_id 
_atom_site.label_asym_id 
_atom_site.label_entity_id 
_atom_site.label_seq_id 
_atom_site.pdbx_PDB_ins_code 
_atom_site.Cartn_x 
_atom_site.Cartn_y 
_atom_site.Cartn_z 
_atom_site.occupancy 
_atom_site.B_iso_or_equiv 
_atom_site.pdbx_formal_charge 
_atom_site.auth_seq_id 
_atom_site.auth_comp_id 
_atom_site.auth_asym_id 
_atom_site.auth_atom_id 
_atom_site.pdbx_PDB_model_num 
ATOM   1    N N     . SER A 1 44  ? 7.093   -20.040 5.537   1.00 109.80 ? 44  SER A N     1 
ATOM   2    C CA    . SER A 1 44  ? 8.556   -19.896 5.337   1.00 113.84 ? 44  SER A CA    1 
ATOM   3    C C     . SER A 1 44  ? 8.928   -19.657 3.845   1.00 115.10 ? 44  SER A C     1 
ATOM   4    O O     . SER A 1 44  ? 8.054   -19.379 3.011   1.00 111.94 ? 44  SER A O     1 
ATOM   5    C CB    . SER A 1 44  ? 9.281   -21.112 5.912   1.00 106.57 ? 44  SER A CB    1 
ATOM   6    O OG    . SER A 1 44  ? 10.671  -20.854 5.951   1.00 102.75 ? 44  SER A OG    1 
ATOM   7    N N     . LEU A 1 45  ? 10.217  -19.735 3.526   1.00 99.82  ? 45  LEU A N     1 
ATOM   8    C CA    . LEU A 1 45  ? 10.693  -19.415 2.192   1.00 98.01  ? 45  LEU A CA    1 
ATOM   9    C C     . LEU A 1 45  ? 11.256  -20.642 1.488   1.00 94.68  ? 45  LEU A C     1 
ATOM   10   O O     . LEU A 1 45  ? 12.082  -21.384 2.052   1.00 90.89  ? 45  LEU A O     1 
ATOM   11   C CB    . LEU A 1 45  ? 11.803  -18.349 2.260   1.00 106.37 ? 45  LEU A CB    1 
ATOM   12   C CG    . LEU A 1 45  ? 11.524  -16.969 2.840   1.00 106.07 ? 45  LEU A CG    1 
ATOM   13   C CD1   . LEU A 1 45  ? 12.697  -16.031 2.595   1.00 103.08 ? 45  LEU A CD1   1 
ATOM   14   C CD2   . LEU A 1 45  ? 10.263  -16.372 2.249   1.00 113.32 ? 45  LEU A CD2   1 
ATOM   15   N N     . SER A 1 46  ? 10.841  -20.822 0.240   1.00 88.45  ? 46  SER A N     1 
ATOM   16   C CA    . SER A 1 46  ? 11.432  -21.827 -0.608  1.00 88.73  ? 46  SER A CA    1 
ATOM   17   C C     . SER A 1 46  ? 12.907  -21.514 -0.751  1.00 94.70  ? 46  SER A C     1 
ATOM   18   O O     . SER A 1 46  ? 13.296  -20.351 -0.770  1.00 98.17  ? 46  SER A O     1 
ATOM   19   C CB    . SER A 1 46  ? 10.755  -21.843 -1.983  1.00 85.42  ? 46  SER A CB    1 
ATOM   20   O OG    . SER A 1 46  ? 11.107  -20.711 -2.764  1.00 82.85  ? 46  SER A OG    1 
ATOM   21   N N     . THR A 1 47  ? 13.727  -22.552 -0.858  1.00 98.18  ? 47  THR A N     1 
ATOM   22   C CA    . THR A 1 47  ? 15.166  -22.378 -1.046  1.00 95.86  ? 47  THR A CA    1 
ATOM   23   C C     . THR A 1 47  ? 15.435  -21.508 -2.266  1.00 86.15  ? 47  THR A C     1 
ATOM   24   O O     . THR A 1 47  ? 16.441  -20.821 -2.343  1.00 87.55  ? 47  THR A O     1 
ATOM   25   C CB    . THR A 1 47  ? 15.856  -23.738 -1.231  1.00 100.78 ? 47  THR A CB    1 
ATOM   26   O OG1   . THR A 1 47  ? 15.254  -24.401 -2.348  1.00 94.98  ? 47  THR A OG1   1 
ATOM   27   C CG2   . THR A 1 47  ? 15.708  -24.624 0.062   1.00 95.65  ? 47  THR A CG2   1 
ATOM   28   N N     . GLU A 1 48  ? 14.518  -21.523 -3.221  1.00 83.15  ? 48  GLU A N     1 
ATOM   29   C CA    . GLU A 1 48  ? 14.663  -20.696 -4.411  1.00 91.40  ? 48  GLU A CA    1 
ATOM   30   C C     . GLU A 1 48  ? 14.576  -19.193 -4.069  1.00 95.80  ? 48  GLU A C     1 
ATOM   31   O O     . GLU A 1 48  ? 15.297  -18.365 -4.639  1.00 87.43  ? 48  GLU A O     1 
ATOM   32   C CB    . GLU A 1 48  ? 13.598  -21.098 -5.445  1.00 97.30  ? 48  GLU A CB    1 
ATOM   33   C CG    . GLU A 1 48  ? 13.773  -20.510 -6.837  1.00 101.85 ? 48  GLU A CG    1 
ATOM   34   C CD    . GLU A 1 48  ? 12.720  -21.008 -7.826  1.00 115.67 ? 48  GLU A CD    1 
ATOM   35   O OE1   . GLU A 1 48  ? 12.710  -22.230 -8.099  1.00 120.89 ? 48  GLU A OE1   1 
ATOM   36   O OE2   . GLU A 1 48  ? 11.909  -20.191 -8.339  1.00 117.69 ? 48  GLU A OE2   1 
ATOM   37   N N     . ALA A 1 49  ? 13.678  -18.852 -3.153  1.00 88.14  ? 49  ALA A N     1 
ATOM   38   C CA    . ALA A 1 49  ? 13.516  -17.482 -2.724  1.00 81.67  ? 49  ALA A CA    1 
ATOM   39   C C     . ALA A 1 49  ? 14.664  -17.054 -1.779  1.00 77.31  ? 49  ALA A C     1 
ATOM   40   O O     . ALA A 1 49  ? 15.175  -15.957 -1.850  1.00 78.33  ? 49  ALA A O     1 
ATOM   41   C CB    . ALA A 1 49  ? 12.159  -17.330 -2.057  1.00 87.87  ? 49  ALA A CB    1 
ATOM   42   N N     . ILE A 1 50  ? 15.070  -17.947 -0.900  1.00 72.13  ? 50  ILE A N     1 
ATOM   43   C CA    . ILE A 1 50  ? 16.179  -17.711 0.002   1.00 65.69  ? 50  ILE A CA    1 
ATOM   44   C C     . ILE A 1 50  ? 17.445  -17.414 -0.785  1.00 69.97  ? 50  ILE A C     1 
ATOM   45   O O     . ILE A 1 50  ? 18.146  -16.453 -0.510  1.00 79.68  ? 50  ILE A O     1 
ATOM   46   C CB    . ILE A 1 50  ? 16.411  -18.945 0.900   1.00 67.71  ? 50  ILE A CB    1 
ATOM   47   C CG1   . ILE A 1 50  ? 15.243  -19.130 1.881   1.00 77.74  ? 50  ILE A CG1   1 
ATOM   48   C CG2   . ILE A 1 50  ? 17.718  -18.822 1.663   1.00 68.40  ? 50  ILE A CG2   1 
ATOM   49   C CD1   . ILE A 1 50  ? 15.311  -20.395 2.721   1.00 92.17  ? 50  ILE A CD1   1 
ATOM   50   N N     . HIS A 1 51  ? 17.726  -18.236 -1.782  1.00 81.44  ? 51  HIS A N     1 
ATOM   51   C CA    . HIS A 1 51  ? 18.887  -18.032 -2.629  1.00 86.06  ? 51  HIS A CA    1 
ATOM   52   C C     . HIS A 1 51  ? 18.768  -16.742 -3.437  1.00 78.48  ? 51  HIS A C     1 
ATOM   53   O O     . HIS A 1 51  ? 19.761  -16.060 -3.678  1.00 89.31  ? 51  HIS A O     1 
ATOM   54   C CB    . HIS A 1 51  ? 19.108  -19.252 -3.549  1.00 96.14  ? 51  HIS A CB    1 
ATOM   55   C CG    . HIS A 1 51  ? 19.616  -20.471 -2.824  1.00 106.65 ? 51  HIS A CG    1 
ATOM   56   N ND1   . HIS A 1 51  ? 20.469  -20.397 -1.736  1.00 118.22 ? 51  HIS A ND1   1 
ATOM   57   C CD2   . HIS A 1 51  ? 19.406  -21.791 -3.038  1.00 105.08 ? 51  HIS A CD2   1 
ATOM   58   C CE1   . HIS A 1 51  ? 20.751  -21.614 -1.305  1.00 110.50 ? 51  HIS A CE1   1 
ATOM   59   N NE2   . HIS A 1 51  ? 20.116  -22.478 -2.077  1.00 115.55 ? 51  HIS A NE2   1 
ATOM   60   N N     . ALA A 1 52  ? 17.553  -16.402 -3.839  1.00 70.88  ? 52  ALA A N     1 
ATOM   61   C CA    . ALA A 1 52  ? 17.326  -15.176 -4.594  1.00 75.13  ? 52  ALA A CA    1 
ATOM   62   C C     . ALA A 1 52  ? 17.648  -13.934 -3.755  1.00 78.30  ? 52  ALA A C     1 
ATOM   63   O O     . ALA A 1 52  ? 18.245  -12.980 -4.236  1.00 71.40  ? 52  ALA A O     1 
ATOM   64   C CB    . ALA A 1 52  ? 15.889  -15.124 -5.082  1.00 80.64  ? 52  ALA A CB    1 
ATOM   65   N N     . VAL A 1 53  ? 17.253  -13.965 -2.487  1.00 79.25  ? 53  VAL A N     1 
ATOM   66   C CA    . VAL A 1 53  ? 17.482  -12.855 -1.594  1.00 76.17  ? 53  VAL A CA    1 
ATOM   67   C C     . VAL A 1 53  ? 18.975  -12.727 -1.349  1.00 78.26  ? 53  VAL A C     1 
ATOM   68   O O     . VAL A 1 53  ? 19.540  -11.639 -1.490  1.00 80.15  ? 53  VAL A O     1 
ATOM   69   C CB    . VAL A 1 53  ? 16.729  -13.026 -0.261  1.00 76.95  ? 53  VAL A CB    1 
ATOM   70   C CG1   . VAL A 1 53  ? 17.258  -12.064 0.797   1.00 81.50  ? 53  VAL A CG1   1 
ATOM   71   C CG2   . VAL A 1 53  ? 15.255  -12.773 -0.482  1.00 77.80  ? 53  VAL A CG2   1 
ATOM   72   N N     . GLN A 1 54  ? 19.617  -13.832 -0.993  1.00 70.22  ? 54  GLN A N     1 
ATOM   73   C CA    . GLN A 1 54  ? 21.066  -13.801 -0.797  1.00 77.23  ? 54  GLN A CA    1 
ATOM   74   C C     . GLN A 1 54  ? 21.736  -13.213 -2.033  1.00 78.44  ? 54  GLN A C     1 
ATOM   75   O O     . GLN A 1 54  ? 22.503  -12.247 -1.960  1.00 75.62  ? 54  GLN A O     1 
ATOM   76   C CB    . GLN A 1 54  ? 21.600  -15.185 -0.529  1.00 77.70  ? 54  GLN A CB    1 
ATOM   77   C CG    . GLN A 1 54  ? 21.001  -15.853 0.695   1.00 86.53  ? 54  GLN A CG    1 
ATOM   78   C CD    . GLN A 1 54  ? 21.577  -17.221 0.925   1.00 90.46  ? 54  GLN A CD    1 
ATOM   79   O OE1   . GLN A 1 54  ? 22.763  -17.350 1.190   1.00 106.35 ? 54  GLN A OE1   1 
ATOM   80   N NE2   . GLN A 1 54  ? 20.754  -18.254 0.781   1.00 102.07 ? 54  GLN A NE2   1 
ATOM   81   N N     . ALA A 1 55  ? 21.389  -13.773 -3.182  1.00 80.94  ? 55  ALA A N     1 
ATOM   82   C CA    . ALA A 1 55  ? 21.930  -13.297 -4.446  1.00 84.03  ? 55  ALA A CA    1 
ATOM   83   C C     . ALA A 1 55  ? 21.769  -11.783 -4.602  1.00 76.17  ? 55  ALA A C     1 
ATOM   84   O O     . ALA A 1 55  ? 22.693  -11.099 -5.034  1.00 78.77  ? 55  ALA A O     1 
ATOM   85   C CB    . ALA A 1 55  ? 21.271  -14.027 -5.611  1.00 81.06  ? 55  ALA A CB    1 
ATOM   86   N N     . LEU A 1 56  ? 20.594  -11.267 -4.259  1.00 74.68  ? 56  LEU A N     1 
ATOM   87   C CA    . LEU A 1 56  ? 20.317  -9.842  -4.438  1.00 76.62  ? 56  LEU A CA    1 
ATOM   88   C C     . LEU A 1 56  ? 21.213  -8.986  -3.549  1.00 77.78  ? 56  LEU A C     1 
ATOM   89   O O     . LEU A 1 56  ? 21.789  -8.000  -3.996  1.00 79.43  ? 56  LEU A O     1 
ATOM   90   C CB    . LEU A 1 56  ? 18.852  -9.529  -4.135  1.00 78.13  ? 56  LEU A CB    1 
ATOM   91   C CG    . LEU A 1 56  ? 18.403  -8.076  -4.381  1.00 83.45  ? 56  LEU A CG    1 
ATOM   92   C CD1   . LEU A 1 56  ? 18.802  -7.563  -5.755  1.00 86.74  ? 56  LEU A CD1   1 
ATOM   93   C CD2   . LEU A 1 56  ? 16.894  -7.966  -4.233  1.00 88.04  ? 56  LEU A CD2   1 
ATOM   94   N N     . LYS A 1 57  ? 21.336  -9.387  -2.292  1.00 78.97  ? 57  LYS A N     1 
ATOM   95   C CA    . LYS A 1 57  ? 22.166  -8.670  -1.337  1.00 82.20  ? 57  LYS A CA    1 
ATOM   96   C C     . LYS A 1 57  ? 23.632  -8.647  -1.776  1.00 92.20  ? 57  LYS A C     1 
ATOM   97   O O     . LYS A 1 57  ? 24.219  -7.565  -1.918  1.00 82.45  ? 57  LYS A O     1 
ATOM   98   C CB    . LYS A 1 57  ? 22.023  -9.284  0.073   1.00 79.49  ? 57  LYS A CB    1 
ATOM   99   C CG    . LYS A 1 57  ? 20.605  -9.158  0.631   1.00 83.80  ? 57  LYS A CG    1 
ATOM   100  C CD    . LYS A 1 57  ? 20.514  -9.185  2.147   1.00 79.31  ? 57  LYS A CD    1 
ATOM   101  C CE    . LYS A 1 57  ? 21.029  -10.488 2.714   1.00 77.14  ? 57  LYS A CE    1 
ATOM   102  N NZ    . LYS A 1 57  ? 21.314  -10.334 4.165   1.00 81.81  ? 57  LYS A NZ    1 
ATOM   103  N N     . ARG A 1 58  ? 24.198  -9.841  -1.997  1.00 93.39  ? 58  ARG A N     1 
ATOM   104  C CA    . ARG A 1 58  ? 25.590  -9.992  -2.399  1.00 80.78  ? 58  ARG A CA    1 
ATOM   105  C C     . ARG A 1 58  ? 25.958  -9.177  -3.634  1.00 82.41  ? 58  ARG A C     1 
ATOM   106  O O     . ARG A 1 58  ? 27.055  -8.633  -3.703  1.00 84.42  ? 58  ARG A O     1 
ATOM   107  C CB    . ARG A 1 58  ? 25.882  -11.452 -2.658  1.00 84.40  ? 58  ARG A CB    1 
ATOM   108  C CG    . ARG A 1 58  ? 25.785  -12.321 -1.419  1.00 100.02 ? 58  ARG A CG    1 
ATOM   109  C CD    . ARG A 1 58  ? 26.705  -13.532 -1.514  1.00 119.50 ? 58  ARG A CD    1 
ATOM   110  N NE    . ARG A 1 58  ? 26.561  -14.374 -0.332  1.00 126.98 ? 58  ARG A NE    1 
ATOM   111  C CZ    . ARG A 1 58  ? 25.568  -15.237 -0.135  1.00 126.99 ? 58  ARG A CZ    1 
ATOM   112  N NH1   . ARG A 1 58  ? 25.544  -15.938 0.992   1.00 127.14 ? 58  ARG A NH1   1 
ATOM   113  N NH2   . ARG A 1 58  ? 24.606  -15.405 -1.048  1.00 139.28 ? 58  ARG A NH2   1 
ATOM   114  N N     . LEU A 1 59  ? 25.047  -9.091  -4.600  1.00 81.80  ? 59  LEU A N     1 
ATOM   115  C CA    . LEU A 1 59  ? 25.289  -8.298  -5.816  1.00 90.10  ? 59  LEU A CA    1 
ATOM   116  C C     . LEU A 1 59  ? 25.304  -6.800  -5.555  1.00 90.67  ? 59  LEU A C     1 
ATOM   117  O O     . LEU A 1 59  ? 26.238  -6.116  -5.948  1.00 107.99 ? 59  LEU A O     1 
ATOM   118  C CB    . LEU A 1 59  ? 24.240  -8.602  -6.885  1.00 89.10  ? 59  LEU A CB    1 
ATOM   119  C CG    . LEU A 1 59  ? 24.385  -9.975  -7.537  1.00 88.67  ? 59  LEU A CG    1 
ATOM   120  C CD1   . LEU A 1 59  ? 23.058  -10.465 -8.077  1.00 83.95  ? 59  LEU A CD1   1 
ATOM   121  C CD2   . LEU A 1 59  ? 25.417  -9.916  -8.653  1.00 91.32  ? 59  LEU A CD2   1 
ATOM   122  N N     . THR A 1 60  ? 24.273  -6.303  -4.880  1.00 103.89 ? 60  THR A N     1 
ATOM   123  C CA    . THR A 1 60  ? 24.171  -4.875  -4.541  1.00 105.04 ? 60  THR A CA    1 
ATOM   124  C C     . THR A 1 60  ? 25.199  -4.449  -3.494  1.00 102.94 ? 60  THR A C     1 
ATOM   125  O O     . THR A 1 60  ? 25.378  -3.265  -3.262  1.00 101.10 ? 60  THR A O     1 
ATOM   126  C CB    . THR A 1 60  ? 22.772  -4.534  -4.005  1.00 99.13  ? 60  THR A CB    1 
ATOM   127  O OG1   . THR A 1 60  ? 22.426  -5.472  -2.972  1.00 93.95  ? 60  THR A OG1   1 
ATOM   128  C CG2   . THR A 1 60  ? 21.736  -4.581  -5.146  1.00 97.94  ? 60  THR A CG2   1 
ATOM   129  N N     . ALA A 1 61  ? 25.862  -5.422  -2.867  1.00 110.48 ? 61  ALA A N     1 
ATOM   130  C CA    . ALA A 1 61  ? 26.894  -5.146  -1.862  1.00 114.22 ? 61  ALA A CA    1 
ATOM   131  C C     . ALA A 1 61  ? 28.105  -4.488  -2.512  1.00 121.66 ? 61  ALA A C     1 
ATOM   132  O O     . ALA A 1 61  ? 28.578  -3.446  -2.065  1.00 126.33 ? 61  ALA A O     1 
ATOM   133  C CB    . ALA A 1 61  ? 27.305  -6.427  -1.137  1.00 110.79 ? 61  ALA A CB    1 
ATOM   134  N N     . ALA A 1 62  ? 28.580  -5.085  -3.594  1.00 129.63 ? 62  ALA A N     1 
ATOM   135  C CA    . ALA A 1 62  ? 29.716  -4.538  -4.323  1.00 131.06 ? 62  ALA A CA    1 
ATOM   136  C C     . ALA A 1 62  ? 29.380  -3.171  -4.945  1.00 130.91 ? 62  ALA A C     1 
ATOM   137  O O     . ALA A 1 62  ? 30.282  -2.408  -5.280  1.00 135.02 ? 62  ALA A O     1 
ATOM   138  C CB    . ALA A 1 62  ? 30.182  -5.523  -5.391  1.00 131.79 ? 62  ALA A CB    1 
ATOM   139  N N     . ASP A 1 63  ? 28.091  -2.860  -5.088  1.00 126.31 ? 63  ASP A N     1 
ATOM   140  C CA    . ASP A 1 63  ? 27.673  -1.578  -5.659  1.00 126.60 ? 63  ASP A CA    1 
ATOM   141  C C     . ASP A 1 63  ? 26.335  -1.158  -5.060  1.00 126.37 ? 63  ASP A C     1 
ATOM   142  O O     . ASP A 1 63  ? 25.272  -1.643  -5.471  1.00 134.58 ? 63  ASP A O     1 
ATOM   143  C CB    . ASP A 1 63  ? 27.585  -1.682  -7.191  1.00 123.87 ? 63  ASP A CB    1 
ATOM   144  C CG    . ASP A 1 63  ? 27.480  -0.311  -7.885  1.00 133.94 ? 63  ASP A CG    1 
ATOM   145  O OD1   . ASP A 1 63  ? 26.865  0.633   -7.331  1.00 133.69 ? 63  ASP A OD1   1 
ATOM   146  O OD2   . ASP A 1 63  ? 28.002  -0.182  -9.014  1.00 119.21 ? 63  ASP A OD2   1 
ATOM   147  N N     . ARG A 1 64  ? 26.395  -0.253  -4.090  1.00 125.31 ? 64  ARG A N     1 
ATOM   148  C CA    . ARG A 1 64  ? 25.194  0.217   -3.387  1.00 124.31 ? 64  ARG A CA    1 
ATOM   149  C C     . ARG A 1 64  ? 24.315  1.128   -4.247  1.00 120.31 ? 64  ARG A C     1 
ATOM   150  O O     . ARG A 1 64  ? 23.136  1.318   -3.933  1.00 112.24 ? 64  ARG A O     1 
ATOM   151  C CB    . ARG A 1 64  ? 25.579  0.965   -2.109  1.00 124.77 ? 64  ARG A CB    1 
ATOM   152  C CG    . ARG A 1 64  ? 26.548  0.232   -1.201  1.00 119.74 ? 64  ARG A CG    1 
ATOM   153  C CD    . ARG A 1 64  ? 25.874  -0.858  -0.373  1.00 112.29 ? 64  ARG A CD    1 
ATOM   154  N NE    . ARG A 1 64  ? 26.829  -1.373  0.612   1.00 114.30 ? 64  ARG A NE    1 
ATOM   155  C CZ    . ARG A 1 64  ? 26.626  -2.398  1.433   1.00 107.72 ? 64  ARG A CZ    1 
ATOM   156  N NH1   . ARG A 1 64  ? 25.477  -3.066  1.432   1.00 122.68 ? 64  ARG A NH1   1 
ATOM   157  N NH2   . ARG A 1 64  ? 27.590  -2.761  2.264   1.00 95.93  ? 64  ARG A NH2   1 
ATOM   158  N N     . SER A 1 65  ? 24.884  1.686   -5.320  1.00 115.31 ? 65  SER A N     1 
ATOM   159  C CA    . SER A 1 65  ? 24.181  2.652   -6.158  1.00 123.07 ? 65  SER A CA    1 
ATOM   160  C C     . SER A 1 65  ? 22.845  2.084   -6.632  1.00 128.54 ? 65  SER A C     1 
ATOM   161  O O     . SER A 1 65  ? 22.783  0.914   -7.011  1.00 132.83 ? 65  SER A O     1 
ATOM   162  C CB    . SER A 1 65  ? 25.037  3.062   -7.363  1.00 125.15 ? 65  SER A CB    1 
ATOM   163  O OG    . SER A 1 65  ? 24.946  2.124   -8.418  1.00 124.86 ? 65  SER A OG    1 
ATOM   164  N N     . PRO A 1 66  ? 21.774  2.904   -6.599  1.00 127.79 ? 66  PRO A N     1 
ATOM   165  C CA    . PRO A 1 66  ? 20.439  2.466   -7.056  1.00 131.88 ? 66  PRO A CA    1 
ATOM   166  C C     . PRO A 1 66  ? 20.344  2.041   -8.525  1.00 138.06 ? 66  PRO A C     1 
ATOM   167  O O     . PRO A 1 66  ? 19.524  1.174   -8.844  1.00 145.26 ? 66  PRO A O     1 
ATOM   168  C CB    . PRO A 1 66  ? 19.538  3.694   -6.807  1.00 128.17 ? 66  PRO A CB    1 
ATOM   169  C CG    . PRO A 1 66  ? 20.468  4.826   -6.640  1.00 127.70 ? 66  PRO A CG    1 
ATOM   170  C CD    . PRO A 1 66  ? 21.735  4.268   -6.050  1.00 124.90 ? 66  PRO A CD    1 
ATOM   171  N N     . PRO A 1 67  ? 21.153  2.641   -9.426  1.00 137.78 ? 67  PRO A N     1 
ATOM   172  C CA    . PRO A 1 67  ? 21.038  2.189   -10.818 1.00 130.05 ? 67  PRO A CA    1 
ATOM   173  C C     . PRO A 1 67  ? 21.422  0.715   -10.993 1.00 124.83 ? 67  PRO A C     1 
ATOM   174  O O     . PRO A 1 67  ? 20.719  -0.034  -11.672 1.00 115.10 ? 67  PRO A O     1 
ATOM   175  C CB    . PRO A 1 67  ? 22.005  3.112   -11.560 1.00 133.40 ? 67  PRO A CB    1 
ATOM   176  C CG    . PRO A 1 67  ? 22.096  4.334   -10.697 1.00 134.68 ? 67  PRO A CG    1 
ATOM   177  C CD    . PRO A 1 67  ? 22.071  3.789   -9.309  1.00 132.91 ? 67  PRO A CD    1 
ATOM   178  N N     . ALA A 1 68  ? 22.517  0.306   -10.361 1.00 122.49 ? 68  ALA A N     1 
ATOM   179  C CA    . ALA A 1 68  ? 22.962  -1.092  -10.403 1.00 127.18 ? 68  ALA A CA    1 
ATOM   180  C C     . ALA A 1 68  ? 22.091  -1.962  -9.513  1.00 117.75 ? 68  ALA A C     1 
ATOM   181  O O     . ALA A 1 68  ? 21.939  -3.156  -9.750  1.00 104.44 ? 68  ALA A O     1 
ATOM   182  C CB    . ALA A 1 68  ? 24.416  -1.210  -9.967  1.00 131.19 ? 68  ALA A CB    1 
ATOM   183  N N     . ALA A 1 69  ? 21.521  -1.353  -8.485  1.00 119.28 ? 69  ALA A N     1 
ATOM   184  C CA    . ALA A 1 69  ? 20.646  -2.070  -7.557  1.00 107.42 ? 69  ALA A CA    1 
ATOM   185  C C     . ALA A 1 69  ? 19.398  -2.591  -8.270  1.00 96.73  ? 69  ALA A C     1 
ATOM   186  O O     . ALA A 1 69  ? 18.903  -3.680  -7.974  1.00 87.58  ? 69  ALA A O     1 
ATOM   187  C CB    . ALA A 1 69  ? 20.257  -1.167  -6.395  1.00 108.68 ? 69  ALA A CB    1 
ATOM   188  N N     . THR A 1 70  ? 18.906  -1.802  -9.214  1.00 94.63  ? 70  THR A N     1 
ATOM   189  C CA    . THR A 1 70  ? 17.770  -2.196  -10.027 1.00 103.16 ? 70  THR A CA    1 
ATOM   190  C C     . THR A 1 70  ? 18.124  -3.373  -10.926 1.00 106.72 ? 70  THR A C     1 
ATOM   191  O O     . THR A 1 70  ? 17.385  -4.360  -11.008 1.00 106.67 ? 70  THR A O     1 
ATOM   192  C CB    . THR A 1 70  ? 17.297  -1.032  -10.918 1.00 103.85 ? 70  THR A CB    1 
ATOM   193  O OG1   . THR A 1 70  ? 17.032  0.107   -10.093 1.00 111.83 ? 70  THR A OG1   1 
ATOM   194  C CG2   . THR A 1 70  ? 16.023  -1.408  -11.688 1.00 100.72 ? 70  THR A CG2   1 
ATOM   195  N N     . ALA A 1 71  ? 19.260  -3.253  -11.609 1.00 116.99 ? 71  ALA A N     1 
ATOM   196  C CA    . ALA A 1 71  ? 19.715  -4.291  -12.521 1.00 107.21 ? 71  ALA A CA    1 
ATOM   197  C C     . ALA A 1 71  ? 20.004  -5.582  -11.761 1.00 97.89  ? 71  ALA A C     1 
ATOM   198  O O     . ALA A 1 71  ? 19.897  -6.668  -12.319 1.00 106.51 ? 71  ALA A O     1 
ATOM   199  C CB    . ALA A 1 71  ? 20.942  -3.828  -13.285 1.00 112.02 ? 71  ALA A CB    1 
ATOM   200  N N     . ALA A 1 72  ? 20.348  -5.463  -10.485 1.00 83.11  ? 72  ALA A N     1 
ATOM   201  C CA    . ALA A 1 72  ? 20.618  -6.642  -9.665  1.00 78.68  ? 72  ALA A CA    1 
ATOM   202  C C     . ALA A 1 72  ? 19.325  -7.322  -9.271  1.00 86.91  ? 72  ALA A C     1 
ATOM   203  O O     . ALA A 1 72  ? 19.294  -8.553  -9.117  1.00 87.72  ? 72  ALA A O     1 
ATOM   204  C CB    . ALA A 1 72  ? 21.401  -6.257  -8.421  1.00 74.27  ? 72  ALA A CB    1 
ATOM   205  N N     . ALA A 1 73  ? 18.265  -6.527  -9.099  1.00 83.99  ? 73  ALA A N     1 
ATOM   206  C CA    . ALA A 1 73  ? 16.949  -7.055  -8.713  1.00 82.70  ? 73  ALA A CA    1 
ATOM   207  C C     . ALA A 1 73  ? 16.372  -7.914  -9.824  1.00 86.35  ? 73  ALA A C     1 
ATOM   208  O O     . ALA A 1 73  ? 15.963  -9.060  -9.581  1.00 90.65  ? 73  ALA A O     1 
ATOM   209  C CB    . ALA A 1 73  ? 15.984  -5.925  -8.376  1.00 88.62  ? 73  ALA A CB    1 
ATOM   210  N N     . SER A 1 74  ? 16.353  -7.377  -11.046 1.00 79.39  ? 74  SER A N     1 
ATOM   211  C CA    . SER A 1 74  ? 15.841  -8.148  -12.188 1.00 86.74  ? 74  SER A CA    1 
ATOM   212  C C     . SER A 1 74  ? 16.762  -9.313  -12.515 1.00 85.99  ? 74  SER A C     1 
ATOM   213  O O     . SER A 1 74  ? 16.393  -10.220 -13.240 1.00 89.93  ? 74  SER A O     1 
ATOM   214  C CB    . SER A 1 74  ? 15.639  -7.272  -13.427 1.00 82.42  ? 74  SER A CB    1 
ATOM   215  O OG    . SER A 1 74  ? 16.719  -6.397  -13.555 1.00 88.05  ? 74  SER A OG    1 
ATOM   216  N N     . ALA A 1 75  ? 17.966  -9.285  -11.969 1.00 86.57  ? 75  ALA A N     1 
ATOM   217  C CA    . ALA A 1 75  ? 18.925  -10.335 -12.200 1.00 79.38  ? 75  ALA A CA    1 
ATOM   218  C C     . ALA A 1 75  ? 18.722  -11.473 -11.214 1.00 82.13  ? 75  ALA A C     1 
ATOM   219  O O     . ALA A 1 75  ? 18.870  -12.622 -11.588 1.00 87.15  ? 75  ALA A O     1 
ATOM   220  C CB    . ALA A 1 75  ? 20.339  -9.785  -12.086 1.00 82.76  ? 75  ALA A CB    1 
ATOM   221  N N     . ALA A 1 76  ? 18.400  -11.154 -9.963  1.00 78.00  ? 76  ALA A N     1 
ATOM   222  C CA    . ALA A 1 76  ? 18.199  -12.153 -8.923  1.00 75.99  ? 76  ALA A CA    1 
ATOM   223  C C     . ALA A 1 76  ? 16.741  -12.570 -8.756  1.00 78.92  ? 76  ALA A C     1 
ATOM   224  O O     . ALA A 1 76  ? 16.455  -13.671 -8.264  1.00 91.98  ? 76  ALA A O     1 
ATOM   225  C CB    . ALA A 1 76  ? 18.737  -11.626 -7.587  1.00 79.72  ? 76  ALA A CB    1 
ATOM   226  N N     . LEU A 1 77  ? 15.831  -11.677 -9.120  1.00 76.77  ? 77  LEU A N     1 
ATOM   227  C CA    . LEU A 1 77  ? 14.406  -11.865 -8.872  1.00 82.24  ? 77  LEU A CA    1 
ATOM   228  C C     . LEU A 1 77  ? 13.607  -11.848 -10.138 1.00 84.70  ? 77  LEU A C     1 
ATOM   229  O O     . LEU A 1 77  ? 12.401  -11.880 -10.099 1.00 79.28  ? 77  LEU A O     1 
ATOM   230  C CB    . LEU A 1 77  ? 13.861  -10.706 -8.062  1.00 84.38  ? 77  LEU A CB    1 
ATOM   231  C CG    . LEU A 1 77  ? 14.658  -10.329 -6.837  1.00 81.11  ? 77  LEU A CG    1 
ATOM   232  C CD1   . LEU A 1 77  ? 14.074  -9.075  -6.232  1.00 84.33  ? 77  LEU A CD1   1 
ATOM   233  C CD2   . LEU A 1 77  ? 14.605  -11.450 -5.833  1.00 81.63  ? 77  LEU A CD2   1 
ATOM   234  N N     . GLY A 1 78  ? 14.282  -11.771 -11.265 1.00 102.10 ? 78  GLY A N     1 
ATOM   235  C CA    . GLY A 1 78  ? 13.631  -11.552 -12.537 1.00 98.93  ? 78  GLY A CA    1 
ATOM   236  C C     . GLY A 1 78  ? 12.506  -12.513 -12.845 1.00 97.19  ? 78  GLY A C     1 
ATOM   237  O O     . GLY A 1 78  ? 11.466  -12.094 -13.305 1.00 120.87 ? 78  GLY A O     1 
ATOM   238  N N     . ARG A 1 79  ? 12.675  -13.799 -12.598 1.00 87.74  ? 79  ARG A N     1 
ATOM   239  C CA    . ARG A 1 79  ? 11.651  -14.702 -13.059 1.00 93.96  ? 79  ARG A CA    1 
ATOM   240  C C     . ARG A 1 79  ? 11.203  -15.708 -12.043 1.00 97.00  ? 79  ARG A C     1 
ATOM   241  O O     . ARG A 1 79  ? 11.011  -16.870 -12.375 1.00 104.79 ? 79  ARG A O     1 
ATOM   242  C CB    . ARG A 1 79  ? 12.152  -15.410 -14.300 1.00 99.44  ? 79  ARG A CB    1 
ATOM   243  C CG    . ARG A 1 79  ? 11.535  -14.848 -15.555 1.00 105.87 ? 79  ARG A CG    1 
ATOM   244  C CD    . ARG A 1 79  ? 12.064  -15.571 -16.770 1.00 115.01 ? 79  ARG A CD    1 
ATOM   245  N NE    . ARG A 1 79  ? 12.307  -14.640 -17.861 1.00 118.54 ? 79  ARG A NE    1 
ATOM   246  C CZ    . ARG A 1 79  ? 11.499  -14.460 -18.896 1.00 116.12 ? 79  ARG A CZ    1 
ATOM   247  N NH1   . ARG A 1 79  ? 10.375  -15.153 -18.994 1.00 116.47 ? 79  ARG A NH1   1 
ATOM   248  N NH2   . ARG A 1 79  ? 11.823  -13.576 -19.835 1.00 113.95 ? 79  ARG A NH2   1 
ATOM   249  N N     . LEU A 1 80  ? 11.003  -15.278 -10.811 1.00 90.63  ? 80  LEU A N     1 
ATOM   250  C CA    . LEU A 1 80  ? 10.576  -16.186 -9.785  1.00 85.93  ? 80  LEU A CA    1 
ATOM   251  C C     . LEU A 1 80  ? 9.070   -16.317 -9.878  1.00 85.33  ? 80  LEU A C     1 
ATOM   252  O O     . LEU A 1 80  ? 8.393   -15.408 -10.352 1.00 83.23  ? 80  LEU A O     1 
ATOM   253  C CB    . LEU A 1 80  ? 10.945  -15.645 -8.422  1.00 90.03  ? 80  LEU A CB    1 
ATOM   254  C CG    . LEU A 1 80  ? 12.397  -15.298 -8.148  1.00 88.44  ? 80  LEU A CG    1 
ATOM   255  C CD1   . LEU A 1 80  ? 12.489  -14.252 -7.044  1.00 89.16  ? 80  LEU A CD1   1 
ATOM   256  C CD2   . LEU A 1 80  ? 13.157  -16.530 -7.738  1.00 85.53  ? 80  LEU A CD2   1 
ATOM   257  N N     . LEU A 1 81  ? 8.549   -17.452 -9.431  1.00 89.72  ? 81  LEU A N     1 
ATOM   258  C CA    . LEU A 1 81  ? 7.115   -17.636 -9.368  1.00 94.71  ? 81  LEU A CA    1 
ATOM   259  C C     . LEU A 1 81  ? 6.543   -16.565 -8.426  1.00 94.23  ? 81  LEU A C     1 
ATOM   260  O O     . LEU A 1 81  ? 7.172   -16.160 -7.436  1.00 82.90  ? 81  LEU A O     1 
ATOM   261  C CB    . LEU A 1 81  ? 6.777   -19.030 -8.834  1.00 112.08 ? 81  LEU A CB    1 
ATOM   262  C CG    . LEU A 1 81  ? 7.443   -20.232 -9.524  1.00 114.13 ? 81  LEU A CG    1 
ATOM   263  C CD1   . LEU A 1 81  ? 7.213   -21.496 -8.685  1.00 110.44 ? 81  LEU A CD1   1 
ATOM   264  C CD2   . LEU A 1 81  ? 6.964   -20.343 -10.974 1.00 98.58  ? 81  LEU A CD2   1 
ATOM   265  N N     . ARG A 1 82  ? 5.344   -16.099 -8.744  1.00 94.84  ? 82  ARG A N     1 
ATOM   266  C CA    . ARG A 1 82  ? 4.665   -15.111 -7.925  1.00 90.16  ? 82  ARG A CA    1 
ATOM   267  C C     . ARG A 1 82  ? 4.877   -15.358 -6.430  1.00 87.13  ? 82  ARG A C     1 
ATOM   268  O O     . ARG A 1 82  ? 5.288   -14.460 -5.696  1.00 88.26  ? 82  ARG A O     1 
ATOM   269  C CB    . ARG A 1 82  ? 3.187   -15.127 -8.258  1.00 89.17  ? 82  ARG A CB    1 
ATOM   270  C CG    . ARG A 1 82  ? 2.306   -14.347 -7.307  1.00 89.86  ? 82  ARG A CG    1 
ATOM   271  C CD    . ARG A 1 82  ? 0.848   -14.787 -7.460  1.00 94.15  ? 82  ARG A CD    1 
ATOM   272  N NE    . ARG A 1 82  ? 0.145   -14.605 -6.195  1.00 93.08  ? 82  ARG A NE    1 
ATOM   273  C CZ    . ARG A 1 82  ? -0.439  -13.478 -5.838  1.00 99.53  ? 82  ARG A CZ    1 
ATOM   274  N NH1   . ARG A 1 82  ? -0.426  -12.426 -6.663  1.00 105.99 ? 82  ARG A NH1   1 
ATOM   275  N NH2   . ARG A 1 82  ? -1.034  -13.399 -4.656  1.00 99.99  ? 82  ARG A NH2   1 
ATOM   276  N N     . ALA A 1 83  ? 4.619   -16.574 -5.979  1.00 81.60  ? 83  ALA A N     1 
ATOM   277  C CA    . ALA A 1 83  ? 4.760   -16.884 -4.552  1.00 84.89  ? 83  ALA A CA    1 
ATOM   278  C C     . ALA A 1 83  ? 6.167   -16.578 -4.048  1.00 83.65  ? 83  ALA A C     1 
ATOM   279  O O     . ALA A 1 83  ? 6.320   -15.995 -2.982  1.00 81.18  ? 83  ALA A O     1 
ATOM   280  C CB    . ALA A 1 83  ? 4.408   -18.334 -4.275  1.00 82.10  ? 83  ALA A CB    1 
ATOM   281  N N     . ASP A 1 84  ? 7.183   -16.960 -4.818  1.00 83.60  ? 84  ASP A N     1 
ATOM   282  C CA    . ASP A 1 84  ? 8.575   -16.709 -4.432  1.00 82.92  ? 84  ASP A CA    1 
ATOM   283  C C     . ASP A 1 84  ? 8.956   -15.215 -4.412  1.00 80.08  ? 84  ASP A C     1 
ATOM   284  O O     . ASP A 1 84  ? 9.619   -14.753 -3.483  1.00 72.86  ? 84  ASP A O     1 
ATOM   285  C CB    . ASP A 1 84  ? 9.517   -17.492 -5.346  1.00 82.67  ? 84  ASP A CB    1 
ATOM   286  C CG    . ASP A 1 84  ? 9.536   -18.997 -5.025  1.00 87.17  ? 84  ASP A CG    1 
ATOM   287  O OD1   . ASP A 1 84  ? 9.282   -19.381 -3.867  1.00 74.97  ? 84  ASP A OD1   1 
ATOM   288  O OD2   . ASP A 1 84  ? 9.825   -19.799 -5.936  1.00 97.38  ? 84  ASP A OD2   1 
ATOM   289  N N     . LEU A 1 85  ? 8.533   -14.466 -5.427  1.00 74.39  ? 85  LEU A N     1 
ATOM   290  C CA    . LEU A 1 85  ? 8.820   -13.042 -5.483  1.00 71.07  ? 85  LEU A CA    1 
ATOM   291  C C     . LEU A 1 85  ? 8.192   -12.313 -4.285  1.00 75.74  ? 85  LEU A C     1 
ATOM   292  O O     . LEU A 1 85  ? 8.842   -11.486 -3.636  1.00 71.88  ? 85  LEU A O     1 
ATOM   293  C CB    . LEU A 1 85  ? 8.289   -12.436 -6.771  1.00 73.59  ? 85  LEU A CB    1 
ATOM   294  C CG    . LEU A 1 85  ? 9.070   -11.287 -7.420  1.00 78.18  ? 85  LEU A CG    1 
ATOM   295  C CD1   . LEU A 1 85  ? 8.169   -10.557 -8.417  1.00 87.83  ? 85  LEU A CD1   1 
ATOM   296  C CD2   . LEU A 1 85  ? 9.619   -10.305 -6.411  1.00 76.78  ? 85  LEU A CD2   1 
ATOM   297  N N     . LEU A 1 86  ? 6.931   -12.637 -3.989  1.00 74.03  ? 86  LEU A N     1 
ATOM   298  C CA    . LEU A 1 86  ? 6.235   -12.055 -2.841  1.00 67.15  ? 86  LEU A CA    1 
ATOM   299  C C     . LEU A 1 86  ? 6.945   -12.389 -1.506  1.00 69.78  ? 86  LEU A C     1 
ATOM   300  O O     . LEU A 1 86  ? 7.011   -11.565 -0.568  1.00 74.56  ? 86  LEU A O     1 
ATOM   301  C CB    . LEU A 1 86  ? 4.803   -12.565 -2.802  1.00 69.37  ? 86  LEU A CB    1 
ATOM   302  C CG    . LEU A 1 86  ? 3.661   -11.754 -3.416  1.00 74.12  ? 86  LEU A CG    1 
ATOM   303  C CD1   . LEU A 1 86  ? 4.148   -10.761 -4.448  1.00 73.12  ? 86  LEU A CD1   1 
ATOM   304  C CD2   . LEU A 1 86  ? 2.582   -12.683 -3.990  1.00 80.10  ? 86  LEU A CD2   1 
ATOM   305  N N     . ALA A 1 87  ? 7.469   -13.604 -1.413  1.00 66.54  ? 87  ALA A N     1 
ATOM   306  C CA    . ALA A 1 87  ? 8.143   -14.026 -0.186  1.00 67.13  ? 87  ALA A CA    1 
ATOM   307  C C     . ALA A 1 87  ? 9.501   -13.320 -0.030  1.00 69.33  ? 87  ALA A C     1 
ATOM   308  O O     . ALA A 1 87  ? 9.907   -12.942 1.085   1.00 65.55  ? 87  ALA A O     1 
ATOM   309  C CB    . ALA A 1 87  ? 8.293   -15.523 -0.180  1.00 64.22  ? 87  ALA A CB    1 
ATOM   310  N N     . ALA A 1 88  ? 10.171  -13.131 -1.164  1.00 64.87  ? 88  ALA A N     1 
ATOM   311  C CA    . ALA A 1 88  ? 11.446  -12.452 -1.208  1.00 70.77  ? 88  ALA A CA    1 
ATOM   312  C C     . ALA A 1 88  ? 11.271  -11.023 -0.729  1.00 70.40  ? 88  ALA A C     1 
ATOM   313  O O     . ALA A 1 88  ? 12.010  -10.537 0.118   1.00 74.00  ? 88  ALA A O     1 
ATOM   314  C CB    . ALA A 1 88  ? 11.987  -12.471 -2.637  1.00 71.65  ? 88  ALA A CB    1 
ATOM   315  N N     . MET A 1 89  ? 10.269  -10.361 -1.285  1.00 75.12  ? 89  MET A N     1 
ATOM   316  C CA    . MET A 1 89  ? 9.933   -8.988  -0.938  1.00 68.22  ? 89  MET A CA    1 
ATOM   317  C C     . MET A 1 89  ? 9.711   -8.869  0.564   1.00 70.36  ? 89  MET A C     1 
ATOM   318  O O     . MET A 1 89  ? 10.311  -8.018  1.223   1.00 68.09  ? 89  MET A O     1 
ATOM   319  C CB    . MET A 1 89  ? 8.654   -8.597  -1.667  1.00 74.42  ? 89  MET A CB    1 
ATOM   320  C CG    . MET A 1 89  ? 8.589   -7.163  -2.123  1.00 81.74  ? 89  MET A CG    1 
ATOM   321  S SD    . MET A 1 89  ? 7.170   -6.917  -3.194  1.00 87.82  ? 89  MET A SD    1 
ATOM   322  C CE    . MET A 1 89  ? 7.505   -8.001  -4.565  1.00 102.52 ? 89  MET A CE    1 
ATOM   323  N N     . ALA A 1 90  ? 8.865   -9.743  1.106   1.00 69.60  ? 90  ALA A N     1 
ATOM   324  C CA    . ALA A 1 90  ? 8.555   -9.718  2.534   1.00 66.45  ? 90  ALA A CA    1 
ATOM   325  C C     . ALA A 1 90  ? 9.773   -9.976  3.397   1.00 64.23  ? 90  ALA A C     1 
ATOM   326  O O     . ALA A 1 90  ? 9.907   -9.416  4.486   1.00 68.49  ? 90  ALA A O     1 
ATOM   327  C CB    . ALA A 1 90  ? 7.486   -10.727 2.842   1.00 64.77  ? 90  ALA A CB    1 
ATOM   328  N N     . GLU A 1 91  ? 10.679  -10.815 2.916   1.00 64.71  ? 91  GLU A N     1 
ATOM   329  C CA    . GLU A 1 91  ? 11.888  -11.119 3.682   1.00 66.88  ? 91  GLU A CA    1 
ATOM   330  C C     . GLU A 1 91  ? 12.807  -9.921  3.729   1.00 67.81  ? 91  GLU A C     1 
ATOM   331  O O     . GLU A 1 91  ? 13.414  -9.627  4.767   1.00 63.99  ? 91  GLU A O     1 
ATOM   332  C CB    . GLU A 1 91  ? 12.632  -12.286 3.037   1.00 77.20  ? 91  GLU A CB    1 
ATOM   333  C CG    . GLU A 1 91  ? 13.918  -12.700 3.747   1.00 76.50  ? 91  GLU A CG    1 
ATOM   334  C CD    . GLU A 1 91  ? 13.732  -13.020 5.221   1.00 80.12  ? 91  GLU A CD    1 
ATOM   335  O OE1   . GLU A 1 91  ? 12.584  -13.200 5.678   1.00 82.22  ? 91  GLU A OE1   1 
ATOM   336  O OE2   . GLU A 1 91  ? 14.745  -13.077 5.945   1.00 80.35  ? 91  GLU A OE2   1 
ATOM   337  N N     . LEU A 1 92  ? 12.919  -9.226  2.599   1.00 65.30  ? 92  LEU A N     1 
ATOM   338  C CA    . LEU A 1 92  ? 13.746  -8.017  2.531   1.00 70.11  ? 92  LEU A CA    1 
ATOM   339  C C     . LEU A 1 92  ? 13.199  -6.951  3.478   1.00 71.19  ? 92  LEU A C     1 
ATOM   340  O O     . LEU A 1 92  ? 13.960  -6.301  4.195   1.00 70.21  ? 92  LEU A O     1 
ATOM   341  C CB    . LEU A 1 92  ? 13.801  -7.479  1.107   1.00 69.95  ? 92  LEU A CB    1 
ATOM   342  C CG    . LEU A 1 92  ? 14.541  -8.308  0.035   1.00 67.92  ? 92  LEU A CG    1 
ATOM   343  C CD1   . LEU A 1 92  ? 14.166  -7.856  -1.377  1.00 70.10  ? 92  LEU A CD1   1 
ATOM   344  C CD2   . LEU A 1 92  ? 16.037  -8.185  0.225   1.00 66.11  ? 92  LEU A CD2   1 
ATOM   345  N N     . GLN A 1 93  ? 11.876  -6.800  3.499   1.00 70.32  ? 93  GLN A N     1 
ATOM   346  C CA    . GLN A 1 93  ? 11.235  -5.852  4.401   1.00 69.07  ? 93  GLN A CA    1 
ATOM   347  C C     . GLN A 1 93  ? 11.564  -6.241  5.809   1.00 64.40  ? 93  GLN A C     1 
ATOM   348  O O     . GLN A 1 93  ? 11.993  -5.417  6.589   1.00 70.36  ? 93  GLN A O     1 
ATOM   349  C CB    . GLN A 1 93  ? 9.707   -5.834  4.234   1.00 71.79  ? 93  GLN A CB    1 
ATOM   350  C CG    . GLN A 1 93  ? 9.245   -5.398  2.860   1.00 78.33  ? 93  GLN A CG    1 
ATOM   351  C CD    . GLN A 1 93  ? 7.739   -5.368  2.758   1.00 77.27  ? 93  GLN A CD    1 
ATOM   352  O OE1   . GLN A 1 93  ? 7.073   -6.149  3.403   1.00 74.46  ? 93  GLN A OE1   1 
ATOM   353  N NE2   . GLN A 1 93  ? 7.199   -4.462  1.935   1.00 81.34  ? 93  GLN A NE2   1 
ATOM   354  N N     . ARG A 1 94  ? 11.357  -7.510  6.130   1.00 67.67  ? 94  ARG A N     1 
ATOM   355  C CA    . ARG A 1 94  ? 11.606  -8.012  7.486   1.00 72.86  ? 94  ARG A CA    1 
ATOM   356  C C     . ARG A 1 94  ? 13.025  -7.742  7.951   1.00 73.24  ? 94  ARG A C     1 
ATOM   357  O O     . ARG A 1 94  ? 13.229  -7.348  9.081   1.00 77.24  ? 94  ARG A O     1 
ATOM   358  C CB    . ARG A 1 94  ? 11.326  -9.494  7.545   1.00 77.82  ? 94  ARG A CB    1 
ATOM   359  C CG    . ARG A 1 94  ? 11.199  -10.052 8.947   1.00 88.78  ? 94  ARG A CG    1 
ATOM   360  C CD    . ARG A 1 94  ? 11.142  -11.596 8.917   1.00 98.99  ? 94  ARG A CD    1 
ATOM   361  N NE    . ARG A 1 94  ? 12.428  -12.146 8.470   1.00 94.60  ? 94  ARG A NE    1 
ATOM   362  C CZ    . ARG A 1 94  ? 13.553  -12.098 9.188   1.00 101.01 ? 94  ARG A CZ    1 
ATOM   363  N NH1   . ARG A 1 94  ? 13.555  -11.580 10.417  1.00 98.79  ? 94  ARG A NH1   1 
ATOM   364  N NH2   . ARG A 1 94  ? 14.687  -12.568 8.675   1.00 100.36 ? 94  ARG A NH2   1 
ATOM   365  N N     . GLN A 1 95  ? 13.996  -7.932  7.060   1.00 79.14  ? 95  GLN A N     1 
ATOM   366  C CA    . GLN A 1 95  ? 15.399  -7.695  7.382   1.00 77.80  ? 95  GLN A CA    1 
ATOM   367  C C     . GLN A 1 95  ? 15.747  -6.231  7.497   1.00 80.89  ? 95  GLN A C     1 
ATOM   368  O O     . GLN A 1 95  ? 16.724  -5.882  8.142   1.00 86.37  ? 95  GLN A O     1 
ATOM   369  C CB    . GLN A 1 95  ? 16.303  -8.327  6.329   1.00 79.78  ? 95  GLN A CB    1 
ATOM   370  C CG    . GLN A 1 95  ? 16.465  -9.822  6.511   1.00 79.83  ? 95  GLN A CG    1 
ATOM   371  C CD    . GLN A 1 95  ? 17.284  -10.418 5.409   1.00 85.46  ? 95  GLN A CD    1 
ATOM   372  O OE1   . GLN A 1 95  ? 18.278  -9.810  4.933   1.00 80.33  ? 95  GLN A OE1   1 
ATOM   373  N NE2   . GLN A 1 95  ? 16.861  -11.604 4.955   1.00 81.26  ? 95  GLN A NE2   1 
ATOM   374  N N     . GLY A 1 96  ? 14.970  -5.375  6.846   1.00 84.00  ? 96  GLY A N     1 
ATOM   375  C CA    . GLY A 1 96  ? 15.203  -3.931  6.914   1.00 76.26  ? 96  GLY A CA    1 
ATOM   376  C C     . GLY A 1 96  ? 15.708  -3.342  5.615   1.00 79.50  ? 96  GLY A C     1 
ATOM   377  O O     . GLY A 1 96  ? 15.918  -2.130  5.525   1.00 80.14  ? 96  GLY A O     1 
ATOM   378  N N     . HIS A 1 97  ? 15.904  -4.181  4.598   1.00 73.93  ? 97  HIS A N     1 
ATOM   379  C CA    . HIS A 1 97  ? 16.368  -3.696  3.303   1.00 72.47  ? 97  HIS A CA    1 
ATOM   380  C C     . HIS A 1 97  ? 15.205  -3.132  2.501   1.00 70.59  ? 97  HIS A C     1 
ATOM   381  O O     . HIS A 1 97  ? 14.787  -3.691  1.475   1.00 70.05  ? 97  HIS A O     1 
ATOM   382  C CB    . HIS A 1 97  ? 17.065  -4.813  2.531   1.00 75.78  ? 97  HIS A CB    1 
ATOM   383  C CG    . HIS A 1 97  ? 18.336  -5.291  3.169   1.00 79.35  ? 97  HIS A CG    1 
ATOM   384  N ND1   . HIS A 1 97  ? 19.508  -4.571  3.107   1.00 86.93  ? 97  HIS A ND1   1 
ATOM   385  C CD2   . HIS A 1 97  ? 18.629  -6.428  3.855   1.00 84.33  ? 97  HIS A CD2   1 
ATOM   386  C CE1   . HIS A 1 97  ? 20.465  -5.234  3.734   1.00 83.63  ? 97  HIS A CE1   1 
ATOM   387  N NE2   . HIS A 1 97  ? 19.958  -6.360  4.201   1.00 84.17  ? 97  HIS A NE2   1 
ATOM   388  N N     . TRP A 1 98  ? 14.690  -2.003  2.966   1.00 73.30  ? 98  TRP A N     1 
ATOM   389  C CA    . TRP A 1 98  ? 13.478  -1.412  2.375   1.00 73.78  ? 98  TRP A CA    1 
ATOM   390  C C     . TRP A 1 98  ? 13.689  -1.007  0.910   1.00 68.36  ? 98  TRP A C     1 
ATOM   391  O O     . TRP A 1 98  ? 12.866  -1.315  0.045   1.00 74.04  ? 98  TRP A O     1 
ATOM   392  C CB    . TRP A 1 98  ? 13.056  -0.203  3.209   1.00 82.29  ? 98  TRP A CB    1 
ATOM   393  C CG    . TRP A 1 98  ? 11.610  0.142   3.102   1.00 82.36  ? 98  TRP A CG    1 
ATOM   394  C CD1   . TRP A 1 98  ? 10.564  -0.608  3.552   1.00 83.74  ? 98  TRP A CD1   1 
ATOM   395  C CD2   . TRP A 1 98  ? 11.037  1.340   2.552   1.00 83.00  ? 98  TRP A CD2   1 
ATOM   396  N NE1   . TRP A 1 98  ? 9.380   0.030   3.292   1.00 84.07  ? 98  TRP A NE1   1 
ATOM   397  C CE2   . TRP A 1 98  ? 9.636   1.229   2.684   1.00 86.80  ? 98  TRP A CE2   1 
ATOM   398  C CE3   . TRP A 1 98  ? 11.567  2.487   1.938   1.00 84.49  ? 98  TRP A CE3   1 
ATOM   399  C CZ2   . TRP A 1 98  ? 8.755   2.221   2.217   1.00 85.74  ? 98  TRP A CZ2   1 
ATOM   400  C CZ3   . TRP A 1 98  ? 10.682  3.471   1.467   1.00 76.78  ? 98  TRP A CZ3   1 
ATOM   401  C CH2   . TRP A 1 98  ? 9.303   3.326   1.609   1.00 79.54  ? 98  TRP A CH2   1 
ATOM   402  N N     . SER A 1 99  ? 14.798  -0.325  0.634   1.00 65.55  ? 99  SER A N     1 
ATOM   403  C CA    . SER A 1 99  ? 15.121  0.083   -0.737  1.00 76.05  ? 99  SER A CA    1 
ATOM   404  C C     . SER A 1 99  ? 15.170  -1.109  -1.671  1.00 74.78  ? 99  SER A C     1 
ATOM   405  O O     . SER A 1 99  ? 14.831  -0.999  -2.839  1.00 87.49  ? 99  SER A O     1 
ATOM   406  C CB    . SER A 1 99  ? 16.459  0.847   -0.815  1.00 78.99  ? 99  SER A CB    1 
ATOM   407  O OG    . SER A 1 99  ? 17.584  -0.016  -0.707  1.00 77.20  ? 99  SER A OG    1 
ATOM   408  N N     . LEU A 1 100 ? 15.616  -2.244  -1.159  1.00 77.31  ? 100 LEU A N     1 
ATOM   409  C CA    . LEU A 1 100 ? 15.672  -3.467  -1.962  1.00 74.55  ? 100 LEU A CA    1 
ATOM   410  C C     . LEU A 1 100 ? 14.267  -4.060  -2.140  1.00 80.91  ? 100 LEU A C     1 
ATOM   411  O O     . LEU A 1 100 ? 13.913  -4.576  -3.216  1.00 69.50  ? 100 LEU A O     1 
ATOM   412  C CB    . LEU A 1 100 ? 16.592  -4.480  -1.295  1.00 76.67  ? 100 LEU A CB    1 
ATOM   413  C CG    . LEU A 1 100 ? 18.090  -4.106  -1.212  1.00 78.83  ? 100 LEU A CG    1 
ATOM   414  C CD1   . LEU A 1 100 ? 18.926  -5.289  -0.740  1.00 74.48  ? 100 LEU A CD1   1 
ATOM   415  C CD2   . LEU A 1 100 ? 18.641  -3.574  -2.530  1.00 71.68  ? 100 LEU A CD2   1 
ATOM   416  N N     . ALA A 1 101 ? 13.465  -3.981  -1.084  1.00 71.20  ? 101 ALA A N     1 
ATOM   417  C CA    . ALA A 1 101 ? 12.088  -4.407  -1.169  1.00 74.93  ? 101 ALA A CA    1 
ATOM   418  C C     . ALA A 1 101 ? 11.391  -3.596  -2.262  1.00 77.20  ? 101 ALA A C     1 
ATOM   419  O O     . ALA A 1 101 ? 10.638  -4.153  -3.084  1.00 76.49  ? 101 ALA A O     1 
ATOM   420  C CB    . ALA A 1 101 ? 11.390  -4.203  0.168   1.00 83.33  ? 101 ALA A CB    1 
ATOM   421  N N     . LEU A 1 102 ? 11.649  -2.285  -2.289  1.00 76.13  ? 102 LEU A N     1 
ATOM   422  C CA    . LEU A 1 102 ? 11.066  -1.424  -3.340  1.00 76.39  ? 102 LEU A CA    1 
ATOM   423  C C     . LEU A 1 102 ? 11.549  -1.834  -4.728  1.00 75.61  ? 102 LEU A C     1 
ATOM   424  O O     . LEU A 1 102 ? 10.792  -1.794  -5.704  1.00 75.15  ? 102 LEU A O     1 
ATOM   425  C CB    . LEU A 1 102 ? 11.406  0.049   -3.116  1.00 75.31  ? 102 LEU A CB    1 
ATOM   426  C CG    . LEU A 1 102 ? 10.763  0.754   -1.935  1.00 76.59  ? 102 LEU A CG    1 
ATOM   427  C CD1   . LEU A 1 102 ? 11.229  2.202   -1.816  1.00 79.49  ? 102 LEU A CD1   1 
ATOM   428  C CD2   . LEU A 1 102 ? 9.260   0.702   -2.078  1.00 76.41  ? 102 LEU A CD2   1 
ATOM   429  N N     . ALA A 1 103 ? 12.817  -2.237  -4.815  1.00 72.25  ? 103 ALA A N     1 
ATOM   430  C CA    . ALA A 1 103 ? 13.374  -2.689  -6.086  1.00 68.80  ? 103 ALA A CA    1 
ATOM   431  C C     . ALA A 1 103 ? 12.627  -3.940  -6.548  1.00 74.82  ? 103 ALA A C     1 
ATOM   432  O O     . ALA A 1 103 ? 12.301  -4.093  -7.732  1.00 81.67  ? 103 ALA A O     1 
ATOM   433  C CB    . ALA A 1 103 ? 14.848  -2.984  -5.922  1.00 69.55  ? 103 ALA A CB    1 
ATOM   434  N N     . ALA A 1 104 ? 12.338  -4.822  -5.596  1.00 68.34  ? 104 ALA A N     1 
ATOM   435  C CA    . ALA A 1 104 ? 11.610  -6.034  -5.890  1.00 75.56  ? 104 ALA A CA    1 
ATOM   436  C C     . ALA A 1 104 ? 10.203  -5.687  -6.367  1.00 79.91  ? 104 ALA A C     1 
ATOM   437  O O     . ALA A 1 104 ? 9.654   -6.356  -7.272  1.00 74.06  ? 104 ALA A O     1 
ATOM   438  C CB    . ALA A 1 104 ? 11.560  -6.925  -4.648  1.00 82.97  ? 104 ALA A CB    1 
ATOM   439  N N     . LEU A 1 105 ? 9.621   -4.643  -5.770  1.00 71.48  ? 105 LEU A N     1 
ATOM   440  C CA    . LEU A 1 105 ? 8.279   -4.231  -6.168  1.00 76.80  ? 105 LEU A CA    1 
ATOM   441  C C     . LEU A 1 105 ? 8.276   -3.838  -7.647  1.00 75.82  ? 105 LEU A C     1 
ATOM   442  O O     . LEU A 1 105 ? 7.353   -4.176  -8.413  1.00 71.32  ? 105 LEU A O     1 
ATOM   443  C CB    . LEU A 1 105 ? 7.763   -3.083  -5.294  1.00 76.62  ? 105 LEU A CB    1 
ATOM   444  C CG    . LEU A 1 105 ? 6.383   -2.551  -5.684  1.00 74.03  ? 105 LEU A CG    1 
ATOM   445  C CD1   . LEU A 1 105 ? 5.361   -3.649  -5.486  1.00 77.73  ? 105 LEU A CD1   1 
ATOM   446  C CD2   . LEU A 1 105 ? 5.999   -1.303  -4.896  1.00 74.92  ? 105 LEU A CD2   1 
ATOM   447  N N     . HIS A 1 106 ? 9.312   -3.108  -8.033  1.00 78.35  ? 106 HIS A N     1 
ATOM   448  C CA    . HIS A 1 106 ? 9.482   -2.684  -9.404  1.00 82.37  ? 106 HIS A CA    1 
ATOM   449  C C     . HIS A 1 106 ? 9.394   -3.908  -10.309 1.00 80.10  ? 106 HIS A C     1 
ATOM   450  O O     . HIS A 1 106 ? 8.604   -3.936  -11.252 1.00 74.65  ? 106 HIS A O     1 
ATOM   451  C CB    . HIS A 1 106 ? 10.854  -2.056  -9.539  1.00 94.19  ? 106 HIS A CB    1 
ATOM   452  C CG    . HIS A 1 106 ? 11.091  -1.392  -10.857 1.00 115.17 ? 106 HIS A CG    1 
ATOM   453  N ND1   . HIS A 1 106 ? 10.737  -0.083  -11.105 1.00 124.98 ? 106 HIS A ND1   1 
ATOM   454  C CD2   . HIS A 1 106 ? 11.677  -1.845  -11.994 1.00 121.03 ? 106 HIS A CD2   1 
ATOM   455  C CE1   . HIS A 1 106 ? 11.085  0.237   -12.340 1.00 129.38 ? 106 HIS A CE1   1 
ATOM   456  N NE2   . HIS A 1 106 ? 11.656  -0.814  -12.900 1.00 119.21 ? 106 HIS A NE2   1 
ATOM   457  N N     . VAL A 1 107 ? 10.202  -4.921  -9.991  1.00 74.87  ? 107 VAL A N     1 
ATOM   458  C CA    . VAL A 1 107 ? 10.225  -6.148  -10.766 1.00 68.97  ? 107 VAL A CA    1 
ATOM   459  C C     . VAL A 1 107 ? 8.842   -6.768  -10.816 1.00 75.35  ? 107 VAL A C     1 
ATOM   460  O O     . VAL A 1 107 ? 8.368   -7.158  -11.889 1.00 76.46  ? 107 VAL A O     1 
ATOM   461  C CB    . VAL A 1 107 ? 11.181  -7.181  -10.162 1.00 68.53  ? 107 VAL A CB    1 
ATOM   462  C CG1   . VAL A 1 107 ? 11.021  -8.551  -10.855 1.00 67.30  ? 107 VAL A CG1   1 
ATOM   463  C CG2   . VAL A 1 107 ? 12.634  -6.676  -10.216 1.00 66.07  ? 107 VAL A CG2   1 
ATOM   464  N N     . ALA A 1 108 ? 8.205   -6.845  -9.649  1.00 75.27  ? 108 ALA A N     1 
ATOM   465  C CA    . ALA A 1 108 ? 6.874   -7.436  -9.520  1.00 81.87  ? 108 ALA A CA    1 
ATOM   466  C C     . ALA A 1 108 ? 5.844   -6.743  -10.409 1.00 85.56  ? 108 ALA A C     1 
ATOM   467  O O     . ALA A 1 108 ? 4.995   -7.409  -11.025 1.00 79.49  ? 108 ALA A O     1 
ATOM   468  C CB    . ALA A 1 108 ? 6.414   -7.401  -8.069  1.00 84.72  ? 108 ALA A CB    1 
ATOM   469  N N     . ARG A 1 109 ? 5.920   -5.415  -10.481 1.00 84.40  ? 109 ARG A N     1 
ATOM   470  C CA    . ARG A 1 109 ? 4.983   -4.645  -11.292 1.00 82.42  ? 109 ARG A CA    1 
ATOM   471  C C     . ARG A 1 109 ? 5.043   -5.039  -12.754 1.00 85.45  ? 109 ARG A C     1 
ATOM   472  O O     . ARG A 1 109 ? 4.051   -4.955  -13.449 1.00 80.55  ? 109 ARG A O     1 
ATOM   473  C CB    . ARG A 1 109 ? 5.252   -3.150  -11.150 1.00 83.78  ? 109 ARG A CB    1 
ATOM   474  C CG    . ARG A 1 109 ? 4.699   -2.537  -9.877  1.00 80.15  ? 109 ARG A CG    1 
ATOM   475  C CD    . ARG A 1 109 ? 5.318   -1.176  -9.629  1.00 83.15  ? 109 ARG A CD    1 
ATOM   476  N NE    . ARG A 1 109 ? 4.602   -0.420  -8.604  1.00 80.02  ? 109 ARG A NE    1 
ATOM   477  C CZ    . ARG A 1 109 ? 5.141   0.555   -7.886  1.00 79.92  ? 109 ARG A CZ    1 
ATOM   478  N NH1   . ARG A 1 109 ? 6.414   0.885   -8.066  1.00 83.30  ? 109 ARG A NH1   1 
ATOM   479  N NH2   . ARG A 1 109 ? 4.416   1.201   -6.977  1.00 82.95  ? 109 ARG A NH2   1 
ATOM   480  N N     . ALA A 1 110 ? 6.208   -5.491  -13.212 1.00 102.95 ? 110 ALA A N     1 
ATOM   481  C CA    . ALA A 1 110 ? 6.376   -5.944  -14.607 1.00 101.53 ? 110 ALA A CA    1 
ATOM   482  C C     . ALA A 1 110 ? 5.792   -7.329  -14.849 1.00 99.85  ? 110 ALA A C     1 
ATOM   483  O O     . ALA A 1 110 ? 5.333   -7.618  -15.948 1.00 107.80 ? 110 ALA A O     1 
ATOM   484  C CB    . ALA A 1 110 ? 7.844   -5.941  -15.001 1.00 103.52 ? 110 ALA A CB    1 
ATOM   485  N N     . GLU A 1 111 ? 5.815   -8.190  -13.836 1.00 89.51  ? 111 GLU A N     1 
ATOM   486  C CA    . GLU A 1 111 ? 5.224   -9.513  -13.960 1.00 86.46  ? 111 GLU A CA    1 
ATOM   487  C C     . GLU A 1 111 ? 3.767   -9.424  -14.451 1.00 94.91  ? 111 GLU A C     1 
ATOM   488  O O     . GLU A 1 111 ? 3.075   -8.445  -14.184 1.00 95.72  ? 111 GLU A O     1 
ATOM   489  C CB    . GLU A 1 111 ? 5.302   -10.244 -12.630 1.00 87.50  ? 111 GLU A CB    1 
ATOM   490  C CG    . GLU A 1 111 ? 6.729   -10.483 -12.145 1.00 93.35  ? 111 GLU A CG    1 
ATOM   491  C CD    . GLU A 1 111 ? 7.383   -11.703 -12.763 1.00 98.66  ? 111 GLU A CD    1 
ATOM   492  O OE1   . GLU A 1 111 ? 7.056   -12.036 -13.910 1.00 108.27 ? 111 GLU A OE1   1 
ATOM   493  O OE2   . GLU A 1 111 ? 8.239   -12.333 -12.105 1.00 103.15 ? 111 GLU A OE2   1 
ATOM   494  N N     . PRO A 1 112 ? 3.302   -10.440 -15.190 1.00 105.23 ? 112 PRO A N     1 
ATOM   495  C CA    . PRO A 1 112 ? 1.950   -10.421 -15.747 1.00 107.05 ? 112 PRO A CA    1 
ATOM   496  C C     . PRO A 1 112 ? 0.837   -10.675 -14.707 1.00 102.45 ? 112 PRO A C     1 
ATOM   497  O O     . PRO A 1 112 ? -0.280  -10.183 -14.878 1.00 103.69 ? 112 PRO A O     1 
ATOM   498  C CB    . PRO A 1 112 ? 1.999   -11.546 -16.784 1.00 105.95 ? 112 PRO A CB    1 
ATOM   499  C CG    . PRO A 1 112 ? 2.956   -12.521 -16.197 1.00 103.75 ? 112 PRO A CG    1 
ATOM   500  C CD    . PRO A 1 112 ? 4.020   -11.680 -15.550 1.00 106.31 ? 112 PRO A CD    1 
ATOM   501  N N     . TRP A 1 113 ? 1.142   -11.425 -13.647 1.00 102.29 ? 113 TRP A N     1 
ATOM   502  C CA    . TRP A 1 113 ? 0.166   -11.690 -12.569 1.00 96.46  ? 113 TRP A CA    1 
ATOM   503  C C     . TRP A 1 113 ? -0.041  -10.516 -11.606 1.00 87.65  ? 113 TRP A C     1 
ATOM   504  O O     . TRP A 1 113 ? -0.954  -10.550 -10.789 1.00 85.58  ? 113 TRP A O     1 
ATOM   505  C CB    . TRP A 1 113 ? 0.575   -12.932 -11.768 1.00 92.71  ? 113 TRP A CB    1 
ATOM   506  C CG    . TRP A 1 113 ? 2.030   -12.932 -11.331 1.00 96.86  ? 113 TRP A CG    1 
ATOM   507  C CD1   . TRP A 1 113 ? 3.035   -13.673 -11.858 1.00 92.14  ? 113 TRP A CD1   1 
ATOM   508  C CD2   . TRP A 1 113 ? 2.623   -12.153 -10.275 1.00 98.84  ? 113 TRP A CD2   1 
ATOM   509  N NE1   . TRP A 1 113 ? 4.218   -13.419 -11.205 1.00 96.10  ? 113 TRP A NE1   1 
ATOM   510  C CE2   . TRP A 1 113 ? 3.997   -12.487 -10.232 1.00 94.62  ? 113 TRP A CE2   1 
ATOM   511  C CE3   . TRP A 1 113 ? 2.126   -11.222 -9.353  1.00 91.00  ? 113 TRP A CE3   1 
ATOM   512  C CZ2   . TRP A 1 113 ? 4.887   -11.916 -9.317  1.00 97.40  ? 113 TRP A CZ2   1 
ATOM   513  C CZ3   . TRP A 1 113 ? 3.004   -10.660 -8.446  1.00 100.37 ? 113 TRP A CZ3   1 
ATOM   514  C CH2   . TRP A 1 113 ? 4.377   -11.012 -8.433  1.00 99.40  ? 113 TRP A CH2   1 
ATOM   515  N N     . TYR A 1 114 ? 0.806   -9.491  -11.696 1.00 88.25  ? 114 TYR A N     1 
ATOM   516  C CA    . TYR A 1 114 ? 0.721   -8.360  -10.774 1.00 94.66  ? 114 TYR A CA    1 
ATOM   517  C C     . TYR A 1 114 ? -0.654  -7.684  -10.762 1.00 88.77  ? 114 TYR A C     1 
ATOM   518  O O     . TYR A 1 114 ? -1.256  -7.479  -11.815 1.00 75.78  ? 114 TYR A O     1 
ATOM   519  C CB    . TYR A 1 114 ? 1.782   -7.302  -11.070 1.00 90.78  ? 114 TYR A CB    1 
ATOM   520  C CG    . TYR A 1 114 ? 1.779   -6.198  -10.031 1.00 90.53  ? 114 TYR A CG    1 
ATOM   521  C CD1   . TYR A 1 114 ? 2.256   -6.426  -8.746  1.00 92.66  ? 114 TYR A CD1   1 
ATOM   522  C CD2   . TYR A 1 114 ? 1.267   -4.940  -10.316 1.00 91.70  ? 114 TYR A CD2   1 
ATOM   523  C CE1   . TYR A 1 114 ? 2.249   -5.425  -7.790  1.00 92.23  ? 114 TYR A CE1   1 
ATOM   524  C CE2   . TYR A 1 114 ? 1.247   -3.945  -9.354  1.00 93.28  ? 114 TYR A CE2   1 
ATOM   525  C CZ    . TYR A 1 114 ? 1.742   -4.199  -8.096  1.00 89.29  ? 114 TYR A CZ    1 
ATOM   526  O OH    . TYR A 1 114 ? 1.713   -3.230  -7.126  1.00 98.14  ? 114 TYR A OH    1 
ATOM   527  N N     . ARG A 1 115 ? -1.114  -7.350  -9.555  1.00 88.47  ? 115 ARG A N     1 
ATOM   528  C CA    . ARG A 1 115 ? -2.380  -6.665  -9.344  1.00 93.03  ? 115 ARG A CA    1 
ATOM   529  C C     . ARG A 1 115 ? -2.239  -5.709  -8.157  1.00 90.16  ? 115 ARG A C     1 
ATOM   530  O O     . ARG A 1 115 ? -1.666  -6.082  -7.129  1.00 95.59  ? 115 ARG A O     1 
ATOM   531  C CB    . ARG A 1 115 ? -3.485  -7.684  -9.055  1.00 99.59  ? 115 ARG A CB    1 
ATOM   532  C CG    . ARG A 1 115 ? -3.779  -8.668  -10.182 1.00 103.10 ? 115 ARG A CG    1 
ATOM   533  C CD    . ARG A 1 115 ? -4.593  -8.015  -11.298 1.00 111.87 ? 115 ARG A CD    1 
ATOM   534  N NE    . ARG A 1 115 ? -5.075  -8.995  -12.268 1.00 122.21 ? 115 ARG A NE    1 
ATOM   535  C CZ    . ARG A 1 115 ? -4.339  -9.556  -13.231 1.00 118.45 ? 115 ARG A CZ    1 
ATOM   536  N NH1   . ARG A 1 115 ? -3.041  -9.257  -13.385 1.00 109.21 ? 115 ARG A NH1   1 
ATOM   537  N NH2   . ARG A 1 115 ? -4.920  -10.436 -14.039 1.00 119.20 ? 115 ARG A NH2   1 
ATOM   538  N N     . PRO A 1 116 ? -2.748  -4.475  -8.293  1.00 89.04  ? 116 PRO A N     1 
ATOM   539  C CA    . PRO A 1 116 ? -2.708  -3.514  -7.196  1.00 84.92  ? 116 PRO A CA    1 
ATOM   540  C C     . PRO A 1 116 ? -3.411  -4.055  -5.953  1.00 85.43  ? 116 PRO A C     1 
ATOM   541  O O     . PRO A 1 116 ? -4.609  -4.302  -5.990  1.00 92.28  ? 116 PRO A O     1 
ATOM   542  C CB    . PRO A 1 116 ? -3.458  -2.305  -7.773  1.00 90.76  ? 116 PRO A CB    1 
ATOM   543  C CG    . PRO A 1 116 ? -3.227  -2.400  -9.236  1.00 97.00  ? 116 PRO A CG    1 
ATOM   544  C CD    . PRO A 1 116 ? -3.292  -3.872  -9.520  1.00 98.10  ? 116 PRO A CD    1 
ATOM   545  N N     . ASP A 1 117 ? -2.672  -4.245  -4.865  1.00 89.69  ? 117 ASP A N     1 
ATOM   546  C CA    . ASP A 1 117 ? -3.238  -4.826  -3.644  1.00 85.61  ? 117 ASP A CA    1 
ATOM   547  C C     . ASP A 1 117 ? -2.915  -3.970  -2.402  1.00 85.29  ? 117 ASP A C     1 
ATOM   548  O O     . ASP A 1 117 ? -1.750  -3.706  -2.118  1.00 87.22  ? 117 ASP A O     1 
ATOM   549  C CB    . ASP A 1 117 ? -2.727  -6.250  -3.455  1.00 85.61  ? 117 ASP A CB    1 
ATOM   550  C CG    . ASP A 1 117 ? -3.196  -6.873  -2.155  1.00 88.56  ? 117 ASP A CG    1 
ATOM   551  O OD1   . ASP A 1 117 ? -4.374  -6.750  -1.784  1.00 100.58 ? 117 ASP A OD1   1 
ATOM   552  O OD2   . ASP A 1 117 ? -2.369  -7.500  -1.482  1.00 106.49 ? 117 ASP A OD2   1 
ATOM   553  N N     . PRO A 1 118 ? -3.948  -3.545  -1.653  1.00 79.20  ? 118 PRO A N     1 
ATOM   554  C CA    . PRO A 1 118 ? -3.782  -2.678  -0.483  1.00 77.75  ? 118 PRO A CA    1 
ATOM   555  C C     . PRO A 1 118 ? -2.910  -3.310  0.564   1.00 73.46  ? 118 PRO A C     1 
ATOM   556  O O     . PRO A 1 118 ? -2.076  -2.625  1.152   1.00 78.06  ? 118 PRO A O     1 
ATOM   557  C CB    . PRO A 1 118 ? -5.211  -2.522  0.061   1.00 83.94  ? 118 PRO A CB    1 
ATOM   558  C CG    . PRO A 1 118 ? -6.077  -2.740  -1.121  1.00 87.47  ? 118 PRO A CG    1 
ATOM   559  C CD    . PRO A 1 118 ? -5.366  -3.802  -1.926  1.00 83.39  ? 118 PRO A CD    1 
ATOM   560  N N     . GLU A 1 119 ? -3.083  -4.607  0.787   1.00 72.61  ? 119 GLU A N     1 
ATOM   561  C CA    . GLU A 1 119 ? -2.286  -5.313  1.780   1.00 82.22  ? 119 GLU A CA    1 
ATOM   562  C C     . GLU A 1 119 ? -0.795  -5.233  1.446   1.00 77.24  ? 119 GLU A C     1 
ATOM   563  O O     . GLU A 1 119 ? 0.031   -4.916  2.290   1.00 74.77  ? 119 GLU A O     1 
ATOM   564  C CB    . GLU A 1 119 ? -2.737  -6.770  1.880   1.00 84.99  ? 119 GLU A CB    1 
ATOM   565  C CG    . GLU A 1 119 ? -2.112  -7.499  3.052   1.00 94.51  ? 119 GLU A CG    1 
ATOM   566  C CD    . GLU A 1 119 ? -2.881  -8.757  3.411   1.00 106.38 ? 119 GLU A CD    1 
ATOM   567  O OE1   . GLU A 1 119 ? -2.949  -9.653  2.540   1.00 101.91 ? 119 GLU A OE1   1 
ATOM   568  O OE2   . GLU A 1 119 ? -3.424  -8.830  4.551   1.00 117.11 ? 119 GLU A OE2   1 
ATOM   569  N N     . LEU A 1 120 ? -0.475  -5.517  0.193   1.00 82.43  ? 120 LEU A N     1 
ATOM   570  C CA    . LEU A 1 120 ? 0.887   -5.471  -0.301  1.00 83.65  ? 120 LEU A CA    1 
ATOM   571  C C     . LEU A 1 120 ? 1.514   -4.128  0.000   1.00 78.17  ? 120 LEU A C     1 
ATOM   572  O O     . LEU A 1 120 ? 2.647   -4.063  0.517   1.00 79.81  ? 120 LEU A O     1 
ATOM   573  C CB    . LEU A 1 120 ? 0.903   -5.736  -1.811  1.00 84.62  ? 120 LEU A CB    1 
ATOM   574  C CG    . LEU A 1 120 ? 2.240   -5.610  -2.541  1.00 88.43  ? 120 LEU A CG    1 
ATOM   575  C CD1   . LEU A 1 120 ? 3.215   -6.631  -1.985  1.00 79.51  ? 120 LEU A CD1   1 
ATOM   576  C CD2   . LEU A 1 120 ? 2.029   -5.775  -4.061  1.00 98.71  ? 120 LEU A CD2   1 
ATOM   577  N N     . TYR A 1 121 ? 0.766   -3.067  -0.321  1.00 73.77  ? 121 TYR A N     1 
ATOM   578  C CA    . TYR A 1 121 ? 1.183   -1.681  -0.044  1.00 67.70  ? 121 TYR A CA    1 
ATOM   579  C C     . TYR A 1 121 ? 1.284   -1.360  1.434   1.00 66.63  ? 121 TYR A C     1 
ATOM   580  O O     . TYR A 1 121 ? 2.123   -0.578  1.842   1.00 79.87  ? 121 TYR A O     1 
ATOM   581  C CB    . TYR A 1 121 ? 0.242   -0.701  -0.743  1.00 71.77  ? 121 TYR A CB    1 
ATOM   582  C CG    . TYR A 1 121 ? 0.597   -0.497  -2.219  1.00 74.80  ? 121 TYR A CG    1 
ATOM   583  C CD1   . TYR A 1 121 ? 1.547   0.442   -2.599  1.00 76.60  ? 121 TYR A CD1   1 
ATOM   584  C CD2   . TYR A 1 121 ? 0.015   -1.255  -3.215  1.00 74.96  ? 121 TYR A CD2   1 
ATOM   585  C CE1   . TYR A 1 121 ? 1.895   0.638   -3.926  1.00 77.89  ? 121 TYR A CE1   1 
ATOM   586  C CE2   . TYR A 1 121 ? 0.364   -1.071  -4.547  1.00 77.78  ? 121 TYR A CE2   1 
ATOM   587  C CZ    . TYR A 1 121 ? 1.301   -0.122  -4.901  1.00 78.01  ? 121 TYR A CZ    1 
ATOM   588  O OH    . TYR A 1 121 ? 1.654   0.082   -6.230  1.00 75.39  ? 121 TYR A OH    1 
ATOM   589  N N     . ALA A 1 122 ? 0.443   -1.978  2.251   1.00 67.40  ? 122 ALA A N     1 
ATOM   590  C CA    . ALA A 1 122 ? 0.494   -1.738  3.681   1.00 65.45  ? 122 ALA A CA    1 
ATOM   591  C C     . ALA A 1 122 ? 1.790   -2.248  4.278   1.00 68.75  ? 122 ALA A C     1 
ATOM   592  O O     . ALA A 1 122 ? 2.367   -1.613  5.167   1.00 78.91  ? 122 ALA A O     1 
ATOM   593  C CB    . ALA A 1 122 ? -0.691  -2.390  4.371   1.00 68.09  ? 122 ALA A CB    1 
ATOM   594  N N     . THR A 1 123 ? 2.261   -3.387  3.790   1.00 69.23  ? 123 THR A N     1 
ATOM   595  C CA    . THR A 1 123 ? 3.489   -3.996  4.315   1.00 67.50  ? 123 THR A CA    1 
ATOM   596  C C     . THR A 1 123 ? 4.637   -3.077  4.037   1.00 63.31  ? 123 THR A C     1 
ATOM   597  O O     . THR A 1 123 ? 5.531   -2.961  4.857   1.00 61.03  ? 123 THR A O     1 
ATOM   598  C CB    . THR A 1 123 ? 3.802   -5.352  3.660   1.00 64.74  ? 123 THR A CB    1 
ATOM   599  O OG1   . THR A 1 123 ? 4.203   -5.128  2.300   1.00 67.49  ? 123 THR A OG1   1 
ATOM   600  C CG2   . THR A 1 123 ? 2.582   -6.273  3.711   1.00 66.30  ? 123 THR A CG2   1 
ATOM   601  N N     . PHE A 1 124 ? 4.590   -2.397  2.890   1.00 62.12  ? 124 PHE A N     1 
ATOM   602  C CA    . PHE A 1 124 ? 5.645   -1.453  2.526   1.00 60.79  ? 124 PHE A CA    1 
ATOM   603  C C     . PHE A 1 124 ? 5.618   -0.226  3.408   1.00 66.50  ? 124 PHE A C     1 
ATOM   604  O O     . PHE A 1 124 ? 6.659   0.344   3.743   1.00 70.11  ? 124 PHE A O     1 
ATOM   605  C CB    . PHE A 1 124 ? 5.538   -1.055  1.067   1.00 69.51  ? 124 PHE A CB    1 
ATOM   606  C CG    . PHE A 1 124 ? 6.331   -1.940  0.142   1.00 77.81  ? 124 PHE A CG    1 
ATOM   607  C CD1   . PHE A 1 124 ? 7.721   -1.803  0.057   1.00 66.99  ? 124 PHE A CD1   1 
ATOM   608  C CD2   . PHE A 1 124 ? 5.692   -2.911  -0.648  1.00 74.51  ? 124 PHE A CD2   1 
ATOM   609  C CE1   . PHE A 1 124 ? 8.454   -2.612  -0.793  1.00 67.60  ? 124 PHE A CE1   1 
ATOM   610  C CE2   . PHE A 1 124 ? 6.433   -3.707  -1.513  1.00 72.60  ? 124 PHE A CE2   1 
ATOM   611  C CZ    . PHE A 1 124 ? 7.810   -3.565  -1.570  1.00 70.89  ? 124 PHE A CZ    1 
ATOM   612  N N     . VAL A 1 125 ? 4.428   0.177   3.825   1.00 70.42  ? 125 VAL A N     1 
ATOM   613  C CA    . VAL A 1 125 ? 4.285   1.316   4.716   1.00 71.13  ? 125 VAL A CA    1 
ATOM   614  C C     . VAL A 1 125 ? 4.740   0.930   6.103   1.00 67.56  ? 125 VAL A C     1 
ATOM   615  O O     . VAL A 1 125 ? 5.506   1.669   6.745   1.00 70.80  ? 125 VAL A O     1 
ATOM   616  C CB    . VAL A 1 125 ? 2.827   1.784   4.772   1.00 78.67  ? 125 VAL A CB    1 
ATOM   617  C CG1   . VAL A 1 125 ? 2.678   2.997   5.673   1.00 80.32  ? 125 VAL A CG1   1 
ATOM   618  C CG2   . VAL A 1 125 ? 2.330   2.103   3.371   1.00 84.51  ? 125 VAL A CG2   1 
ATOM   619  N N     . SER A 1 126 ? 4.257   -0.226  6.570   1.00 66.11  ? 126 SER A N     1 
ATOM   620  C CA    . SER A 1 126 ? 4.618   -0.738  7.917   1.00 67.24  ? 126 SER A CA    1 
ATOM   621  C C     . SER A 1 126 ? 6.108   -0.892  8.108   1.00 61.83  ? 126 SER A C     1 
ATOM   622  O O     . SER A 1 126 ? 6.621   -0.495  9.124   1.00 70.06  ? 126 SER A O     1 
ATOM   623  C CB    . SER A 1 126 ? 3.970   -2.070  8.158   1.00 70.37  ? 126 SER A CB    1 
ATOM   624  O OG    . SER A 1 126 ? 2.590   -1.954  7.933   1.00 82.73  ? 126 SER A OG    1 
ATOM   625  N N     . SER A 1 127 ? 6.793   -1.442  7.102   1.00 65.27  ? 127 SER A N     1 
ATOM   626  C CA    . SER A 1 127 ? 8.215   -1.703  7.165   1.00 64.14  ? 127 SER A CA    1 
ATOM   627  C C     . SER A 1 127 ? 9.071   -0.482  6.868   1.00 65.19  ? 127 SER A C     1 
ATOM   628  O O     . SER A 1 127 ? 10.278  -0.539  7.026   1.00 74.57  ? 127 SER A O     1 
ATOM   629  C CB    . SER A 1 127 ? 8.570   -2.834  6.202   1.00 66.14  ? 127 SER A CB    1 
ATOM   630  O OG    . SER A 1 127 ? 8.123   -2.571  4.880   1.00 61.87  ? 127 SER A OG    1 
ATOM   631  N N     . SER A 1 128 ? 8.463   0.613   6.425   1.00 71.35  ? 128 SER A N     1 
ATOM   632  C CA    . SER A 1 128 ? 9.220   1.864   6.120   1.00 71.68  ? 128 SER A CA    1 
ATOM   633  C C     . SER A 1 128 ? 9.865   2.468   7.368   1.00 61.73  ? 128 SER A C     1 
ATOM   634  O O     . SER A 1 128 ? 9.268   2.417   8.439   1.00 62.16  ? 128 SER A O     1 
ATOM   635  C CB    . SER A 1 128 ? 8.289   2.915   5.505   1.00 76.03  ? 128 SER A CB    1 
ATOM   636  O OG    . SER A 1 128 ? 7.372   3.388   6.489   1.00 72.63  ? 128 SER A OG    1 
ATOM   637  N N     . PRO A 1 129 ? 11.080  3.034   7.239   1.00 61.59  ? 129 PRO A N     1 
ATOM   638  C CA    . PRO A 1 129 ? 11.809  3.638   8.384   1.00 67.51  ? 129 PRO A CA    1 
ATOM   639  C C     . PRO A 1 129 ? 11.112  4.883   8.964   1.00 73.20  ? 129 PRO A C     1 
ATOM   640  O O     . PRO A 1 129 ? 10.735  5.800   8.228   1.00 78.30  ? 129 PRO A O     1 
ATOM   641  C CB    . PRO A 1 129 ? 13.180  4.024   7.799   1.00 63.73  ? 129 PRO A CB    1 
ATOM   642  C CG    . PRO A 1 129 ? 13.252  3.456   6.421   1.00 62.95  ? 129 PRO A CG    1 
ATOM   643  C CD    . PRO A 1 129 ? 11.874  3.011   6.000   1.00 66.92  ? 129 PRO A CD    1 
ATOM   644  N N     . SER A 1 130 ? 10.941  4.915   10.274  1.00 78.82  ? 130 SER A N     1 
ATOM   645  C CA    . SER A 1 130 ? 10.356  6.085   10.937  1.00 77.76  ? 130 SER A CA    1 
ATOM   646  C C     . SER A 1 130 ? 11.325  7.262   10.979  1.00 78.50  ? 130 SER A C     1 
ATOM   647  O O     . SER A 1 130 ? 12.517  7.077   10.988  1.00 94.01  ? 130 SER A O     1 
ATOM   648  C CB    . SER A 1 130 ? 9.928   5.718   12.340  1.00 70.35  ? 130 SER A CB    1 
ATOM   649  O OG    . SER A 1 130 ? 8.830   4.832   12.258  1.00 77.62  ? 130 SER A OG    1 
ATOM   650  N N     . ASN A 1 131 ? 10.795  8.478   11.004  1.00 82.99  ? 131 ASN A N     1 
ATOM   651  C CA    . ASN A 1 131 ? 11.623  9.682   11.074  1.00 78.62  ? 131 ASN A CA    1 
ATOM   652  C C     . ASN A 1 131 ? 12.599  9.712   9.920   1.00 78.97  ? 131 ASN A C     1 
ATOM   653  O O     . ASN A 1 131 ? 13.800  9.846   10.121  1.00 79.88  ? 131 ASN A O     1 
ATOM   654  C CB    . ASN A 1 131 ? 12.345  9.763   12.415  1.00 77.34  ? 131 ASN A CB    1 
ATOM   655  C CG    . ASN A 1 131 ? 11.430  9.400   13.582  1.00 82.17  ? 131 ASN A CG    1 
ATOM   656  O OD1   . ASN A 1 131 ? 11.884  8.888   14.589  1.00 88.62  ? 131 ASN A OD1   1 
ATOM   657  N ND2   . ASN A 1 131 ? 10.137  9.659   13.442  1.00 87.10  ? 131 ASN A ND2   1 
ATOM   658  N N     . ASP A 1 132 ? 12.049  9.598   8.713   1.00 81.79  ? 132 ASP A N     1 
ATOM   659  C CA    . ASP A 1 132 ? 12.841  9.498   7.494   1.00 83.79  ? 132 ASP A CA    1 
ATOM   660  C C     . ASP A 1 132 ? 12.147  10.264  6.364   1.00 85.21  ? 132 ASP A C     1 
ATOM   661  O O     . ASP A 1 132 ? 11.338  9.689   5.623   1.00 83.23  ? 132 ASP A O     1 
ATOM   662  C CB    . ASP A 1 132 ? 12.969  8.013   7.100   1.00 80.90  ? 132 ASP A CB    1 
ATOM   663  C CG    . ASP A 1 132 ? 14.329  7.651   6.618   1.00 78.48  ? 132 ASP A CG    1 
ATOM   664  O OD1   . ASP A 1 132 ? 15.125  7.133   7.469   1.00 80.32  ? 132 ASP A OD1   1 
ATOM   665  O OD2   . ASP A 1 132 ? 14.592  7.891   5.408   1.00 75.93  ? 132 ASP A OD2   1 
ATOM   666  N N     . PRO A 1 133 ? 12.455  11.561  6.222   1.00 87.50  ? 133 PRO A N     1 
ATOM   667  C CA    . PRO A 1 133 ? 11.840  12.385  5.190   1.00 85.96  ? 133 PRO A CA    1 
ATOM   668  C C     . PRO A 1 133 ? 11.762  11.687  3.830   1.00 85.67  ? 133 PRO A C     1 
ATOM   669  O O     . PRO A 1 133 ? 10.678  11.641  3.220   1.00 85.00  ? 133 PRO A O     1 
ATOM   670  C CB    . PRO A 1 133 ? 12.775  13.601  5.122   1.00 86.66  ? 133 PRO A CB    1 
ATOM   671  C CG    . PRO A 1 133 ? 13.322  13.728  6.502   1.00 86.30  ? 133 PRO A CG    1 
ATOM   672  C CD    . PRO A 1 133 ? 13.412  12.334  7.038   1.00 92.21  ? 133 PRO A CD    1 
ATOM   673  N N     . ALA A 1 134 ? 12.891  11.141  3.365   1.00 77.98  ? 134 ALA A N     1 
ATOM   674  C CA    . ALA A 1 134 ? 12.922  10.433  2.081   1.00 78.06  ? 134 ALA A CA    1 
ATOM   675  C C     . ALA A 1 134 ? 11.909  9.298   2.055   1.00 77.55  ? 134 ALA A C     1 
ATOM   676  O O     . ALA A 1 134 ? 11.106  9.177   1.115   1.00 77.83  ? 134 ALA A O     1 
ATOM   677  C CB    . ALA A 1 134 ? 14.325  9.904   1.801   1.00 84.77  ? 134 ALA A CB    1 
ATOM   678  N N     . ALA A 1 135 ? 11.941  8.473   3.104   1.00 77.74  ? 135 ALA A N     1 
ATOM   679  C CA    . ALA A 1 135 ? 11.006  7.350   3.231   1.00 74.76  ? 135 ALA A CA    1 
ATOM   680  C C     . ALA A 1 135 ? 9.565   7.804   3.154   1.00 77.04  ? 135 ALA A C     1 
ATOM   681  O O     . ALA A 1 135 ? 8.764   7.229   2.404   1.00 91.03  ? 135 ALA A O     1 
ATOM   682  C CB    . ALA A 1 135 ? 11.233  6.613   4.538   1.00 76.02  ? 135 ALA A CB    1 
ATOM   683  N N     . ALA A 1 136 ? 9.236   8.827   3.937   1.00 77.72  ? 136 ALA A N     1 
ATOM   684  C CA    . ALA A 1 136 ? 7.880   9.397   3.963   1.00 77.33  ? 136 ALA A CA    1 
ATOM   685  C C     . ALA A 1 136 ? 7.387   9.781   2.548   1.00 77.32  ? 136 ALA A C     1 
ATOM   686  O O     . ALA A 1 136 ? 6.265   9.449   2.144   1.00 75.18  ? 136 ALA A O     1 
ATOM   687  C CB    . ALA A 1 136 ? 7.873   10.596  4.877   1.00 75.28  ? 136 ALA A CB    1 
ATOM   688  N N     . ALA A 1 137 ? 8.250   10.448  1.793   1.00 71.04  ? 137 ALA A N     1 
ATOM   689  C CA    . ALA A 1 137 ? 7.933   10.815  0.424   1.00 76.48  ? 137 ALA A CA    1 
ATOM   690  C C     . ALA A 1 137 ? 7.707   9.546   -0.416  1.00 77.98  ? 137 ALA A C     1 
ATOM   691  O O     . ALA A 1 137 ? 6.745   9.448   -1.191  1.00 79.73  ? 137 ALA A O     1 
ATOM   692  C CB    . ALA A 1 137 ? 9.066   11.666  -0.156  1.00 73.49  ? 137 ALA A CB    1 
ATOM   693  N N     . ALA A 1 138 ? 8.599   8.569   -0.233  1.00 76.42  ? 138 ALA A N     1 
ATOM   694  C CA    . ALA A 1 138 ? 8.471   7.284   -0.914  1.00 77.49  ? 138 ALA A CA    1 
ATOM   695  C C     . ALA A 1 138 ? 7.122   6.632   -0.608  1.00 74.51  ? 138 ALA A C     1 
ATOM   696  O O     . ALA A 1 138 ? 6.497   6.019   -1.471  1.00 80.58  ? 138 ALA A O     1 
ATOM   697  C CB    . ALA A 1 138 ? 9.596   6.362   -0.512  1.00 76.21  ? 138 ALA A CB    1 
ATOM   698  N N     . VAL A 1 139 ? 6.664   6.792   0.625   1.00 69.77  ? 139 VAL A N     1 
ATOM   699  C CA    . VAL A 1 139 ? 5.381   6.243   1.027   1.00 71.67  ? 139 VAL A CA    1 
ATOM   700  C C     . VAL A 1 139 ? 4.235   6.947   0.311   1.00 74.10  ? 139 VAL A C     1 
ATOM   701  O O     . VAL A 1 139 ? 3.353   6.303   -0.268  1.00 78.72  ? 139 VAL A O     1 
ATOM   702  C CB    . VAL A 1 139 ? 5.210   6.331   2.541   1.00 72.60  ? 139 VAL A CB    1 
ATOM   703  C CG1   . VAL A 1 139 ? 3.797   5.954   2.943   1.00 77.17  ? 139 VAL A CG1   1 
ATOM   704  C CG2   . VAL A 1 139 ? 6.198   5.396   3.213   1.00 76.99  ? 139 VAL A CG2   1 
ATOM   705  N N     . ASP A 1 140 ? 4.265   8.277   0.333   1.00 81.73  ? 140 ASP A N     1 
ATOM   706  C CA    . ASP A 1 140 ? 3.261   9.067   -0.380  1.00 79.05  ? 140 ASP A CA    1 
ATOM   707  C C     . ASP A 1 140 ? 3.237   8.676   -1.855  1.00 79.67  ? 140 ASP A C     1 
ATOM   708  O O     . ASP A 1 140 ? 2.171   8.403   -2.433  1.00 84.87  ? 140 ASP A O     1 
ATOM   709  C CB    . ASP A 1 140 ? 3.546   10.542  -0.189  1.00 77.65  ? 140 ASP A CB    1 
ATOM   710  C CG    . ASP A 1 140 ? 3.371   10.987  1.283   1.00 90.76  ? 140 ASP A CG    1 
ATOM   711  O OD1   . ASP A 1 140 ? 2.440   10.535  1.977   1.00 90.46  ? 140 ASP A OD1   1 
ATOM   712  O OD2   . ASP A 1 140 ? 4.157   11.809  1.767   1.00 89.16  ? 140 ASP A OD2   1 
ATOM   713  N N     . ALA A 1 141 ? 4.424   8.588   -2.442  1.00 74.63  ? 141 ALA A N     1 
ATOM   714  C CA    . ALA A 1 141 ? 4.553   8.218   -3.846  1.00 80.42  ? 141 ALA A CA    1 
ATOM   715  C C     . ALA A 1 141 ? 3.923   6.852   -4.091  1.00 83.58  ? 141 ALA A C     1 
ATOM   716  O O     . ALA A 1 141 ? 3.262   6.621   -5.104  1.00 82.03  ? 141 ALA A O     1 
ATOM   717  C CB    . ALA A 1 141 ? 6.022   8.214   -4.256  1.00 85.87  ? 141 ALA A CB    1 
ATOM   718  N N     . LEU A 1 142 ? 4.153   5.947   -3.148  1.00 85.92  ? 142 LEU A N     1 
ATOM   719  C CA    . LEU A 1 142 ? 3.636   4.591   -3.219  1.00 79.06  ? 142 LEU A CA    1 
ATOM   720  C C     . LEU A 1 142 ? 2.120   4.610   -3.218  1.00 78.55  ? 142 LEU A C     1 
ATOM   721  O O     . LEU A 1 142 ? 1.468   3.891   -3.989  1.00 70.78  ? 142 LEU A O     1 
ATOM   722  C CB    . LEU A 1 142 ? 4.127   3.792   -1.997  1.00 84.40  ? 142 LEU A CB    1 
ATOM   723  C CG    . LEU A 1 142 ? 4.979   2.541   -2.242  1.00 84.41  ? 142 LEU A CG    1 
ATOM   724  C CD1   . LEU A 1 142 ? 5.710   2.533   -3.583  1.00 94.03  ? 142 LEU A CD1   1 
ATOM   725  C CD2   . LEU A 1 142 ? 5.984   2.417   -1.109  1.00 83.06  ? 142 LEU A CD2   1 
ATOM   726  N N     . VAL A 1 143 ? 1.545   5.437   -2.349  1.00 76.16  ? 143 VAL A N     1 
ATOM   727  C CA    . VAL A 1 143 ? 0.095   5.530   -2.269  1.00 77.43  ? 143 VAL A CA    1 
ATOM   728  C C     . VAL A 1 143 ? -0.451  6.038   -3.594  1.00 82.05  ? 143 VAL A C     1 
ATOM   729  O O     . VAL A 1 143 ? -1.449  5.516   -4.090  1.00 80.64  ? 143 VAL A O     1 
ATOM   730  C CB    . VAL A 1 143 ? -0.350  6.448   -1.139  1.00 79.52  ? 143 VAL A CB    1 
ATOM   731  C CG1   . VAL A 1 143 ? -1.840  6.732   -1.223  1.00 76.65  ? 143 VAL A CG1   1 
ATOM   732  C CG2   . VAL A 1 143 ? -0.012  5.812   0.203   1.00 76.47  ? 143 VAL A CG2   1 
ATOM   733  N N     . GLU A 1 144 ? 0.210   7.044   -4.164  1.00 81.33  ? 144 GLU A N     1 
ATOM   734  C CA    . GLU A 1 144 ? -0.191  7.590   -5.471  1.00 78.31  ? 144 GLU A CA    1 
ATOM   735  C C     . GLU A 1 144 ? -0.085  6.516   -6.544  1.00 81.95  ? 144 GLU A C     1 
ATOM   736  O O     . GLU A 1 144 ? -0.905  6.462   -7.445  1.00 94.23  ? 144 GLU A O     1 
ATOM   737  C CB    . GLU A 1 144 ? 0.674   8.785   -5.871  1.00 77.88  ? 144 GLU A CB    1 
ATOM   738  C CG    . GLU A 1 144 ? 0.554   10.013  -4.976  1.00 86.21  ? 144 GLU A CG    1 
ATOM   739  C CD    . GLU A 1 144 ? -0.878  10.503  -4.837  1.00 97.94  ? 144 GLU A CD    1 
ATOM   740  O OE1   . GLU A 1 144 ? -1.596  10.512  -5.863  1.00 92.99  ? 144 GLU A OE1   1 
ATOM   741  O OE2   . GLU A 1 144 ? -1.277  10.878  -3.705  1.00 109.10 ? 144 GLU A OE2   1 
ATOM   742  N N     . ALA A 1 145 ? 0.926   5.657   -6.442  1.00 90.11  ? 145 ALA A N     1 
ATOM   743  C CA    . ALA A 1 145 ? 1.125   4.566   -7.409  1.00 84.82  ? 145 ALA A CA    1 
ATOM   744  C C     . ALA A 1 145 ? 0.026   3.510   -7.317  1.00 82.10  ? 145 ALA A C     1 
ATOM   745  O O     . ALA A 1 145 ? -0.405  2.956   -8.323  1.00 85.44  ? 145 ALA A O     1 
ATOM   746  C CB    . ALA A 1 145 ? 2.486   3.920   -7.198  1.00 87.15  ? 145 ALA A CB    1 
ATOM   747  N N     . PHE A 1 146 ? -0.415  3.241   -6.099  1.00 81.51  ? 146 PHE A N     1 
ATOM   748  C CA    . PHE A 1 146 ? -1.455  2.256   -5.850  1.00 80.60  ? 146 PHE A CA    1 
ATOM   749  C C     . PHE A 1 146 ? -2.794  2.712   -6.418  1.00 83.54  ? 146 PHE A C     1 
ATOM   750  O O     . PHE A 1 146 ? -3.508  1.918   -7.025  1.00 86.80  ? 146 PHE A O     1 
ATOM   751  C CB    . PHE A 1 146 ? -1.580  1.992   -4.339  1.00 77.08  ? 146 PHE A CB    1 
ATOM   752  C CG    . PHE A 1 146 ? -2.838  1.265   -3.945  1.00 71.84  ? 146 PHE A CG    1 
ATOM   753  C CD1   . PHE A 1 146 ? -3.134  0.003   -4.461  1.00 83.24  ? 146 PHE A CD1   1 
ATOM   754  C CD2   . PHE A 1 146 ? -3.725  1.829   -3.053  1.00 71.58  ? 146 PHE A CD2   1 
ATOM   755  C CE1   . PHE A 1 146 ? -4.293  -0.687  -4.094  1.00 77.46  ? 146 PHE A CE1   1 
ATOM   756  C CE2   . PHE A 1 146 ? -4.893  1.163   -2.694  1.00 73.41  ? 146 PHE A CE2   1 
ATOM   757  C CZ    . PHE A 1 146 ? -5.173  -0.096  -3.205  1.00 77.62  ? 146 PHE A CZ    1 
ATOM   758  N N     . ILE A 1 147 ? -3.135  3.979   -6.217  1.00 85.77  ? 147 ILE A N     1 
ATOM   759  C CA    . ILE A 1 147 ? -4.406  4.515   -6.710  1.00 89.86  ? 147 ILE A CA    1 
ATOM   760  C C     . ILE A 1 147 ? -4.376  4.656   -8.229  1.00 86.66  ? 147 ILE A C     1 
ATOM   761  O O     . ILE A 1 147 ? -5.402  4.526   -8.870  1.00 90.96  ? 147 ILE A O     1 
ATOM   762  C CB    . ILE A 1 147 ? -4.728  5.891   -6.081  1.00 92.01  ? 147 ILE A CB    1 
ATOM   763  C CG1   . ILE A 1 147 ? -4.892  5.781   -4.563  1.00 87.77  ? 147 ILE A CG1   1 
ATOM   764  C CG2   . ILE A 1 147 ? -6.011  6.462   -6.653  1.00 89.57  ? 147 ILE A CG2   1 
ATOM   765  C CD1   . ILE A 1 147 ? -4.999  7.133   -3.892  1.00 87.67  ? 147 ILE A CD1   1 
ATOM   766  N N     . GLU A 1 148 ? -3.214  4.936   -8.803  1.00 84.86  ? 148 GLU A N     1 
ATOM   767  C CA    . GLU A 1 148 ? -3.100  5.063   -10.254 1.00 93.10  ? 148 GLU A CA    1 
ATOM   768  C C     . GLU A 1 148 ? -3.165  3.686   -10.908 1.00 94.10  ? 148 GLU A C     1 
ATOM   769  O O     . GLU A 1 148 ? -3.808  3.528   -11.943 1.00 91.21  ? 148 GLU A O     1 
ATOM   770  C CB    . GLU A 1 148 ? -1.821  5.818   -10.644 1.00 103.03 ? 148 GLU A CB    1 
ATOM   771  C CG    . GLU A 1 148 ? -1.501  5.843   -12.141 1.00 106.82 ? 148 GLU A CG    1 
ATOM   772  C CD    . GLU A 1 148 ? -0.625  4.677   -12.592 1.00 117.55 ? 148 GLU A CD    1 
ATOM   773  O OE1   . GLU A 1 148 ? 0.374   4.358   -11.890 1.00 119.41 ? 148 GLU A OE1   1 
ATOM   774  O OE2   . GLU A 1 148 ? -0.937  4.080   -13.650 1.00 110.89 ? 148 GLU A OE2   1 
ATOM   775  N N     . GLU A 1 149 ? -2.509  2.699   -10.298 1.00 93.18  ? 149 GLU A N     1 
ATOM   776  C CA    . GLU A 1 149 ? -2.534  1.326   -10.809 1.00 89.40  ? 149 GLU A CA    1 
ATOM   777  C C     . GLU A 1 149 ? -3.951  0.783   -10.789 1.00 85.34  ? 149 GLU A C     1 
ATOM   778  O O     . GLU A 1 149 ? -4.396  0.159   -11.744 1.00 93.16  ? 149 GLU A O     1 
ATOM   779  C CB    . GLU A 1 149 ? -1.631  0.398   -9.980  1.00 91.23  ? 149 GLU A CB    1 
ATOM   780  C CG    . GLU A 1 149 ? -0.136  0.569   -10.190 1.00 90.56  ? 149 GLU A CG    1 
ATOM   781  C CD    . GLU A 1 149 ? 0.718   -0.218  -9.208  1.00 90.59  ? 149 GLU A CD    1 
ATOM   782  O OE1   . GLU A 1 149 ? 1.955   -0.193  -9.346  1.00 96.83  ? 149 GLU A OE1   1 
ATOM   783  O OE2   . GLU A 1 149 ? 0.186   -0.862  -8.288  1.00 83.16  ? 149 GLU A OE2   1 
ATOM   784  N N     . LYS A 1 150 ? -4.651  1.027   -9.686  1.00 82.94  ? 150 LYS A N     1 
ATOM   785  C CA    . LYS A 1 150 ? -6.013  0.524   -9.478  1.00 82.95  ? 150 LYS A CA    1 
ATOM   786  C C     . LYS A 1 150 ? -6.967  1.146   -10.481 1.00 86.60  ? 150 LYS A C     1 
ATOM   787  O O     . LYS A 1 150 ? -7.692  0.447   -11.158 1.00 90.11  ? 150 LYS A O     1 
ATOM   788  C CB    . LYS A 1 150 ? -6.491  0.842   -8.043  1.00 81.26  ? 150 LYS A CB    1 
ATOM   789  C CG    . LYS A 1 150 ? -7.721  0.068   -7.586  1.00 85.26  ? 150 LYS A CG    1 
ATOM   790  C CD    . LYS A 1 150 ? -7.368  -1.366  -7.224  1.00 94.58  ? 150 LYS A CD    1 
ATOM   791  C CE    . LYS A 1 150 ? -8.600  -2.190  -6.847  1.00 103.11 ? 150 LYS A CE    1 
ATOM   792  N NZ    . LYS A 1 150 ? -8.229  -3.585  -6.447  1.00 106.10 ? 150 LYS A NZ    1 
ATOM   793  N N     . GLU A 1 151 ? -6.935  2.472   -10.581 1.00 97.38  ? 151 GLU A N     1 
ATOM   794  C CA    . GLU A 1 151 ? -7.820  3.223   -11.457 1.00 97.45  ? 151 GLU A CA    1 
ATOM   795  C C     . GLU A 1 151 ? -7.345  3.246   -12.918 1.00 107.08 ? 151 GLU A C     1 
ATOM   796  O O     . GLU A 1 151 ? -8.017  3.801   -13.779 1.00 109.60 ? 151 GLU A O     1 
ATOM   797  C CB    . GLU A 1 151 ? -7.947  4.656   -10.928 1.00 96.60  ? 151 GLU A CB    1 
ATOM   798  C CG    . GLU A 1 151 ? -8.655  4.746   -9.570  1.00 101.13 ? 151 GLU A CG    1 
ATOM   799  C CD    . GLU A 1 151 ? -8.799  6.184   -9.055  1.00 103.34 ? 151 GLU A CD    1 
ATOM   800  O OE1   . GLU A 1 151 ? -7.913  7.020   -9.395  1.00 87.17  ? 151 GLU A OE1   1 
ATOM   801  O OE2   . GLU A 1 151 ? -9.782  6.475   -8.307  1.00 97.17  ? 151 GLU A OE2   1 
ATOM   802  N N     . ARG A 1 152 ? -6.196  2.647   -13.201 1.00 117.45 ? 152 ARG A N     1 
ATOM   803  C CA    . ARG A 1 152 ? -5.660  2.656   -14.555 1.00 120.98 ? 152 ARG A CA    1 
ATOM   804  C C     . ARG A 1 152 ? -6.637  2.027   -15.538 1.00 134.23 ? 152 ARG A C     1 
ATOM   805  O O     . ARG A 1 152 ? -6.728  2.464   -16.689 1.00 125.86 ? 152 ARG A O     1 
ATOM   806  C CB    . ARG A 1 152 ? -4.329  1.932   -14.636 1.00 127.08 ? 152 ARG A CB    1 
ATOM   807  C CG    . ARG A 1 152 ? -4.339  0.644   -15.452 1.00 130.98 ? 152 ARG A CG    1 
ATOM   808  C CD    . ARG A 1 152 ? -2.938  0.330   -15.931 1.00 133.12 ? 152 ARG A CD    1 
ATOM   809  N NE    . ARG A 1 152 ? -1.937  0.971   -15.076 1.00 135.74 ? 152 ARG A NE    1 
ATOM   810  C CZ    . ARG A 1 152 ? -0.659  0.615   -15.000 1.00 121.33 ? 152 ARG A CZ    1 
ATOM   811  N NH1   . ARG A 1 152 ? -0.169  -0.363  -15.750 1.00 117.52 ? 152 ARG A NH1   1 
ATOM   812  N NH2   . ARG A 1 152 ? 0.146   1.266   -14.178 1.00 98.04  ? 152 ARG A NH2   1 
ATOM   813  N N     . GLY A 1 153 ? -7.373  1.013   -15.084 1.00 140.55 ? 153 GLY A N     1 
ATOM   814  C CA    . GLY A 1 153 ? -8.345  0.340   -15.941 1.00 152.14 ? 153 GLY A CA    1 
ATOM   815  C C     . GLY A 1 153 ? -9.778  0.855   -15.901 1.00 160.31 ? 153 GLY A C     1 
ATOM   816  O O     . GLY A 1 153 ? -10.710 0.065   -15.928 1.00 164.58 ? 153 GLY A O     1 
ATOM   817  N N     . ALA A 1 154 ? -9.996  2.160   -15.863 1.00 167.72 ? 154 ALA A N     1 
ATOM   818  C CA    . ALA A 1 154 ? -11.377 2.634   -15.802 1.00 169.18 ? 154 ALA A CA    1 
ATOM   819  C C     . ALA A 1 154 ? -11.725 3.657   -16.873 1.00 181.03 ? 154 ALA A C     1 
ATOM   820  O O     . ALA A 1 154 ? -11.246 4.791   -16.846 1.00 180.59 ? 154 ALA A O     1 
ATOM   821  C CB    . ALA A 1 154 ? -11.677 3.189   -14.426 1.00 163.14 ? 154 ALA A CB    1 
ATOM   822  N N     . ALA A 1 155 ? -12.580 3.254   -17.805 1.00 187.43 ? 155 ALA A N     1 
ATOM   823  C CA    . ALA A 1 155 ? -13.100 4.166   -18.830 1.00 180.90 ? 155 ALA A CA    1 
ATOM   824  C C     . ALA A 1 155 ? -14.540 3.807   -19.175 1.00 184.68 ? 155 ALA A C     1 
ATOM   825  O O     . ALA A 1 155 ? -14.924 3.805   -20.343 1.00 184.41 ? 155 ALA A O     1 
ATOM   826  C CB    . ALA A 1 155 ? -12.230 4.112   -20.083 1.00 164.89 ? 155 ALA A CB    1 
ATOM   827  N N     . GLY A 1 156 ? -15.352 3.501   -18.171 1.00 185.77 ? 156 GLY A N     1 
ATOM   828  C CA    . GLY A 1 156 ? -16.709 3.004   -18.443 1.00 186.60 ? 156 GLY A CA    1 
ATOM   829  C C     . GLY A 1 156 ? -17.839 3.611   -17.626 1.00 190.60 ? 156 GLY A C     1 
ATOM   830  O O     . GLY A 1 156 ? -17.692 3.834   -16.427 1.00 177.53 ? 156 GLY A O     1 
ATOM   831  N N     . GLY A 1 157 ? -18.974 3.870   -18.287 1.00 197.86 ? 157 GLY A N     1 
ATOM   832  C CA    . GLY A 1 157 ? -20.219 4.228   -17.622 1.00 196.05 ? 157 GLY A CA    1 
ATOM   833  C C     . GLY A 1 157 ? -20.788 2.881   -17.269 1.00 200.22 ? 157 GLY A C     1 
ATOM   834  O O     . GLY A 1 157 ? -21.871 2.758   -16.691 1.00 189.13 ? 157 GLY A O     1 
ATOM   835  N N     . SER A 1 158 ? -20.028 1.864   -17.666 1.00 195.97 ? 158 SER A N     1 
ATOM   836  C CA    . SER A 1 158 ? -20.300 0.514   -17.278 1.00 182.87 ? 158 SER A CA    1 
ATOM   837  C C     . SER A 1 158 ? -20.182 0.511   -15.763 1.00 186.05 ? 158 SER A C     1 
ATOM   838  O O     . SER A 1 158 ? -19.632 1.433   -15.169 1.00 193.83 ? 158 SER A O     1 
ATOM   839  C CB    . SER A 1 158 ? -19.333 -0.458  -17.964 1.00 165.98 ? 158 SER A CB    1 
ATOM   840  O OG    . SER A 1 158 ? -18.007 -0.300  -17.503 1.00 164.72 ? 158 SER A OG    1 
ATOM   841  N N     . SER A 1 159 ? -20.722 -0.501  -15.121 1.00 184.27 ? 159 SER A N     1 
ATOM   842  C CA    . SER A 1 159 ? -20.856 -0.424  -13.689 1.00 184.32 ? 159 SER A CA    1 
ATOM   843  C C     . SER A 1 159 ? -19.491 -0.020  -13.136 1.00 204.76 ? 159 SER A C     1 
ATOM   844  O O     . SER A 1 159 ? -18.550 -0.797  -13.201 1.00 212.90 ? 159 SER A O     1 
ATOM   845  C CB    . SER A 1 159 ? -21.335 -1.757  -13.127 1.00 171.38 ? 159 SER A CB    1 
ATOM   846  O OG    . SER A 1 159 ? -22.609 -2.083  -13.648 1.00 153.12 ? 159 SER A OG    1 
ATOM   847  N N     . GLU A 1 160 ? -19.379 1.221   -12.664 1.00 207.43 ? 160 GLU A N     1 
ATOM   848  C CA    . GLU A 1 160 ? -18.124 1.726   -12.087 1.00 194.08 ? 160 GLU A CA    1 
ATOM   849  C C     . GLU A 1 160 ? -17.808 1.031   -10.761 1.00 174.05 ? 160 GLU A C     1 
ATOM   850  O O     . GLU A 1 160 ? -18.522 1.213   -9.774  1.00 162.62 ? 160 GLU A O     1 
ATOM   851  C CB    . GLU A 1 160 ? -18.190 3.241   -11.874 1.00 185.71 ? 160 GLU A CB    1 
ATOM   852  C CG    . GLU A 1 160 ? -19.389 3.717   -11.061 1.00 175.86 ? 160 GLU A CG    1 
ATOM   853  C CD    . GLU A 1 160 ? -19.227 5.129   -10.529 1.00 164.30 ? 160 GLU A CD    1 
ATOM   854  O OE1   . GLU A 1 160 ? -18.257 5.396   -9.776  1.00 141.94 ? 160 GLU A OE1   1 
ATOM   855  O OE2   . GLU A 1 160 ? -20.093 5.968   -10.851 1.00 146.77 ? 160 GLU A OE2   1 
ATOM   856  N N     . GLY A 1 161 ? -16.748 0.230   -10.741 1.00 148.36 ? 161 GLY A N     1 
ATOM   857  C CA    . GLY A 1 161 ? -16.424 -0.534  -9.545  1.00 138.82 ? 161 GLY A CA    1 
ATOM   858  C C     . GLY A 1 161 ? -14.961 -0.821  -9.303  1.00 131.07 ? 161 GLY A C     1 
ATOM   859  O O     . GLY A 1 161 ? -14.612 -1.823  -8.675  1.00 132.56 ? 161 GLY A O     1 
ATOM   860  N N     . VAL A 1 162 ? -14.097 0.060   -9.779  1.00 114.06 ? 162 VAL A N     1 
ATOM   861  C CA    . VAL A 1 162 ? -12.675 -0.110  -9.549  1.00 109.18 ? 162 VAL A CA    1 
ATOM   862  C C     . VAL A 1 162 ? -12.388 -0.218  -8.057  1.00 113.30 ? 162 VAL A C     1 
ATOM   863  O O     . VAL A 1 162 ? -11.424 -0.875  -7.648  1.00 136.25 ? 162 VAL A O     1 
ATOM   864  C CB    . VAL A 1 162 ? -11.875 1.064   -10.125 1.00 120.01 ? 162 VAL A CB    1 
ATOM   865  C CG1   . VAL A 1 162 ? -11.577 0.803   -11.591 1.00 125.08 ? 162 VAL A CG1   1 
ATOM   866  C CG2   . VAL A 1 162 ? -12.612 2.394   -9.917  1.00 123.44 ? 162 VAL A CG2   1 
ATOM   867  N N     . TRP A 1 163 ? -13.214 0.451   -7.253  1.00 98.26  ? 163 TRP A N     1 
ATOM   868  C CA    . TRP A 1 163 ? -13.056 0.448   -5.814  1.00 88.39  ? 163 TRP A CA    1 
ATOM   869  C C     . TRP A 1 163 ? -14.182 -0.251  -5.102  1.00 90.51  ? 163 TRP A C     1 
ATOM   870  O O     . TRP A 1 163 ? -14.027 -0.661  -3.956  1.00 95.04  ? 163 TRP A O     1 
ATOM   871  C CB    . TRP A 1 163 ? -12.971 1.865   -5.308  1.00 89.51  ? 163 TRP A CB    1 
ATOM   872  C CG    . TRP A 1 163 ? -11.694 2.589   -5.693  1.00 88.00  ? 163 TRP A CG    1 
ATOM   873  C CD1   . TRP A 1 163 ? -11.590 3.700   -6.485  1.00 89.86  ? 163 TRP A CD1   1 
ATOM   874  C CD2   . TRP A 1 163 ? -10.360 2.287   -5.256  1.00 88.98  ? 163 TRP A CD2   1 
ATOM   875  N NE1   . TRP A 1 163 ? -10.279 4.095   -6.581  1.00 95.33  ? 163 TRP A NE1   1 
ATOM   876  C CE2   . TRP A 1 163 ? -9.502  3.249   -5.833  1.00 92.52  ? 163 TRP A CE2   1 
ATOM   877  C CE3   . TRP A 1 163 ? -9.803  1.297   -4.432  1.00 89.96  ? 163 TRP A CE3   1 
ATOM   878  C CZ2   . TRP A 1 163 ? -8.113  3.255   -5.618  1.00 93.86  ? 163 TRP A CZ2   1 
ATOM   879  C CZ3   . TRP A 1 163 ? -8.414  1.308   -4.215  1.00 92.47  ? 163 TRP A CZ3   1 
ATOM   880  C CH2   . TRP A 1 163 ? -7.592  2.277   -4.817  1.00 91.03  ? 163 TRP A CH2   1 
ATOM   881  N N     . VAL A 1 164 ? -15.308 -0.386  -5.792  1.00 99.78  ? 164 VAL A N     1 
ATOM   882  C CA    . VAL A 1 164 ? -16.532 -0.965  -5.232  1.00 100.67 ? 164 VAL A CA    1 
ATOM   883  C C     . VAL A 1 164 ? -16.345 -2.356  -4.642  1.00 99.12  ? 164 VAL A C     1 
ATOM   884  O O     . VAL A 1 164 ? -16.911 -2.666  -3.587  1.00 100.03 ? 164 VAL A O     1 
ATOM   885  C CB    . VAL A 1 164 ? -17.641 -1.051  -6.306  1.00 105.66 ? 164 VAL A CB    1 
ATOM   886  C CG1   . VAL A 1 164 ? -18.808 -1.916  -5.827  1.00 99.03  ? 164 VAL A CG1   1 
ATOM   887  C CG2   . VAL A 1 164 ? -18.126 0.348   -6.688  1.00 107.25 ? 164 VAL A CG2   1 
ATOM   888  N N     . GLY A 1 165 ? -15.570 -3.196  -5.318  1.00 95.56  ? 165 GLY A N     1 
ATOM   889  C CA    . GLY A 1 165 ? -15.336 -4.559  -4.833  1.00 101.88 ? 165 GLY A CA    1 
ATOM   890  C C     . GLY A 1 165 ? -14.075 -4.766  -4.003  1.00 98.13  ? 165 GLY A C     1 
ATOM   891  O O     . GLY A 1 165 ? -13.620 -5.884  -3.841  1.00 93.26  ? 165 GLY A O     1 
ATOM   892  N N     . GLU A 1 166 ? -13.524 -3.691  -3.461  1.00 92.75  ? 166 GLU A N     1 
ATOM   893  C CA    . GLU A 1 166 ? -12.259 -3.756  -2.747  1.00 83.09  ? 166 GLU A CA    1 
ATOM   894  C C     . GLU A 1 166 ? -12.391 -4.392  -1.361  1.00 80.22  ? 166 GLU A C     1 
ATOM   895  O O     . GLU A 1 166 ? -13.418 -4.288  -0.700  1.00 91.03  ? 166 GLU A O     1 
ATOM   896  C CB    . GLU A 1 166 ? -11.692 -2.345  -2.604  1.00 93.36  ? 166 GLU A CB    1 
ATOM   897  C CG    . GLU A 1 166 ? -10.321 -2.282  -1.948  1.00 90.13  ? 166 GLU A CG    1 
ATOM   898  C CD    . GLU A 1 166 ? -9.300  -3.063  -2.724  1.00 84.91  ? 166 GLU A CD    1 
ATOM   899  O OE1   . GLU A 1 166 ? -8.746  -2.477  -3.676  1.00 83.94  ? 166 GLU A OE1   1 
ATOM   900  O OE2   . GLU A 1 166 ? -9.060  -4.248  -2.387  1.00 87.62  ? 166 GLU A OE2   1 
ATOM   901  N N     . ASP A 1 167 ? -11.322 -5.034  -0.916  1.00 80.47  ? 167 ASP A N     1 
ATOM   902  C CA    . ASP A 1 167 ? -11.311 -5.691  0.373   1.00 80.15  ? 167 ASP A CA    1 
ATOM   903  C C     . ASP A 1 167 ? -11.233 -4.640  1.485   1.00 85.60  ? 167 ASP A C     1 
ATOM   904  O O     . ASP A 1 167 ? -10.208 -3.955  1.684   1.00 72.03  ? 167 ASP A O     1 
ATOM   905  C CB    . ASP A 1 167 ? -10.136 -6.674  0.455   1.00 83.38  ? 167 ASP A CB    1 
ATOM   906  C CG    . ASP A 1 167 ? -10.160 -7.529  1.726   1.00 86.12  ? 167 ASP A CG    1 
ATOM   907  O OD1   . ASP A 1 167 ? -10.234 -6.982  2.843   1.00 88.06  ? 167 ASP A OD1   1 
ATOM   908  O OD2   . ASP A 1 167 ? -10.088 -8.762  1.617   1.00 97.45  ? 167 ASP A OD2   1 
ATOM   909  N N     . VAL A 1 168 ? -12.319 -4.541  2.239   1.00 86.83  ? 168 VAL A N     1 
ATOM   910  C CA    . VAL A 1 168 ? -12.436 -3.548  3.302   1.00 84.18  ? 168 VAL A CA    1 
ATOM   911  C C     . VAL A 1 168 ? -11.332 -3.680  4.343   1.00 82.15  ? 168 VAL A C     1 
ATOM   912  O O     . VAL A 1 168 ? -10.716 -2.680  4.741   1.00 77.25  ? 168 VAL A O     1 
ATOM   913  C CB    . VAL A 1 168 ? -13.789 -3.644  4.016   1.00 91.31  ? 168 VAL A CB    1 
ATOM   914  C CG1   . VAL A 1 168 ? -14.268 -2.250  4.361   1.00 96.54  ? 168 VAL A CG1   1 
ATOM   915  C CG2   . VAL A 1 168 ? -14.823 -4.332  3.134   1.00 109.77 ? 168 VAL A CG2   1 
ATOM   916  N N     . TYR A 1 169 ? -11.077 -4.906  4.792   1.00 79.34  ? 169 TYR A N     1 
ATOM   917  C CA    . TYR A 1 169 ? -10.083 -5.123  5.852   1.00 74.94  ? 169 TYR A CA    1 
ATOM   918  C C     . TYR A 1 169 ? -8.694  -4.693  5.427   1.00 76.30  ? 169 TYR A C     1 
ATOM   919  O O     . TYR A 1 169 ? -8.018  -3.956  6.156   1.00 70.13  ? 169 TYR A O     1 
ATOM   920  C CB    . TYR A 1 169 ? -10.034 -6.570  6.282   1.00 67.30  ? 169 TYR A CB    1 
ATOM   921  C CG    . TYR A 1 169 ? -11.184 -6.987  7.172   1.00 72.72  ? 169 TYR A CG    1 
ATOM   922  C CD1   . TYR A 1 169 ? -10.958 -7.417  8.471   1.00 74.95  ? 169 TYR A CD1   1 
ATOM   923  C CD2   . TYR A 1 169 ? -12.494 -6.962  6.716   1.00 79.53  ? 169 TYR A CD2   1 
ATOM   924  C CE1   . TYR A 1 169 ? -12.003 -7.810  9.292   1.00 80.41  ? 169 TYR A CE1   1 
ATOM   925  C CE2   . TYR A 1 169 ? -13.547 -7.368  7.532   1.00 81.47  ? 169 TYR A CE2   1 
ATOM   926  C CZ    . TYR A 1 169 ? -13.289 -7.789  8.826   1.00 79.19  ? 169 TYR A CZ    1 
ATOM   927  O OH    . TYR A 1 169 ? -14.292 -8.203  9.671   1.00 86.27  ? 169 TYR A OH    1 
ATOM   928  N N     . LYS A 1 170 ? -8.287  -5.136  4.238   1.00 76.94  ? 170 LYS A N     1 
ATOM   929  C CA    . LYS A 1 170 ? -6.972  -4.811  3.685   1.00 76.75  ? 170 LYS A CA    1 
ATOM   930  C C     . LYS A 1 170 ? -6.793  -3.321  3.464   1.00 72.54  ? 170 LYS A C     1 
ATOM   931  O O     . LYS A 1 170 ? -5.724  -2.755  3.712   1.00 73.43  ? 170 LYS A O     1 
ATOM   932  C CB    . LYS A 1 170 ? -6.752  -5.571  2.376   1.00 85.18  ? 170 LYS A CB    1 
ATOM   933  C CG    . LYS A 1 170 ? -6.698  -7.081  2.579   1.00 95.38  ? 170 LYS A CG    1 
ATOM   934  C CD    . LYS A 1 170 ? -6.445  -7.822  1.275   1.00 105.01 ? 170 LYS A CD    1 
ATOM   935  C CE    . LYS A 1 170 ? -6.465  -9.326  1.518   1.00 106.98 ? 170 LYS A CE    1 
ATOM   936  N NZ    . LYS A 1 170 ? -6.015  -10.092 0.324   1.00 112.88 ? 170 LYS A NZ    1 
ATOM   937  N N     . LEU A 1 171 ? -7.862  -2.685  3.005   1.00 76.65  ? 171 LEU A N     1 
ATOM   938  C CA    . LEU A 1 171 ? -7.840  -1.272  2.714   1.00 66.25  ? 171 LEU A CA    1 
ATOM   939  C C     . LEU A 1 171 ? -7.740  -0.510  4.018   1.00 67.41  ? 171 LEU A C     1 
ATOM   940  O O     . LEU A 1 171 ? -7.076  0.547   4.072   1.00 72.76  ? 171 LEU A O     1 
ATOM   941  C CB    . LEU A 1 171 ? -9.111  -0.886  1.960   1.00 76.23  ? 171 LEU A CB    1 
ATOM   942  C CG    . LEU A 1 171 ? -9.170  0.496   1.302   1.00 82.10  ? 171 LEU A CG    1 
ATOM   943  C CD1   . LEU A 1 171 ? -8.152  0.589   0.185   1.00 81.54  ? 171 LEU A CD1   1 
ATOM   944  C CD2   . LEU A 1 171 ? -10.560 0.750   0.755   1.00 91.23  ? 171 LEU A CD2   1 
ATOM   945  N N     . THR A 1 172 ? -8.404  -1.029  5.063   1.00 64.45  ? 172 THR A N     1 
ATOM   946  C CA    . THR A 1 172 ? -8.317  -0.435  6.412   1.00 62.78  ? 172 THR A CA    1 
ATOM   947  C C     . THR A 1 172 ? -6.916  -0.574  6.982   1.00 69.68  ? 172 THR A C     1 
ATOM   948  O O     . THR A 1 172 ? -6.416  0.311   7.662   1.00 76.94  ? 172 THR A O     1 
ATOM   949  C CB    . THR A 1 172 ? -9.279  -1.092  7.388   1.00 61.67  ? 172 THR A CB    1 
ATOM   950  O OG1   . THR A 1 172 ? -10.605 -1.092  6.841   1.00 64.18  ? 172 THR A OG1   1 
ATOM   951  C CG2   . THR A 1 172 ? -9.269  -0.363  8.712   1.00 61.20  ? 172 THR A CG2   1 
ATOM   952  N N     . ARG A 1 173 ? -6.273  -1.694  6.670   1.00 76.64  ? 173 ARG A N     1 
ATOM   953  C CA    . ARG A 1 173 ? -4.935  -1.948  7.141   1.00 72.47  ? 173 ARG A CA    1 
ATOM   954  C C     . ARG A 1 173 ? -3.953  -0.976  6.527   1.00 73.45  ? 173 ARG A C     1 
ATOM   955  O O     . ARG A 1 173 ? -3.023  -0.504  7.193   1.00 80.08  ? 173 ARG A O     1 
ATOM   956  C CB    . ARG A 1 173 ? -4.549  -3.366  6.787   1.00 84.36  ? 173 ARG A CB    1 
ATOM   957  C CG    . ARG A 1 173 ? -3.142  -3.765  7.177   1.00 85.28  ? 173 ARG A CG    1 
ATOM   958  C CD    . ARG A 1 173 ? -3.144  -5.240  7.444   1.00 99.30  ? 173 ARG A CD    1 
ATOM   959  N NE    . ARG A 1 173 ? -1.897  -5.876  7.061   1.00 114.83 ? 173 ARG A NE    1 
ATOM   960  C CZ    . ARG A 1 173 ? -1.465  -7.022  7.573   1.00 122.52 ? 173 ARG A CZ    1 
ATOM   961  N NH1   . ARG A 1 173 ? -2.156  -7.643  8.537   1.00 119.59 ? 173 ARG A NH1   1 
ATOM   962  N NH2   . ARG A 1 173 ? -0.314  -7.526  7.145   1.00 122.74 ? 173 ARG A NH2   1 
ATOM   963  N N     . LEU A 1 174 ? -4.160  -0.664  5.256   1.00 69.83  ? 174 LEU A N     1 
ATOM   964  C CA    . LEU A 1 174 ? -3.287  0.290   4.576   1.00 66.85  ? 174 LEU A CA    1 
ATOM   965  C C     . LEU A 1 174 ? -3.416  1.681   5.172   1.00 69.75  ? 174 LEU A C     1 
ATOM   966  O O     . LEU A 1 174 ? -2.435  2.392   5.406   1.00 75.47  ? 174 LEU A O     1 
ATOM   967  C CB    . LEU A 1 174 ? -3.635  0.342   3.097   1.00 63.02  ? 174 LEU A CB    1 
ATOM   968  C CG    . LEU A 1 174 ? -2.875  1.393   2.308   1.00 63.16  ? 174 LEU A CG    1 
ATOM   969  C CD1   . LEU A 1 174 ? -1.369  1.173   2.386   1.00 65.65  ? 174 LEU A CD1   1 
ATOM   970  C CD2   . LEU A 1 174 ? -3.364  1.359   0.874   1.00 64.85  ? 174 LEU A CD2   1 
ATOM   971  N N     . VAL A 1 175 ? -4.656  2.065   5.412   1.00 77.83  ? 175 VAL A N     1 
ATOM   972  C CA    . VAL A 1 175 ? -4.948  3.351   6.017   1.00 75.29  ? 175 VAL A CA    1 
ATOM   973  C C     . VAL A 1 175 ? -4.371  3.471   7.421   1.00 69.09  ? 175 VAL A C     1 
ATOM   974  O O     . VAL A 1 175 ? -3.794  4.509   7.779   1.00 66.50  ? 175 VAL A O     1 
ATOM   975  C CB    . VAL A 1 175 ? -6.464  3.571   5.988   1.00 76.97  ? 175 VAL A CB    1 
ATOM   976  C CG1   . VAL A 1 175 ? -6.949  4.328   7.205   1.00 83.73  ? 175 VAL A CG1   1 
ATOM   977  C CG2   . VAL A 1 175 ? -6.801  4.301   4.703   1.00 83.40  ? 175 VAL A CG2   1 
ATOM   978  N N     . ARG A 1 176 ? -4.520  2.396   8.195   1.00 71.75  ? 176 ARG A N     1 
ATOM   979  C CA    . ARG A 1 176 ? -4.006  2.318   9.568   1.00 70.36  ? 176 ARG A CA    1 
ATOM   980  C C     . ARG A 1 176 ? -2.499  2.507   9.596   1.00 67.94  ? 176 ARG A C     1 
ATOM   981  O O     . ARG A 1 176 ? -1.988  3.265   10.408  1.00 70.63  ? 176 ARG A O     1 
ATOM   982  C CB    . ARG A 1 176 ? -4.356  0.975   10.182  1.00 80.24  ? 176 ARG A CB    1 
ATOM   983  C CG    . ARG A 1 176 ? -5.320  1.023   11.354  1.00 90.41  ? 176 ARG A CG    1 
ATOM   984  C CD    . ARG A 1 176 ? -5.798  -0.373  11.722  1.00 101.15 ? 176 ARG A CD    1 
ATOM   985  N NE    . ARG A 1 176 ? -6.472  -0.406  13.010  1.00 108.75 ? 176 ARG A NE    1 
ATOM   986  C CZ    . ARG A 1 176 ? -5.846  -0.346  14.177  1.00 116.19 ? 176 ARG A CZ    1 
ATOM   987  N NH1   . ARG A 1 176 ? -4.526  -0.264  14.237  1.00 132.54 ? 176 ARG A NH1   1 
ATOM   988  N NH2   . ARG A 1 176 ? -6.544  -0.366  15.297  1.00 122.20 ? 176 ARG A NH2   1 
ATOM   989  N N     . ALA A 1 177 ? -1.803  1.835   8.678   1.00 65.82  ? 177 ALA A N     1 
ATOM   990  C CA    . ALA A 1 177 ? -0.358  1.894   8.608   1.00 62.31  ? 177 ALA A CA    1 
ATOM   991  C C     . ALA A 1 177 ? 0.113   3.269   8.260   1.00 65.60  ? 177 ALA A C     1 
ATOM   992  O O     . ALA A 1 177 ? 1.059   3.789   8.894   1.00 65.32  ? 177 ALA A O     1 
ATOM   993  C CB    . ALA A 1 177 ? 0.153   0.897   7.589   1.00 65.13  ? 177 ALA A CB    1 
ATOM   994  N N     . LEU A 1 178 ? -0.544  3.868   7.259   1.00 70.33  ? 178 LEU A N     1 
ATOM   995  C CA    . LEU A 1 178 ? -0.201  5.243   6.817   1.00 65.96  ? 178 LEU A CA    1 
ATOM   996  C C     . LEU A 1 178 ? -0.341  6.217   7.980   1.00 72.97  ? 178 LEU A C     1 
ATOM   997  O O     . LEU A 1 178 ? 0.543   7.059   8.215   1.00 73.95  ? 178 LEU A O     1 
ATOM   998  C CB    . LEU A 1 178 ? -1.097  5.687   5.674   1.00 62.74  ? 178 LEU A CB    1 
ATOM   999  C CG    . LEU A 1 178 ? -0.704  5.119   4.314   1.00 66.73  ? 178 LEU A CG    1 
ATOM   1000 C CD1   . LEU A 1 178 ? -1.788  5.380   3.288   1.00 68.89  ? 178 LEU A CD1   1 
ATOM   1001 C CD2   . LEU A 1 178 ? 0.647   5.684   3.848   1.00 65.07  ? 178 LEU A CD2   1 
ATOM   1002 N N     . VAL A 1 179 ? -1.439  6.088   8.720   1.00 67.65  ? 179 VAL A N     1 
ATOM   1003 C CA    . VAL A 1 179 ? -1.665  6.939   9.888   1.00 78.52  ? 179 VAL A CA    1 
ATOM   1004 C C     . VAL A 1 179 ? -0.573  6.694   10.918  1.00 78.58  ? 179 VAL A C     1 
ATOM   1005 O O     . VAL A 1 179 ? -0.022  7.622   11.498  1.00 78.10  ? 179 VAL A O     1 
ATOM   1006 C CB    . VAL A 1 179 ? -3.063  6.695   10.540  1.00 75.01  ? 179 VAL A CB    1 
ATOM   1007 C CG1   . VAL A 1 179 ? -3.188  7.481   11.821  1.00 72.20  ? 179 VAL A CG1   1 
ATOM   1008 C CG2   . VAL A 1 179 ? -4.185  7.109   9.608   1.00 76.22  ? 179 VAL A CG2   1 
ATOM   1009 N N     . ALA A 1 180 ? -0.275  5.424   11.154  1.00 83.73  ? 180 ALA A N     1 
ATOM   1010 C CA    . ALA A 1 180 ? 0.710   5.060   12.151  1.00 75.68  ? 180 ALA A CA    1 
ATOM   1011 C C     . ALA A 1 180 ? 2.068   5.676   11.815  1.00 71.53  ? 180 ALA A C     1 
ATOM   1012 O O     . ALA A 1 180 ? 2.866   5.933   12.700  1.00 72.68  ? 180 ALA A O     1 
ATOM   1013 C CB    . ALA A 1 180 ? 0.807   3.553   12.243  1.00 67.94  ? 180 ALA A CB    1 
ATOM   1014 N N     . LYS A 1 181 ? 2.313   5.931   10.538  1.00 68.93  ? 181 LYS A N     1 
ATOM   1015 C CA    . LYS A 1 181 ? 3.575   6.547   10.113  1.00 74.64  ? 181 LYS A CA    1 
ATOM   1016 C C     . LYS A 1 181 ? 3.466   8.069   9.887   1.00 76.95  ? 181 LYS A C     1 
ATOM   1017 O O     . LYS A 1 181 ? 4.357   8.692   9.281   1.00 75.02  ? 181 LYS A O     1 
ATOM   1018 C CB    . LYS A 1 181 ? 4.031   5.918   8.794   1.00 79.76  ? 181 LYS A CB    1 
ATOM   1019 C CG    . LYS A 1 181 ? 4.453   4.482   8.890   1.00 82.52  ? 181 LYS A CG    1 
ATOM   1020 C CD    . LYS A 1 181 ? 5.745   4.377   9.672   1.00 83.22  ? 181 LYS A CD    1 
ATOM   1021 C CE    . LYS A 1 181 ? 6.175   2.929   9.837   1.00 85.95  ? 181 LYS A CE    1 
ATOM   1022 N NZ    . LYS A 1 181 ? 7.481   2.917   10.546  1.00 86.80  ? 181 LYS A NZ    1 
ATOM   1023 N N     . GLY A 1 182 ? 2.354   8.655   10.310  1.00 75.57  ? 182 GLY A N     1 
ATOM   1024 C CA    . GLY A 1 182 ? 2.106   10.071  10.112  1.00 69.24  ? 182 GLY A CA    1 
ATOM   1025 C C     . GLY A 1 182 ? 1.849   10.537  8.692   1.00 74.59  ? 182 GLY A C     1 
ATOM   1026 O O     . GLY A 1 182 ? 2.016   11.709  8.406   1.00 86.00  ? 182 GLY A O     1 
ATOM   1027 N N     . ARG A 1 183 ? 1.435   9.655   7.788   1.00 80.86  ? 183 ARG A N     1 
ATOM   1028 C CA    . ARG A 1 183 ? 1.168   10.086  6.408   1.00 83.55  ? 183 ARG A CA    1 
ATOM   1029 C C     . ARG A 1 183 ? -0.296  10.456  6.256   1.00 85.61  ? 183 ARG A C     1 
ATOM   1030 O O     . ARG A 1 183 ? -1.033  9.823   5.477   1.00 76.65  ? 183 ARG A O     1 
ATOM   1031 C CB    . ARG A 1 183 ? 1.530   9.004   5.394   1.00 81.52  ? 183 ARG A CB    1 
ATOM   1032 C CG    . ARG A 1 183 ? 2.889   8.380   5.593   1.00 86.87  ? 183 ARG A CG    1 
ATOM   1033 C CD    . ARG A 1 183 ? 3.936   9.386   5.968   1.00 85.28  ? 183 ARG A CD    1 
ATOM   1034 N NE    . ARG A 1 183 ? 3.952   10.494  5.037   1.00 97.11  ? 183 ARG A NE    1 
ATOM   1035 C CZ    . ARG A 1 183 ? 4.398   11.711  5.327   1.00 87.08  ? 183 ARG A CZ    1 
ATOM   1036 N NH1   . ARG A 1 183 ? 4.856   11.988  6.543   1.00 71.39  ? 183 ARG A NH1   1 
ATOM   1037 N NH2   . ARG A 1 183 ? 4.396   12.642  4.386   1.00 86.44  ? 183 ARG A NH2   1 
ATOM   1038 N N     . ALA A 1 184 ? -0.686  11.514  6.972   1.00 82.79  ? 184 ALA A N     1 
ATOM   1039 C CA    . ALA A 1 184 ? -2.070  11.970  7.013   1.00 84.34  ? 184 ALA A CA    1 
ATOM   1040 C C     . ALA A 1 184 ? -2.630  12.204  5.615   1.00 80.24  ? 184 ALA A C     1 
ATOM   1041 O O     . ALA A 1 184 ? -3.705  11.698  5.271   1.00 80.58  ? 184 ALA A O     1 
ATOM   1042 C CB    . ALA A 1 184 ? -2.162  13.239  7.833   1.00 93.97  ? 184 ALA A CB    1 
ATOM   1043 N N     . ARG A 1 185 ? -1.896  12.964  4.813   1.00 78.60  ? 185 ARG A N     1 
ATOM   1044 C CA    . ARG A 1 185 ? -2.315  13.245  3.443   1.00 90.66  ? 185 ARG A CA    1 
ATOM   1045 C C     . ARG A 1 185 ? -2.540  11.970  2.655   1.00 86.37  ? 185 ARG A C     1 
ATOM   1046 O O     . ARG A 1 185 ? -3.592  11.784  2.024   1.00 86.25  ? 185 ARG A O     1 
ATOM   1047 C CB    . ARG A 1 185 ? -1.268  14.109  2.720   1.00 101.90 ? 185 ARG A CB    1 
ATOM   1048 C CG    . ARG A 1 185 ? -1.364  15.584  3.031   1.00 113.77 ? 185 ARG A CG    1 
ATOM   1049 C CD    . ARG A 1 185 ? -2.612  16.168  2.378   1.00 122.96 ? 185 ARG A CD    1 
ATOM   1050 N NE    . ARG A 1 185 ? -3.198  17.244  3.187   1.00 124.49 ? 185 ARG A NE    1 
ATOM   1051 C CZ    . ARG A 1 185 ? -4.490  17.555  3.209   1.00 117.89 ? 185 ARG A CZ    1 
ATOM   1052 N NH1   . ARG A 1 185 ? -5.377  16.879  2.475   1.00 108.05 ? 185 ARG A NH1   1 
ATOM   1053 N NH2   . ARG A 1 185 ? -4.895  18.556  3.975   1.00 124.03 ? 185 ARG A NH2   1 
ATOM   1054 N N     . ALA A 1 186 ? -1.531  11.101  2.676   1.00 85.38  ? 186 ALA A N     1 
ATOM   1055 C CA    . ALA A 1 186 ? -1.593  9.850   1.917   1.00 85.33  ? 186 ALA A CA    1 
ATOM   1056 C C     . ALA A 1 186 ? -2.830  9.058   2.317   1.00 75.45  ? 186 ALA A C     1 
ATOM   1057 O O     . ALA A 1 186 ? -3.573  8.579   1.467   1.00 66.59  ? 186 ALA A O     1 
ATOM   1058 C CB    . ALA A 1 186 ? -0.347  9.024   2.153   1.00 81.69  ? 186 ALA A CB    1 
ATOM   1059 N N     . ALA A 1 187 ? -3.049  8.949   3.623   1.00 67.85  ? 187 ALA A N     1 
ATOM   1060 C CA    . ALA A 1 187 ? -4.195  8.230   4.141   1.00 73.77  ? 187 ALA A CA    1 
ATOM   1061 C C     . ALA A 1 187 ? -5.471  8.810   3.552   1.00 77.75  ? 187 ALA A C     1 
ATOM   1062 O O     . ALA A 1 187 ? -6.354  8.074   3.095   1.00 77.96  ? 187 ALA A O     1 
ATOM   1063 C CB    . ALA A 1 187 ? -4.218  8.289   5.677   1.00 77.98  ? 187 ALA A CB    1 
ATOM   1064 N N     . TRP A 1 188 ? -5.544  10.139  3.541   1.00 88.32  ? 188 TRP A N     1 
ATOM   1065 C CA    . TRP A 1 188 ? -6.700  10.849  3.015   1.00 76.78  ? 188 TRP A CA    1 
ATOM   1066 C C     . TRP A 1 188 ? -6.947  10.613  1.528   1.00 73.58  ? 188 TRP A C     1 
ATOM   1067 O O     . TRP A 1 188 ? -8.095  10.484  1.111   1.00 77.13  ? 188 TRP A O     1 
ATOM   1068 C CB    . TRP A 1 188 ? -6.549  12.345  3.259   1.00 81.58  ? 188 TRP A CB    1 
ATOM   1069 C CG    . TRP A 1 188 ? -7.761  13.102  2.746   1.00 93.78  ? 188 TRP A CG    1 
ATOM   1070 C CD1   . TRP A 1 188 ? -7.818  13.913  1.652   1.00 90.77  ? 188 TRP A CD1   1 
ATOM   1071 C CD2   . TRP A 1 188 ? -9.102  13.061  3.279   1.00 91.40  ? 188 TRP A CD2   1 
ATOM   1072 N NE1   . TRP A 1 188 ? -9.092  14.384  1.483   1.00 95.06  ? 188 TRP A NE1   1 
ATOM   1073 C CE2   . TRP A 1 188 ? -9.896  13.885  2.468   1.00 85.98  ? 188 TRP A CE2   1 
ATOM   1074 C CE3   . TRP A 1 188 ? -9.703  12.403  4.363   1.00 97.40  ? 188 TRP A CE3   1 
ATOM   1075 C CZ2   . TRP A 1 188 ? -11.248 14.083  2.702   1.00 93.74  ? 188 TRP A CZ2   1 
ATOM   1076 C CZ3   . TRP A 1 188 ? -11.062 12.605  4.599   1.00 92.21  ? 188 TRP A CZ3   1 
ATOM   1077 C CH2   . TRP A 1 188 ? -11.811 13.440  3.776   1.00 94.65  ? 188 TRP A CH2   1 
ATOM   1078 N N     . ARG A 1 189 ? -5.883  10.587  0.735   1.00 70.38  ? 189 ARG A N     1 
ATOM   1079 C CA    . ARG A 1 189 ? -6.011  10.337  -0.697  1.00 78.56  ? 189 ARG A CA    1 
ATOM   1080 C C     . ARG A 1 189 ? -6.689  9.010   -0.926  1.00 84.00  ? 189 ARG A C     1 
ATOM   1081 O O     . ARG A 1 189 ? -7.592  8.900   -1.755  1.00 92.71  ? 189 ARG A O     1 
ATOM   1082 C CB    . ARG A 1 189 ? -4.632  10.303  -1.381  1.00 86.78  ? 189 ARG A CB    1 
ATOM   1083 C CG    . ARG A 1 189 ? -3.973  11.661  -1.582  1.00 93.10  ? 189 ARG A CG    1 
ATOM   1084 C CD    . ARG A 1 189 ? -4.536  12.414  -2.774  1.00 97.39  ? 189 ARG A CD    1 
ATOM   1085 N NE    . ARG A 1 189 ? -4.207  11.775  -4.054  1.00 100.11 ? 189 ARG A NE    1 
ATOM   1086 C CZ    . ARG A 1 189 ? -5.048  11.028  -4.784  1.00 100.93 ? 189 ARG A CZ    1 
ATOM   1087 N NH1   . ARG A 1 189 ? -6.302  10.789  -4.380  1.00 104.19 ? 189 ARG A NH1   1 
ATOM   1088 N NH2   . ARG A 1 189 ? -4.646  10.511  -5.935  1.00 84.54  ? 189 ARG A NH2   1 
ATOM   1089 N N     . VAL A 1 190 ? -6.242  7.999   -0.184  1.00 86.15  ? 190 VAL A N     1 
ATOM   1090 C CA    . VAL A 1 190 ? -6.777  6.651   -0.297  1.00 85.12  ? 190 VAL A CA    1 
ATOM   1091 C C     . VAL A 1 190 ? -8.253  6.611   0.071   1.00 85.82  ? 190 VAL A C     1 
ATOM   1092 O O     . VAL A 1 190 ? -9.067  6.071   -0.691  1.00 78.59  ? 190 VAL A O     1 
ATOM   1093 C CB    . VAL A 1 190 ? -6.023  5.663   0.621   1.00 86.40  ? 190 VAL A CB    1 
ATOM   1094 C CG1   . VAL A 1 190 ? -6.619  4.285   0.509   1.00 88.51  ? 190 VAL A CG1   1 
ATOM   1095 C CG2   . VAL A 1 190 ? -4.559  5.586   0.247   1.00 88.87  ? 190 VAL A CG2   1 
ATOM   1096 N N     . TYR A 1 191 ? -8.586  7.147   1.249   1.00 79.16  ? 191 TYR A N     1 
ATOM   1097 C CA    . TYR A 1 191 ? -9.961  7.140   1.729   1.00 76.61  ? 191 TYR A CA    1 
ATOM   1098 C C     . TYR A 1 191 ? -10.869 7.828   0.715   1.00 83.55  ? 191 TYR A C     1 
ATOM   1099 O O     . TYR A 1 191 ? -11.863 7.259   0.227   1.00 80.41  ? 191 TYR A O     1 
ATOM   1100 C CB    . TYR A 1 191 ? -10.044 7.842   3.063   1.00 76.17  ? 191 TYR A CB    1 
ATOM   1101 C CG    . TYR A 1 191 ? -11.466 8.018   3.578   1.00 83.01  ? 191 TYR A CG    1 
ATOM   1102 C CD1   . TYR A 1 191 ? -12.237 6.914   3.961   1.00 85.44  ? 191 TYR A CD1   1 
ATOM   1103 C CD2   . TYR A 1 191 ? -12.029 9.290   3.723   1.00 84.61  ? 191 TYR A CD2   1 
ATOM   1104 C CE1   . TYR A 1 191 ? -13.527 7.071   4.456   1.00 83.93  ? 191 TYR A CE1   1 
ATOM   1105 C CE2   . TYR A 1 191 ? -13.318 9.455   4.203   1.00 90.98  ? 191 TYR A CE2   1 
ATOM   1106 C CZ    . TYR A 1 191 ? -14.065 8.349   4.568   1.00 89.52  ? 191 TYR A CZ    1 
ATOM   1107 O OH    . TYR A 1 191 ? -15.337 8.548   5.048   1.00 83.83  ? 191 TYR A OH    1 
ATOM   1108 N N     . GLU A 1 192 ? -10.483 9.049   0.369   1.00 83.01  ? 192 GLU A N     1 
ATOM   1109 C CA    . GLU A 1 192 ? -11.238 9.863   -0.574  1.00 85.38  ? 192 GLU A CA    1 
ATOM   1110 C C     . GLU A 1 192 ? -11.420 9.160   -1.917  1.00 81.12  ? 192 GLU A C     1 
ATOM   1111 O O     . GLU A 1 192 ? -12.508 9.156   -2.477  1.00 85.55  ? 192 GLU A O     1 
ATOM   1112 C CB    . GLU A 1 192 ? -10.524 11.197  -0.750  1.00 93.27  ? 192 GLU A CB    1 
ATOM   1113 C CG    . GLU A 1 192 ? -10.995 12.081  -1.887  1.00 99.41  ? 192 GLU A CG    1 
ATOM   1114 C CD    . GLU A 1 192 ? -10.215 13.384  -1.909  1.00 104.80 ? 192 GLU A CD    1 
ATOM   1115 O OE1   . GLU A 1 192 ? -10.560 14.296  -1.136  1.00 103.59 ? 192 GLU A OE1   1 
ATOM   1116 O OE2   . GLU A 1 192 ? -9.235  13.486  -2.673  1.00 99.91  ? 192 GLU A OE2   1 
ATOM   1117 N N     . ALA A 1 193 ? -10.356 8.550   -2.420  1.00 78.68  ? 193 ALA A N     1 
ATOM   1118 C CA    . ALA A 1 193 ? -10.405 7.824   -3.688  1.00 72.84  ? 193 ALA A CA    1 
ATOM   1119 C C     . ALA A 1 193 ? -11.317 6.598   -3.683  1.00 75.05  ? 193 ALA A C     1 
ATOM   1120 O O     . ALA A 1 193 ? -12.186 6.461   -4.547  1.00 85.53  ? 193 ALA A O     1 
ATOM   1121 C CB    . ALA A 1 193 ? -9.005  7.416   -4.101  1.00 73.81  ? 193 ALA A CB    1 
ATOM   1122 N N     . ALA A 1 194 ? -11.119 5.709   -2.714  1.00 78.90  ? 194 ALA A N     1 
ATOM   1123 C CA    . ALA A 1 194 ? -11.829 4.436   -2.677  1.00 73.75  ? 194 ALA A CA    1 
ATOM   1124 C C     . ALA A 1 194 ? -13.206 4.518   -2.073  1.00 75.22  ? 194 ALA A C     1 
ATOM   1125 O O     . ALA A 1 194 ? -14.117 3.805   -2.494  1.00 79.64  ? 194 ALA A O     1 
ATOM   1126 C CB    . ALA A 1 194 ? -11.019 3.408   -1.910  1.00 80.93  ? 194 ALA A CB    1 
ATOM   1127 N N     . VAL A 1 195 ? -13.370 5.349   -1.053  1.00 78.56  ? 195 VAL A N     1 
ATOM   1128 C CA    . VAL A 1 195 ? -14.647 5.387   -0.346  1.00 85.53  ? 195 VAL A CA    1 
ATOM   1129 C C     . VAL A 1 195 ? -15.510 6.549   -0.815  1.00 86.06  ? 195 VAL A C     1 
ATOM   1130 O O     . VAL A 1 195 ? -16.629 6.347   -1.251  1.00 94.51  ? 195 VAL A O     1 
ATOM   1131 C CB    . VAL A 1 195 ? -14.455 5.518   1.168   1.00 87.52  ? 195 VAL A CB    1 
ATOM   1132 C CG1   . VAL A 1 195 ? -15.765 5.250   1.881   1.00 96.81  ? 195 VAL A CG1   1 
ATOM   1133 C CG2   . VAL A 1 195 ? -13.404 4.538   1.647   1.00 87.37  ? 195 VAL A CG2   1 
ATOM   1134 N N     . ARG A 1 196 ? -14.989 7.760   -0.709  1.00 84.71  ? 196 ARG A N     1 
ATOM   1135 C CA    . ARG A 1 196 ? -15.739 8.949   -1.085  1.00 86.63  ? 196 ARG A CA    1 
ATOM   1136 C C     . ARG A 1 196 ? -16.199 8.923   -2.538  1.00 91.21  ? 196 ARG A C     1 
ATOM   1137 O O     . ARG A 1 196 ? -17.369 9.145   -2.805  1.00 100.09 ? 196 ARG A O     1 
ATOM   1138 C CB    . ARG A 1 196 ? -14.917 10.198  -0.836  1.00 82.37  ? 196 ARG A CB    1 
ATOM   1139 C CG    . ARG A 1 196 ? -14.809 10.543  0.622   1.00 86.41  ? 196 ARG A CG    1 
ATOM   1140 C CD    . ARG A 1 196 ? -14.826 12.037  0.811   1.00 98.51  ? 196 ARG A CD    1 
ATOM   1141 N NE    . ARG A 1 196 ? -15.697 12.400  1.915   1.00 97.04  ? 196 ARG A NE    1 
ATOM   1142 C CZ    . ARG A 1 196 ? -16.074 13.638  2.193   1.00 97.58  ? 196 ARG A CZ    1 
ATOM   1143 N NH1   . ARG A 1 196 ? -16.873 13.875  3.236   1.00 111.44 ? 196 ARG A NH1   1 
ATOM   1144 N NH2   . ARG A 1 196 ? -15.637 14.644  1.453   1.00 99.45  ? 196 ARG A NH2   1 
ATOM   1145 N N     . LYS A 1 197 ? -15.294 8.645   -3.467  1.00 89.75  ? 197 LYS A N     1 
ATOM   1146 C CA    . LYS A 1 197 ? -15.646 8.624   -4.876  1.00 91.46  ? 197 LYS A CA    1 
ATOM   1147 C C     . LYS A 1 197 ? -15.794 7.195   -5.397  1.00 97.73  ? 197 LYS A C     1 
ATOM   1148 O O     . LYS A 1 197 ? -16.789 6.845   -6.042  1.00 100.15 ? 197 LYS A O     1 
ATOM   1149 C CB    . LYS A 1 197 ? -14.584 9.350   -5.681  1.00 95.13  ? 197 LYS A CB    1 
ATOM   1150 C CG    . LYS A 1 197 ? -14.272 10.747  -5.198  1.00 100.54 ? 197 LYS A CG    1 
ATOM   1151 C CD    . LYS A 1 197 ? -13.088 11.283  -6.004  1.00 116.46 ? 197 LYS A CD    1 
ATOM   1152 C CE    . LYS A 1 197 ? -12.639 12.665  -5.542  1.00 121.71 ? 197 LYS A CE    1 
ATOM   1153 N NZ    . LYS A 1 197 ? -13.788 13.604  -5.449  1.00 125.72 ? 197 LYS A NZ    1 
ATOM   1154 N N     . GLY A 1 198 ? -14.801 6.365   -5.116  1.00 98.05  ? 198 GLY A N     1 
ATOM   1155 C CA    . GLY A 1 198 ? -14.803 4.994   -5.619  1.00 92.66  ? 198 GLY A CA    1 
ATOM   1156 C C     . GLY A 1 198 ? -16.056 4.216   -5.252  1.00 87.26  ? 198 GLY A C     1 
ATOM   1157 O O     . GLY A 1 198 ? -16.326 3.168   -5.833  1.00 79.13  ? 198 GLY A O     1 
ATOM   1158 N N     . GLY A 1 199 ? -16.808 4.713   -4.270  1.00 89.05  ? 199 GLY A N     1 
ATOM   1159 C CA    . GLY A 1 199 ? -18.004 4.022   -3.780  1.00 94.63  ? 199 GLY A CA    1 
ATOM   1160 C C     . GLY A 1 199 ? -17.761 2.647   -3.161  1.00 95.59  ? 199 GLY A C     1 
ATOM   1161 O O     . GLY A 1 199 ? -18.562 1.741   -3.340  1.00 96.81  ? 199 GLY A O     1 
ATOM   1162 N N     . CYS A 1 200 ? -16.648 2.483   -2.448  1.00 98.52  ? 200 CYS A N     1 
ATOM   1163 C CA    . CYS A 1 200 ? -16.362 1.234   -1.735  1.00 84.89  ? 200 CYS A CA    1 
ATOM   1164 C C     . CYS A 1 200 ? -17.038 1.274   -0.368  1.00 88.75  ? 200 CYS A C     1 
ATOM   1165 O O     . CYS A 1 200 ? -16.779 2.179   0.436   1.00 97.10  ? 200 CYS A O     1 
ATOM   1166 C CB    . CYS A 1 200 ? -14.863 1.066   -1.550  1.00 85.75  ? 200 CYS A CB    1 
ATOM   1167 S SG    . CYS A 1 200 ? -14.410 -0.434  -0.636  1.00 82.90  ? 200 CYS A SG    1 
ATOM   1168 N N     . GLU A 1 201 ? -17.932 0.332   -0.111  1.00 88.75  ? 201 GLU A N     1 
ATOM   1169 C CA    . GLU A 1 201 ? -18.689 0.366   1.132   1.00 89.56  ? 201 GLU A CA    1 
ATOM   1170 C C     . GLU A 1 201 ? -17.871 -0.187  2.267   1.00 85.23  ? 201 GLU A C     1 
ATOM   1171 O O     . GLU A 1 201 ? -17.492 -1.345  2.261   1.00 91.38  ? 201 GLU A O     1 
ATOM   1172 C CB    . GLU A 1 201 ? -20.008 -0.382  0.999   1.00 96.03  ? 201 GLU A CB    1 
ATOM   1173 C CG    . GLU A 1 201 ? -21.025 0.404   0.192   1.00 107.31 ? 201 GLU A CG    1 
ATOM   1174 C CD    . GLU A 1 201 ? -22.246 -0.419  -0.169  1.00 114.71 ? 201 GLU A CD    1 
ATOM   1175 O OE1   . GLU A 1 201 ? -22.936 -0.054  -1.143  1.00 121.72 ? 201 GLU A OE1   1 
ATOM   1176 O OE2   . GLU A 1 201 ? -22.510 -1.431  0.518   1.00 119.61 ? 201 GLU A OE2   1 
ATOM   1177 N N     . VAL A 1 202 ? -17.605 0.663   3.247   1.00 80.13  ? 202 VAL A N     1 
ATOM   1178 C CA    . VAL A 1 202 ? -16.793 0.307   4.379   1.00 73.68  ? 202 VAL A CA    1 
ATOM   1179 C C     . VAL A 1 202 ? -17.692 0.210   5.606   1.00 80.49  ? 202 VAL A C     1 
ATOM   1180 O O     . VAL A 1 202 ? -18.913 0.255   5.470   1.00 80.09  ? 202 VAL A O     1 
ATOM   1181 C CB    . VAL A 1 202 ? -15.696 1.359   4.629   1.00 78.28  ? 202 VAL A CB    1 
ATOM   1182 C CG1   . VAL A 1 202 ? -14.803 1.520   3.407   1.00 79.31  ? 202 VAL A CG1   1 
ATOM   1183 C CG2   . VAL A 1 202 ? -16.301 2.691   5.049   1.00 80.40  ? 202 VAL A CG2   1 
ATOM   1184 N N     . ASP A 1 203 ? -17.097 0.095   6.795   1.00 78.92  ? 203 ASP A N     1 
ATOM   1185 C CA    . ASP A 1 203 ? -17.865 -0.022  8.028   1.00 77.71  ? 203 ASP A CA    1 
ATOM   1186 C C     . ASP A 1 203 ? -17.421 0.986   9.091   1.00 73.37  ? 203 ASP A C     1 
ATOM   1187 O O     . ASP A 1 203 ? -16.523 1.799   8.879   1.00 74.09  ? 203 ASP A O     1 
ATOM   1188 C CB    . ASP A 1 203 ? -17.765 -1.449  8.580   1.00 76.19  ? 203 ASP A CB    1 
ATOM   1189 C CG    . ASP A 1 203 ? -16.331 -1.909  8.798   1.00 77.43  ? 203 ASP A CG    1 
ATOM   1190 O OD1   . ASP A 1 203 ? -15.376 -1.129  8.554   1.00 77.36  ? 203 ASP A OD1   1 
ATOM   1191 O OD2   . ASP A 1 203 ? -16.151 -3.085  9.186   1.00 78.08  ? 203 ASP A OD2   1 
ATOM   1192 N N     . GLU A 1 204 ? -18.049 0.897   10.251  1.00 69.89  ? 204 GLU A N     1 
ATOM   1193 C CA    . GLU A 1 204 ? -17.754 1.794   11.352  1.00 73.85  ? 204 GLU A CA    1 
ATOM   1194 C C     . GLU A 1 204 ? -16.268 1.756   11.736  1.00 74.39  ? 204 GLU A C     1 
ATOM   1195 O O     . GLU A 1 204 ? -15.659 2.783   11.995  1.00 87.00  ? 204 GLU A O     1 
ATOM   1196 C CB    . GLU A 1 204 ? -18.634 1.434   12.551  1.00 70.82  ? 204 GLU A CB    1 
ATOM   1197 C CG    . GLU A 1 204 ? -20.090 1.813   12.352  1.00 69.83  ? 204 GLU A CG    1 
ATOM   1198 C CD    . GLU A 1 204 ? -21.042 0.980   13.195  1.00 82.96  ? 204 GLU A CD    1 
ATOM   1199 O OE1   . GLU A 1 204 ? -21.112 -0.240  12.951  1.00 89.07  ? 204 GLU A OE1   1 
ATOM   1200 O OE2   . GLU A 1 204 ? -21.735 1.539   14.092  1.00 78.09  ? 204 GLU A OE2   1 
ATOM   1201 N N     . TYR A 1 205 ? -15.695 0.569   11.763  1.00 73.44  ? 205 TYR A N     1 
ATOM   1202 C CA    . TYR A 1 205 ? -14.295 0.376   12.131  1.00 70.79  ? 205 TYR A CA    1 
ATOM   1203 C C     . TYR A 1 205 ? -13.422 1.256   11.251  1.00 66.59  ? 205 TYR A C     1 
ATOM   1204 O O     . TYR A 1 205 ? -12.581 1.983   11.747  1.00 66.94  ? 205 TYR A O     1 
ATOM   1205 C CB    . TYR A 1 205 ? -13.955 -1.113  11.940  1.00 76.96  ? 205 TYR A CB    1 
ATOM   1206 C CG    . TYR A 1 205 ? -12.606 -1.590  12.462  1.00 70.82  ? 205 TYR A CG    1 
ATOM   1207 C CD1   . TYR A 1 205 ? -12.537 -2.526  13.487  1.00 75.57  ? 205 TYR A CD1   1 
ATOM   1208 C CD2   . TYR A 1 205 ? -11.414 -1.144  11.917  1.00 68.73  ? 205 TYR A CD2   1 
ATOM   1209 C CE1   . TYR A 1 205 ? -11.321 -2.969  13.994  1.00 70.47  ? 205 TYR A CE1   1 
ATOM   1210 C CE2   . TYR A 1 205 ? -10.187 -1.598  12.394  1.00 71.09  ? 205 TYR A CE2   1 
ATOM   1211 C CZ    . TYR A 1 205 ? -10.149 -2.513  13.441  1.00 75.45  ? 205 TYR A CZ    1 
ATOM   1212 O OH    . TYR A 1 205 ? -8.948  -2.996  13.932  1.00 75.90  ? 205 TYR A OH    1 
ATOM   1213 N N     . MET A 1 206 ? -13.646 1.199   9.936   1.00 65.92  ? 206 MET A N     1 
ATOM   1214 C CA    . MET A 1 206 ? -12.909 2.042   8.971   1.00 69.01  ? 206 MET A CA    1 
ATOM   1215 C C     . MET A 1 206 ? -13.051 3.546   9.260   1.00 69.60  ? 206 MET A C     1 
ATOM   1216 O O     . MET A 1 206 ? -12.054 4.280   9.301   1.00 74.72  ? 206 MET A O     1 
ATOM   1217 C CB    . MET A 1 206 ? -13.359 1.728   7.538   1.00 68.43  ? 206 MET A CB    1 
ATOM   1218 C CG    . MET A 1 206 ? -12.879 2.708   6.470   1.00 72.71  ? 206 MET A CG    1 
ATOM   1219 S SD    . MET A 1 206 ? -11.079 2.925   6.309   1.00 73.51  ? 206 MET A SD    1 
ATOM   1220 C CE    . MET A 1 206 ? -10.868 2.062   4.771   1.00 77.90  ? 206 MET A CE    1 
ATOM   1221 N N     . TYR A 1 207 ? -14.286 3.992   9.467   1.00 64.57  ? 207 TYR A N     1 
ATOM   1222 C CA    . TYR A 1 207 ? -14.560 5.394   9.785   1.00 71.71  ? 207 TYR A CA    1 
ATOM   1223 C C     . TYR A 1 207 ? -13.833 5.858   11.027  1.00 68.39  ? 207 TYR A C     1 
ATOM   1224 O O     . TYR A 1 207 ? -13.094 6.844   10.987  1.00 64.29  ? 207 TYR A O     1 
ATOM   1225 C CB    . TYR A 1 207 ? -16.067 5.644   9.938   1.00 77.10  ? 207 TYR A CB    1 
ATOM   1226 C CG    . TYR A 1 207 ? -16.846 5.513   8.634   1.00 69.52  ? 207 TYR A CG    1 
ATOM   1227 C CD1   . TYR A 1 207 ? -16.547 6.325   7.537   1.00 67.37  ? 207 TYR A CD1   1 
ATOM   1228 C CD2   . TYR A 1 207 ? -17.862 4.568   8.493   1.00 69.66  ? 207 TYR A CD2   1 
ATOM   1229 C CE1   . TYR A 1 207 ? -17.256 6.225   6.335   1.00 66.47  ? 207 TYR A CE1   1 
ATOM   1230 C CE2   . TYR A 1 207 ? -18.575 4.462   7.297   1.00 72.85  ? 207 TYR A CE2   1 
ATOM   1231 C CZ    . TYR A 1 207 ? -18.264 5.299   6.227   1.00 67.46  ? 207 TYR A CZ    1 
ATOM   1232 O OH    . TYR A 1 207 ? -18.927 5.191   5.035   1.00 66.46  ? 207 TYR A OH    1 
ATOM   1233 N N     . ARG A 1 208 ? -14.012 5.121   12.116  1.00 71.60  ? 208 ARG A N     1 
ATOM   1234 C CA    . ARG A 1 208 ? -13.344 5.445   13.399  1.00 79.74  ? 208 ARG A CA    1 
ATOM   1235 C C     . ARG A 1 208 ? -11.844 5.547   13.264  1.00 77.01  ? 208 ARG A C     1 
ATOM   1236 O O     . ARG A 1 208 ? -11.201 6.420   13.845  1.00 82.33  ? 208 ARG A O     1 
ATOM   1237 C CB    . ARG A 1 208 ? -13.696 4.419   14.488  1.00 84.92  ? 208 ARG A CB    1 
ATOM   1238 C CG    . ARG A 1 208 ? -15.211 4.259   14.690  1.00 103.63 ? 208 ARG A CG    1 
ATOM   1239 C CD    . ARG A 1 208 ? -15.941 5.581   14.941  1.00 99.97  ? 208 ARG A CD    1 
ATOM   1240 N NE    . ARG A 1 208 ? -16.199 5.778   16.360  1.00 102.66 ? 208 ARG A NE    1 
ATOM   1241 C CZ    . ARG A 1 208 ? -17.215 5.222   17.014  1.00 107.15 ? 208 ARG A CZ    1 
ATOM   1242 N NH1   . ARG A 1 208 ? -18.081 4.437   16.368  1.00 113.67 ? 208 ARG A NH1   1 
ATOM   1243 N NH2   . ARG A 1 208 ? -17.368 5.461   18.313  1.00 94.90  ? 208 ARG A NH2   1 
ATOM   1244 N N     . VAL A 1 209 ? -11.282 4.652   12.471  1.00 79.59  ? 209 VAL A N     1 
ATOM   1245 C CA    . VAL A 1 209 ? -9.862  4.669   12.235  1.00 78.75  ? 209 VAL A CA    1 
ATOM   1246 C C     . VAL A 1 209 ? -9.458  5.970   11.580  1.00 68.30  ? 209 VAL A C     1 
ATOM   1247 O O     . VAL A 1 209 ? -8.512  6.615   12.020  1.00 66.23  ? 209 VAL A O     1 
ATOM   1248 C CB    . VAL A 1 209 ? -9.443  3.454   11.408  1.00 81.08  ? 209 VAL A CB    1 
ATOM   1249 C CG1   . VAL A 1 209 ? -8.029  3.637   10.839  1.00 74.01  ? 209 VAL A CG1   1 
ATOM   1250 C CG2   . VAL A 1 209 ? -9.552  2.219   12.313  1.00 81.33  ? 209 VAL A CG2   1 
ATOM   1251 N N     . MET A 1 210 ? -10.200 6.354   10.550  1.00 70.92  ? 210 MET A N     1 
ATOM   1252 C CA    . MET A 1 210 ? -9.917  7.598   9.820   1.00 70.87  ? 210 MET A CA    1 
ATOM   1253 C C     . MET A 1 210 ? -10.140 8.841   10.693  1.00 70.25  ? 210 MET A C     1 
ATOM   1254 O O     . MET A 1 210 ? -9.238  9.673   10.841  1.00 67.74  ? 210 MET A O     1 
ATOM   1255 C CB    . MET A 1 210 ? -10.781 7.673   8.579   1.00 69.41  ? 210 MET A CB    1 
ATOM   1256 C CG    . MET A 1 210 ? -10.264 6.846   7.414   1.00 73.94  ? 210 MET A CG    1 
ATOM   1257 S SD    . MET A 1 210 ? -8.620  7.366   6.913   1.00 76.72  ? 210 MET A SD    1 
ATOM   1258 C CE    . MET A 1 210 ? -8.879  8.985   6.229   1.00 78.47  ? 210 MET A CE    1 
ATOM   1259 N N     . ALA A 1 211 ? -11.326 8.956   11.284  1.00 65.41  ? 211 ALA A N     1 
ATOM   1260 C CA    . ALA A 1 211 ? -11.646 10.125  12.096  1.00 72.61  ? 211 ALA A CA    1 
ATOM   1261 C C     . ALA A 1 211 ? -10.586 10.402  13.154  1.00 79.40  ? 211 ALA A C     1 
ATOM   1262 O O     . ALA A 1 211 ? -10.080 11.542  13.284  1.00 82.35  ? 211 ALA A O     1 
ATOM   1263 C CB    . ALA A 1 211 ? -13.019 9.969   12.734  1.00 73.34  ? 211 ALA A CB    1 
ATOM   1264 N N     . LYS A 1 212 ? -10.236 9.350   13.886  1.00 81.78  ? 212 LYS A N     1 
ATOM   1265 C CA    . LYS A 1 212 ? -9.238  9.437   14.950  1.00 78.21  ? 212 LYS A CA    1 
ATOM   1266 C C     . LYS A 1 212 ? -7.877  9.716   14.362  1.00 65.18  ? 212 LYS A C     1 
ATOM   1267 O O     . LYS A 1 212 ? -7.094  10.440  14.922  1.00 66.73  ? 212 LYS A O     1 
ATOM   1268 C CB    . LYS A 1 212 ? -9.228  8.144   15.758  1.00 83.51  ? 212 LYS A CB    1 
ATOM   1269 C CG    . LYS A 1 212 ? -8.607  8.268   17.139  1.00 98.43  ? 212 LYS A CG    1 
ATOM   1270 C CD    . LYS A 1 212 ? -8.977  7.073   18.009  1.00 110.21 ? 212 LYS A CD    1 
ATOM   1271 C CE    . LYS A 1 212 ? -10.467 7.044   18.338  1.00 116.70 ? 212 LYS A CE    1 
ATOM   1272 N NZ    . LYS A 1 212 ? -10.864 5.778   19.020  1.00 121.55 ? 212 LYS A NZ    1 
ATOM   1273 N N     . GLY A 1 213 ? -7.623  9.172   13.193  1.00 67.67  ? 213 GLY A N     1 
ATOM   1274 C CA    . GLY A 1 213 ? -6.339  9.358   12.537  1.00 73.08  ? 213 GLY A CA    1 
ATOM   1275 C C     . GLY A 1 213 ? -6.113  10.771  12.083  1.00 75.05  ? 213 GLY A C     1 
ATOM   1276 O O     . GLY A 1 213 ? -5.085  11.357  12.389  1.00 68.87  ? 213 GLY A O     1 
ATOM   1277 N N     . MET A 1 214 ? -7.092  11.314  11.359  1.00 85.63  ? 214 MET A N     1 
ATOM   1278 C CA    . MET A 1 214 ? -7.038  12.687  10.875  1.00 78.30  ? 214 MET A CA    1 
ATOM   1279 C C     . MET A 1 214 ? -6.961  13.660  12.054  1.00 81.18  ? 214 MET A C     1 
ATOM   1280 O O     . MET A 1 214 ? -6.151  14.592  12.043  1.00 82.70  ? 214 MET A O     1 
ATOM   1281 C CB    . MET A 1 214 ? -8.270  12.989  10.036  1.00 76.69  ? 214 MET A CB    1 
ATOM   1282 C CG    . MET A 1 214 ? -8.435  12.111  8.794   1.00 75.95  ? 214 MET A CG    1 
ATOM   1283 S SD    . MET A 1 214 ? -7.106  12.332  7.608   1.00 80.30  ? 214 MET A SD    1 
ATOM   1284 C CE    . MET A 1 214 ? -6.074  10.934  8.015   1.00 99.09  ? 214 MET A CE    1 
ATOM   1285 N N     . LYS A 1 215 ? -7.793  13.441  13.068  1.00 77.48  ? 215 LYS A N     1 
ATOM   1286 C CA    . LYS A 1 215 ? -7.799  14.312  14.255  1.00 86.42  ? 215 LYS A CA    1 
ATOM   1287 C C     . LYS A 1 215 ? -6.436  14.434  14.862  1.00 79.65  ? 215 LYS A C     1 
ATOM   1288 O O     . LYS A 1 215 ? -5.841  15.494  14.848  1.00 87.81  ? 215 LYS A O     1 
ATOM   1289 C CB    . LYS A 1 215 ? -8.770  13.819  15.331  1.00 98.17  ? 215 LYS A CB    1 
ATOM   1290 C CG    . LYS A 1 215 ? -9.909  14.791  15.593  1.00 112.31 ? 215 LYS A CG    1 
ATOM   1291 C CD    . LYS A 1 215 ? -9.398  16.040  16.304  1.00 119.97 ? 215 LYS A CD    1 
ATOM   1292 C CE    . LYS A 1 215 ? -10.502 17.093  16.456  1.00 119.50 ? 215 LYS A CE    1 
ATOM   1293 N NZ    . LYS A 1 215 ? -10.876 17.719  15.149  1.00 120.46 ? 215 LYS A NZ    1 
ATOM   1294 N N     . ARG A 1 216 ? -5.922  13.323  15.366  1.00 97.09  ? 216 ARG A N     1 
ATOM   1295 C CA    . ARG A 1 216 ? -4.641  13.313  16.064  1.00 104.91 ? 216 ARG A CA    1 
ATOM   1296 C C     . ARG A 1 216 ? -3.466  13.682  15.166  1.00 91.35  ? 216 ARG A C     1 
ATOM   1297 O O     . ARG A 1 216 ? -2.404  14.057  15.657  1.00 81.18  ? 216 ARG A O     1 
ATOM   1298 C CB    . ARG A 1 216 ? -4.421  11.964  16.747  1.00 113.21 ? 216 ARG A CB    1 
ATOM   1299 C CG    . ARG A 1 216 ? -4.280  10.807  15.792  1.00 124.14 ? 216 ARG A CG    1 
ATOM   1300 C CD    . ARG A 1 216 ? -2.836  10.611  15.369  1.00 139.67 ? 216 ARG A CD    1 
ATOM   1301 N NE    . ARG A 1 216 ? -1.963  10.407  16.516  1.00 141.88 ? 216 ARG A NE    1 
ATOM   1302 C CZ    . ARG A 1 216 ? -1.882  9.277   17.206  1.00 154.21 ? 216 ARG A CZ    1 
ATOM   1303 N NH1   . ARG A 1 216 ? -2.626  8.228   16.879  1.00 170.59 ? 216 ARG A NH1   1 
ATOM   1304 N NH2   . ARG A 1 216 ? -1.053  9.192   18.236  1.00 165.14 ? 216 ARG A NH2   1 
ATOM   1305 N N     . LEU A 1 217 ? -3.656  13.604  13.858  1.00 87.40  ? 217 LEU A N     1 
ATOM   1306 C CA    . LEU A 1 217 ? -2.593  13.963  12.925  1.00 85.63  ? 217 LEU A CA    1 
ATOM   1307 C C     . LEU A 1 217 ? -2.669  15.415  12.455  1.00 90.94  ? 217 LEU A C     1 
ATOM   1308 O O     . LEU A 1 217 ? -1.851  15.850  11.635  1.00 86.36  ? 217 LEU A O     1 
ATOM   1309 C CB    . LEU A 1 217 ? -2.598  13.033  11.703  1.00 91.05  ? 217 LEU A CB    1 
ATOM   1310 C CG    . LEU A 1 217 ? -1.670  11.815  11.799  1.00 97.48  ? 217 LEU A CG    1 
ATOM   1311 C CD1   . LEU A 1 217 ? -1.687  11.016  10.492  1.00 104.22 ? 217 LEU A CD1   1 
ATOM   1312 C CD2   . LEU A 1 217 ? -0.242  12.203  12.151  1.00 92.00  ? 217 LEU A CD2   1 
ATOM   1313 N N     . GLY A 1 218 ? -3.662  16.156  12.940  1.00 85.00  ? 218 GLY A N     1 
ATOM   1314 C CA    . GLY A 1 218 ? -3.804  17.570  12.604  1.00 87.88  ? 218 GLY A CA    1 
ATOM   1315 C C     . GLY A 1 218 ? -4.541  17.954  11.313  1.00 93.98  ? 218 GLY A C     1 
ATOM   1316 O O     . GLY A 1 218 ? -4.485  19.106  10.917  1.00 102.58 ? 218 GLY A O     1 
ATOM   1317 N N     . LEU A 1 219 ? -5.204  17.023  10.633  1.00 93.20  ? 219 LEU A N     1 
ATOM   1318 C CA    . LEU A 1 219 ? -6.115  17.387  9.547   1.00 88.84  ? 219 LEU A CA    1 
ATOM   1319 C C     . LEU A 1 219 ? -7.524  17.404  10.121  1.00 86.39  ? 219 LEU A C     1 
ATOM   1320 O O     . LEU A 1 219 ? -8.258  16.430  9.977   1.00 89.70  ? 219 LEU A O     1 
ATOM   1321 C CB    . LEU A 1 219 ? -6.017  16.401  8.373   1.00 90.87  ? 219 LEU A CB    1 
ATOM   1322 C CG    . LEU A 1 219 ? -4.649  16.227  7.694   1.00 94.48  ? 219 LEU A CG    1 
ATOM   1323 C CD1   . LEU A 1 219 ? -4.772  15.260  6.524   1.00 91.90  ? 219 LEU A CD1   1 
ATOM   1324 C CD2   . LEU A 1 219 ? -4.083  17.538  7.185   1.00 105.29 ? 219 LEU A CD2   1 
ATOM   1325 N N     . ASP A 1 220 ? -7.885  18.499  10.801  1.00 97.62  ? 220 ASP A N     1 
ATOM   1326 C CA    . ASP A 1 220 ? -9.184  18.607  11.511  1.00 91.88  ? 220 ASP A CA    1 
ATOM   1327 C C     . ASP A 1 220 ? -10.293 18.804  10.506  1.00 87.85  ? 220 ASP A C     1 
ATOM   1328 O O     . ASP A 1 220 ? -11.438 18.389  10.712  1.00 84.67  ? 220 ASP A O     1 
ATOM   1329 C CB    . ASP A 1 220 ? -9.163  19.752  12.514  1.00 93.31  ? 220 ASP A CB    1 
ATOM   1330 C CG    . ASP A 1 220 ? -8.029  19.621  13.531  1.00 99.47  ? 220 ASP A CG    1 
ATOM   1331 O OD1   . ASP A 1 220 ? -8.040  18.679  14.351  1.00 103.83 ? 220 ASP A OD1   1 
ATOM   1332 O OD2   . ASP A 1 220 ? -7.117  20.462  13.512  1.00 106.78 ? 220 ASP A OD2   1 
ATOM   1333 N N     . GLU A 1 221 ? -9.932  19.430  9.398   1.00 89.15  ? 221 GLU A N     1 
ATOM   1334 C CA    . GLU A 1 221 ? -10.849 19.640  8.300   1.00 96.04  ? 221 GLU A CA    1 
ATOM   1335 C C     . GLU A 1 221 ? -11.414 18.302  7.815   1.00 95.33  ? 221 GLU A C     1 
ATOM   1336 O O     . GLU A 1 221 ? -12.631 18.105  7.805   1.00 91.29  ? 221 GLU A O     1 
ATOM   1337 C CB    . GLU A 1 221 ? -10.114 20.374  7.168   1.00 114.10 ? 221 GLU A CB    1 
ATOM   1338 C CG    . GLU A 1 221 ? -10.813 20.323  5.818   1.00 126.37 ? 221 GLU A CG    1 
ATOM   1339 C CD    . GLU A 1 221 ? -12.141 21.041  5.830   1.00 137.09 ? 221 GLU A CD    1 
ATOM   1340 O OE1   . GLU A 1 221 ? -12.106 22.264  5.594   1.00 145.23 ? 221 GLU A OE1   1 
ATOM   1341 O OE2   . GLU A 1 221 ? -13.203 20.390  6.047   1.00 137.30 ? 221 GLU A OE2   1 
ATOM   1342 N N     . GLU A 1 222 ? -10.512 17.395  7.425   1.00 93.75  ? 222 GLU A N     1 
ATOM   1343 C CA    . GLU A 1 222 ? -10.875 16.097  6.868   1.00 83.90  ? 222 GLU A CA    1 
ATOM   1344 C C     . GLU A 1 222 ? -11.515 15.191  7.912   1.00 77.79  ? 222 GLU A C     1 
ATOM   1345 O O     . GLU A 1 222 ? -12.404 14.400  7.606   1.00 75.40  ? 222 GLU A O     1 
ATOM   1346 C CB    . GLU A 1 222 ? -9.651  15.415  6.255   1.00 84.61  ? 222 GLU A CB    1 
ATOM   1347 C CG    . GLU A 1 222 ? -9.050  16.159  5.058   1.00 87.41  ? 222 GLU A CG    1 
ATOM   1348 C CD    . GLU A 1 222 ? -8.078  17.262  5.452   1.00 84.71  ? 222 GLU A CD    1 
ATOM   1349 O OE1   . GLU A 1 222 ? -8.210  17.858  6.539   1.00 88.68  ? 222 GLU A OE1   1 
ATOM   1350 O OE2   . GLU A 1 222 ? -7.152  17.539  4.669   1.00 93.32  ? 222 GLU A OE2   1 
ATOM   1351 N N     . ALA A 1 223 ? -11.084 15.338  9.154   1.00 75.30  ? 223 ALA A N     1 
ATOM   1352 C CA    . ALA A 1 223 ? -11.652 14.555  10.251  1.00 73.34  ? 223 ALA A CA    1 
ATOM   1353 C C     . ALA A 1 223 ? -13.150 14.755  10.296  1.00 77.86  ? 223 ALA A C     1 
ATOM   1354 O O     . ALA A 1 223 ? -13.916 13.789  10.401  1.00 75.84  ? 223 ALA A O     1 
ATOM   1355 C CB    . ALA A 1 223 ? -11.004 14.941  11.590  1.00 72.08  ? 223 ALA A CB    1 
ATOM   1356 N N     . ALA A 1 224 ? -13.557 16.021  10.191  1.00 89.75  ? 224 ALA A N     1 
ATOM   1357 C CA    . ALA A 1 224 ? -14.969 16.405  10.238  1.00 83.27  ? 224 ALA A CA    1 
ATOM   1358 C C     . ALA A 1 224 ? -15.754 15.774  9.098   1.00 75.81  ? 224 ALA A C     1 
ATOM   1359 O O     . ALA A 1 224 ? -16.907 15.379  9.279   1.00 75.83  ? 224 ALA A O     1 
ATOM   1360 C CB    . ALA A 1 224 ? -15.102 17.915  10.193  1.00 83.85  ? 224 ALA A CB    1 
ATOM   1361 N N     . GLU A 1 225 ? -15.121 15.660  7.936   1.00 74.20  ? 225 GLU A N     1 
ATOM   1362 C CA    . GLU A 1 225 ? -15.785 15.079  6.752   1.00 79.53  ? 225 GLU A CA    1 
ATOM   1363 C C     . GLU A 1 225 ? -16.026 13.590  6.946   1.00 85.55  ? 225 GLU A C     1 
ATOM   1364 O O     . GLU A 1 225 ? -17.082 13.060  6.531   1.00 81.14  ? 225 GLU A O     1 
ATOM   1365 C CB    . GLU A 1 225 ? -14.973 15.321  5.482   1.00 78.61  ? 225 GLU A CB    1 
ATOM   1366 C CG    . GLU A 1 225 ? -14.470 16.753  5.350   1.00 91.96  ? 225 GLU A CG    1 
ATOM   1367 C CD    . GLU A 1 225 ? -13.863 17.058  3.992   1.00 102.37 ? 225 GLU A CD    1 
ATOM   1368 O OE1   . GLU A 1 225 ? -14.568 16.865  2.975   1.00 90.36  ? 225 GLU A OE1   1 
ATOM   1369 O OE2   . GLU A 1 225 ? -12.674 17.482  3.949   1.00 108.91 ? 225 GLU A OE2   1 
ATOM   1370 N N     . VAL A 1 226 ? -15.065 12.929  7.600   1.00 82.93  ? 226 VAL A N     1 
ATOM   1371 C CA    . VAL A 1 226 ? -15.161 11.493  7.863   1.00 82.17  ? 226 VAL A CA    1 
ATOM   1372 C C     . VAL A 1 226 ? -16.319 11.266  8.815   1.00 78.57  ? 226 VAL A C     1 
ATOM   1373 O O     . VAL A 1 226 ? -17.148 10.382  8.597   1.00 79.85  ? 226 VAL A O     1 
ATOM   1374 C CB    . VAL A 1 226 ? -13.859 10.919  8.460   1.00 83.37  ? 226 VAL A CB    1 
ATOM   1375 C CG1   . VAL A 1 226 ? -13.986 9.420   8.666   1.00 91.08  ? 226 VAL A CG1   1 
ATOM   1376 C CG2   . VAL A 1 226 ? -12.665 11.200  7.552   1.00 79.77  ? 226 VAL A CG2   1 
ATOM   1377 N N     . GLU A 1 227 ? -16.392 12.097  9.849   1.00 78.07  ? 227 GLU A N     1 
ATOM   1378 C CA    . GLU A 1 227 ? -17.476 12.013  10.824  1.00 74.53  ? 227 GLU A CA    1 
ATOM   1379 C C     . GLU A 1 227 ? -18.826 12.188  10.152  1.00 75.87  ? 227 GLU A C     1 
ATOM   1380 O O     . GLU A 1 227 ? -19.802 11.542  10.528  1.00 79.91  ? 227 GLU A O     1 
ATOM   1381 C CB    . GLU A 1 227 ? -17.297 13.053  11.906  1.00 75.32  ? 227 GLU A CB    1 
ATOM   1382 C CG    . GLU A 1 227 ? -16.087 12.824  12.796  1.00 84.81  ? 227 GLU A CG    1 
ATOM   1383 C CD    . GLU A 1 227 ? -16.074 13.762  13.985  1.00 88.78  ? 227 GLU A CD    1 
ATOM   1384 O OE1   . GLU A 1 227 ? -16.225 14.981  13.789  1.00 113.78 ? 227 GLU A OE1   1 
ATOM   1385 O OE2   . GLU A 1 227 ? -15.927 13.294  15.120  1.00 86.93  ? 227 GLU A OE2   1 
ATOM   1386 N N     . ALA A 1 228 ? -18.860 13.057  9.150   1.00 79.92  ? 228 ALA A N     1 
ATOM   1387 C CA    . ALA A 1 228 ? -20.064 13.297  8.362   1.00 84.82  ? 228 ALA A CA    1 
ATOM   1388 C C     . ALA A 1 228 ? -20.412 12.059  7.554   1.00 82.35  ? 228 ALA A C     1 
ATOM   1389 O O     . ALA A 1 228 ? -21.565 11.617  7.573   1.00 83.02  ? 228 ALA A O     1 
ATOM   1390 C CB    . ALA A 1 228 ? -19.865 14.494  7.440   1.00 82.54  ? 228 ALA A CB    1 
ATOM   1391 N N     . ASP A 1 229 ? -19.413 11.498  6.865   1.00 81.98  ? 229 ASP A N     1 
ATOM   1392 C CA    . ASP A 1 229 ? -19.598 10.232  6.129   1.00 83.45  ? 229 ASP A CA    1 
ATOM   1393 C C     . ASP A 1 229 ? -20.136 9.128   7.049   1.00 87.85  ? 229 ASP A C     1 
ATOM   1394 O O     . ASP A 1 229 ? -21.071 8.365   6.677   1.00 73.80  ? 229 ASP A O     1 
ATOM   1395 C CB    . ASP A 1 229 ? -18.280 9.755   5.523   1.00 84.18  ? 229 ASP A CB    1 
ATOM   1396 C CG    . ASP A 1 229 ? -17.825 10.616  4.386   1.00 86.89  ? 229 ASP A CG    1 
ATOM   1397 O OD1   . ASP A 1 229 ? -18.596 10.784  3.438   1.00 94.78  ? 229 ASP A OD1   1 
ATOM   1398 O OD2   . ASP A 1 229 ? -16.694 11.119  4.423   1.00 92.34  ? 229 ASP A OD2   1 
ATOM   1399 N N     . LEU A 1 230 ? -19.552 9.066   8.251   1.00 71.36  ? 230 LEU A N     1 
ATOM   1400 C CA    . LEU A 1 230 ? -19.986 8.127   9.256   1.00 72.38  ? 230 LEU A CA    1 
ATOM   1401 C C     . LEU A 1 230 ? -21.427 8.403   9.665   1.00 74.90  ? 230 LEU A C     1 
ATOM   1402 O O     . LEU A 1 230 ? -22.228 7.476   9.838   1.00 75.40  ? 230 LEU A O     1 
ATOM   1403 C CB    . LEU A 1 230 ? -19.053 8.190   10.479  1.00 75.17  ? 230 LEU A CB    1 
ATOM   1404 C CG    . LEU A 1 230 ? -19.488 7.389   11.715  1.00 74.30  ? 230 LEU A CG    1 
ATOM   1405 C CD1   . LEU A 1 230 ? -19.567 5.899   11.448  1.00 73.17  ? 230 LEU A CD1   1 
ATOM   1406 C CD2   . LEU A 1 230 ? -18.504 7.640   12.836  1.00 74.01  ? 230 LEU A CD2   1 
ATOM   1407 N N     . ALA A 1 231 ? -21.746 9.687   9.829   1.00 85.30  ? 231 ALA A N     1 
ATOM   1408 C CA    . ALA A 1 231 ? -23.106 10.117  10.218  1.00 80.74  ? 231 ALA A CA    1 
ATOM   1409 C C     . ALA A 1 231 ? -24.134 9.663   9.211   1.00 78.59  ? 231 ALA A C     1 
ATOM   1410 O O     . ALA A 1 231 ? -25.222 9.201   9.567   1.00 76.33  ? 231 ALA A O     1 
ATOM   1411 C CB    . ALA A 1 231 ? -23.173 11.627  10.378  1.00 78.94  ? 231 ALA A CB    1 
ATOM   1412 N N     . ASP A 1 232 ? -23.765 9.775   7.949   1.00 77.60  ? 232 ASP A N     1 
ATOM   1413 C CA    . ASP A 1 232 ? -24.629 9.349   6.875   1.00 92.67  ? 232 ASP A CA    1 
ATOM   1414 C C     . ASP A 1 232 ? -24.825 7.836   6.947   1.00 91.45  ? 232 ASP A C     1 
ATOM   1415 O O     . ASP A 1 232 ? -25.953 7.324   6.796   1.00 91.78  ? 232 ASP A O     1 
ATOM   1416 C CB    . ASP A 1 232 ? -24.006 9.755   5.538   1.00 103.25 ? 232 ASP A CB    1 
ATOM   1417 C CG    . ASP A 1 232 ? -25.028 9.895   4.454   1.00 123.10 ? 232 ASP A CG    1 
ATOM   1418 O OD1   . ASP A 1 232 ? -25.676 8.882   4.067   1.00 124.82 ? 232 ASP A OD1   1 
ATOM   1419 O OD2   . ASP A 1 232 ? -25.176 11.038  3.984   1.00 137.20 ? 232 ASP A OD2   1 
ATOM   1420 N N     . TRP A 1 233 ? -23.715 7.129   7.180   1.00 87.74  ? 233 TRP A N     1 
ATOM   1421 C CA    . TRP A 1 233 ? -23.728 5.668   7.277   1.00 81.40  ? 233 TRP A CA    1 
ATOM   1422 C C     . TRP A 1 233 ? -24.664 5.232   8.377   1.00 82.01  ? 233 TRP A C     1 
ATOM   1423 O O     . TRP A 1 233 ? -25.568 4.410   8.160   1.00 77.34  ? 233 TRP A O     1 
ATOM   1424 C CB    . TRP A 1 233 ? -22.314 5.151   7.552   1.00 85.51  ? 233 TRP A CB    1 
ATOM   1425 C CG    . TRP A 1 233 ? -22.174 3.668   7.439   1.00 79.43  ? 233 TRP A CG    1 
ATOM   1426 C CD1   . TRP A 1 233 ? -21.737 2.959   6.348   1.00 77.17  ? 233 TRP A CD1   1 
ATOM   1427 C CD2   . TRP A 1 233 ? -22.480 2.695   8.451   1.00 78.41  ? 233 TRP A CD2   1 
ATOM   1428 N NE1   . TRP A 1 233 ? -21.768 1.612   6.621   1.00 75.12  ? 233 TRP A NE1   1 
ATOM   1429 C CE2   . TRP A 1 233 ? -22.206 1.425   7.907   1.00 76.85  ? 233 TRP A CE2   1 
ATOM   1430 C CE3   . TRP A 1 233 ? -22.958 2.774   9.764   1.00 78.38  ? 233 TRP A CE3   1 
ATOM   1431 C CZ2   . TRP A 1 233 ? -22.388 0.247   8.638   1.00 76.57  ? 233 TRP A CZ2   1 
ATOM   1432 C CZ3   . TRP A 1 233 ? -23.130 1.595   10.484  1.00 77.09  ? 233 TRP A CZ3   1 
ATOM   1433 C CH2   . TRP A 1 233 ? -22.851 0.358   9.920   1.00 77.03  ? 233 TRP A CH2   1 
ATOM   1434 N N     . GLU A 1 234 ? -24.459 5.823   9.553   1.00 77.38  ? 234 GLU A N     1 
ATOM   1435 C CA    . GLU A 1 234 ? -25.292 5.542   10.718  1.00 80.21  ? 234 GLU A CA    1 
ATOM   1436 C C     . GLU A 1 234 ? -26.761 5.817   10.435  1.00 81.26  ? 234 GLU A C     1 
ATOM   1437 O O     . GLU A 1 234 ? -27.640 5.072   10.846  1.00 79.02  ? 234 GLU A O     1 
ATOM   1438 C CB    . GLU A 1 234 ? -24.820 6.372   11.923  1.00 78.50  ? 234 GLU A CB    1 
ATOM   1439 C CG    . GLU A 1 234 ? -23.449 5.994   12.468  1.00 81.53  ? 234 GLU A CG    1 
ATOM   1440 C CD    . GLU A 1 234 ? -23.392 4.595   13.089  1.00 78.12  ? 234 GLU A CD    1 
ATOM   1441 O OE1   . GLU A 1 234 ? -24.412 3.875   13.072  1.00 79.70  ? 234 GLU A OE1   1 
ATOM   1442 O OE2   . GLU A 1 234 ? -22.323 4.217   13.617  1.00 75.37  ? 234 GLU A OE2   1 
ATOM   1443 N N     . ALA A 1 235 ? -27.011 6.891   9.694   1.00 87.75  ? 235 ALA A N     1 
ATOM   1444 C CA    . ALA A 1 235 ? -28.367 7.295   9.365   1.00 90.56  ? 235 ALA A CA    1 
ATOM   1445 C C     . ALA A 1 235 ? -29.085 6.255   8.513   1.00 88.41  ? 235 ALA A C     1 
ATOM   1446 O O     . ALA A 1 235 ? -30.303 6.291   8.395   1.00 89.30  ? 235 ALA A O     1 
ATOM   1447 C CB    . ALA A 1 235 ? -28.350 8.638   8.659   1.00 91.25  ? 235 ALA A CB    1 
ATOM   1448 N N     . ARG A 1 236 ? -28.346 5.301   7.954   1.00 93.86  ? 236 ARG A N     1 
ATOM   1449 C CA    . ARG A 1 236 ? -28.962 4.274   7.116   1.00 87.06  ? 236 ARG A CA    1 
ATOM   1450 C C     . ARG A 1 236 ? -28.916 2.874   7.697   1.00 90.45  ? 236 ARG A C     1 
ATOM   1451 O O     . ARG A 1 236 ? -29.637 1.981   7.223   1.00 90.53  ? 236 ARG A O     1 
ATOM   1452 C CB    . ARG A 1 236 ? -28.299 4.261   5.765   1.00 88.51  ? 236 ARG A CB    1 
ATOM   1453 C CG    . ARG A 1 236 ? -28.325 5.611   5.055   1.00 102.09 ? 236 ARG A CG    1 
ATOM   1454 C CD    . ARG A 1 236 ? -27.504 5.589   3.767   1.00 105.82 ? 236 ARG A CD    1 
ATOM   1455 N NE    . ARG A 1 236 ? -26.174 4.993   3.979   1.00 111.40 ? 236 ARG A NE    1 
ATOM   1456 C CZ    . ARG A 1 236 ? -25.046 5.422   3.417   1.00 113.74 ? 236 ARG A CZ    1 
ATOM   1457 N NH1   . ARG A 1 236 ? -23.895 4.812   3.686   1.00 98.76  ? 236 ARG A NH1   1 
ATOM   1458 N NH2   . ARG A 1 236 ? -25.051 6.461   2.594   1.00 126.47 ? 236 ARG A NH2   1 
ATOM   1459 N N     . HIS A 1 237 ? -28.089 2.662   8.715   1.00 85.39  ? 237 HIS A N     1 
ATOM   1460 C CA    . HIS A 1 237 ? -28.007 1.324   9.330   1.00 88.80  ? 237 HIS A CA    1 
ATOM   1461 C C     . HIS A 1 237 ? -28.582 1.263   10.727  1.00 83.20  ? 237 HIS A C     1 
ATOM   1462 O O     . HIS A 1 237 ? -28.995 0.194   11.209  1.00 98.90  ? 237 HIS A O     1 
ATOM   1463 C CB    . HIS A 1 237 ? -26.548 0.821   9.321   1.00 91.80  ? 237 HIS A CB    1 
ATOM   1464 C CG    . HIS A 1 237 ? -25.964 0.723   7.945   1.00 84.86  ? 237 HIS A CG    1 
ATOM   1465 N ND1   . HIS A 1 237 ? -25.486 1.822   7.270   1.00 96.24  ? 237 HIS A ND1   1 
ATOM   1466 C CD2   . HIS A 1 237 ? -25.824 -0.325  7.100   1.00 91.28  ? 237 HIS A CD2   1 
ATOM   1467 C CE1   . HIS A 1 237 ? -25.059 1.456   6.076   1.00 93.88  ? 237 HIS A CE1   1 
ATOM   1468 N NE2   . HIS A 1 237 ? -25.257 0.158   5.946   1.00 97.16  ? 237 HIS A NE2   1 
ATOM   1469 N N     . LEU A 1 238 ? -28.609 2.407   11.384  1.00 88.98  ? 238 LEU A N     1 
ATOM   1470 C CA    . LEU A 1 238 ? -29.051 2.432   12.749  1.00 98.78  ? 238 LEU A CA    1 
ATOM   1471 C C     . LEU A 1 238 ? -30.545 2.153   12.630  1.00 109.08 ? 238 LEU A C     1 
ATOM   1472 O O     . LEU A 1 238 ? -31.166 2.672   11.713  1.00 119.01 ? 238 LEU A O     1 
ATOM   1473 C CB    . LEU A 1 238 ? -28.678 3.768   13.405  1.00 95.25  ? 238 LEU A CB    1 
ATOM   1474 C CG    . LEU A 1 238 ? -27.912 3.698   14.746  1.00 97.87  ? 238 LEU A CG    1 
ATOM   1475 C CD1   . LEU A 1 238 ? -26.869 2.581   14.853  1.00 88.57  ? 238 LEU A CD1   1 
ATOM   1476 C CD2   . LEU A 1 238 ? -27.277 5.061   15.006  1.00 99.47  ? 238 LEU A CD2   1 
ATOM   1477 N N     . PRO A 1 239 ? -31.081 1.203   13.429  1.00 124.81 ? 239 PRO A N     1 
ATOM   1478 C CA    . PRO A 1 239 ? -32.518 1.005   13.542  1.00 128.64 ? 239 PRO A CA    1 
ATOM   1479 C C     . PRO A 1 239 ? -33.119 2.329   13.961  1.00 137.37 ? 239 PRO A C     1 
ATOM   1480 O O     . PRO A 1 239 ? -32.764 2.855   15.014  1.00 129.49 ? 239 PRO A O     1 
ATOM   1481 C CB    . PRO A 1 239 ? -32.655 -0.081  14.633  1.00 126.55 ? 239 PRO A CB    1 
ATOM   1482 C CG    . PRO A 1 239 ? -31.266 -0.407  15.083  1.00 121.77 ? 239 PRO A CG    1 
ATOM   1483 C CD    . PRO A 1 239 ? -30.353 0.057   13.986  1.00 125.77 ? 239 PRO A CD    1 
ATOM   1484 N N     . ASP A 1 240 ? -33.970 2.866   13.087  1.00 156.66 ? 240 ASP A N     1 
ATOM   1485 C CA    . ASP A 1 240 ? -34.563 4.242   13.151  1.00 162.14 ? 240 ASP A CA    1 
ATOM   1486 C C     . ASP A 1 240 ? -35.555 4.610   14.287  1.00 165.51 ? 240 ASP A C     1 
ATOM   1487 O O     . ASP A 1 240 ? -35.402 5.641   14.947  1.00 162.18 ? 240 ASP A O     1 
ATOM   1488 C CB    . ASP A 1 240 ? -35.292 4.510   11.830  1.00 165.30 ? 240 ASP A CB    1 
ATOM   1489 C CG    . ASP A 1 240 ? -36.270 3.403   11.477  1.00 166.17 ? 240 ASP A CG    1 
ATOM   1490 O OD1   . ASP A 1 240 ? -35.813 2.232   11.376  1.00 158.05 ? 240 ASP A OD1   1 
ATOM   1491 O OD2   . ASP A 1 240 ? -37.483 3.704   11.342  1.00 161.01 ? 240 ASP A OD2   1 
ATOM   1492 N N     . GLU A 1 241 ? -36.606 3.815   14.469  1.00 162.13 ? 241 GLU A N     1 
ATOM   1493 C CA    . GLU A 1 241 ? -37.600 4.087   15.499  1.00 157.03 ? 241 GLU A CA    1 
ATOM   1494 C C     . GLU A 1 241 ? -37.866 2.816   16.293  1.00 147.31 ? 241 GLU A C     1 
ATOM   1495 O O     . GLU A 1 241 ? -37.922 2.834   17.520  1.00 145.05 ? 241 GLU A O     1 
ATOM   1496 C CB    . GLU A 1 241 ? -38.897 4.599   14.869  1.00 161.15 ? 241 GLU A CB    1 
ATOM   1497 C CG    . GLU A 1 241 ? -38.723 5.804   13.951  1.00 162.96 ? 241 GLU A CG    1 
ATOM   1498 C CD    . GLU A 1 241 ? -39.970 6.112   13.155  1.00 153.90 ? 241 GLU A CD    1 
ATOM   1499 O OE1   . GLU A 1 241 ? -41.005 6.434   13.770  1.00 150.07 ? 241 GLU A OE1   1 
ATOM   1500 O OE2   . GLU A 1 241 ? -39.911 6.037   11.912  1.00 137.48 ? 241 GLU A OE2   1 
ATOM   1501 P P     . A   B 2 5   ? -5.803  -9.145  13.671  1.00 168.17 ? 5   A   B P     1 
ATOM   1502 O OP1   . A   B 2 5   ? -6.076  -10.386 14.448  1.00 168.45 ? 5   A   B OP1   1 
ATOM   1503 O OP2   . A   B 2 5   ? -6.160  -7.842  14.271  1.00 151.12 ? 5   A   B OP2   1 
ATOM   1504 O "O5'" . A   B 2 5   ? -6.473  -9.211  12.222  1.00 142.04 ? 5   A   B "O5'" 1 
ATOM   1505 C "C5'" . A   B 2 5   ? -6.041  -10.163 11.217  1.00 144.92 ? 5   A   B "C5'" 1 
ATOM   1506 C "C4'" . A   B 2 5   ? -7.232  -10.835 10.554  1.00 155.36 ? 5   A   B "C4'" 1 
ATOM   1507 O "O4'" . A   B 2 5   ? -8.120  -11.323 11.586  1.00 167.17 ? 5   A   B "O4'" 1 
ATOM   1508 C "C3'" . A   B 2 5   ? -8.104  -9.967  9.645   1.00 149.20 ? 5   A   B "C3'" 1 
ATOM   1509 O "O3'" . A   B 2 5   ? -7.769  -10.071 8.250   1.00 141.25 ? 5   A   B "O3'" 1 
ATOM   1510 C "C2'" . A   B 2 5   ? -9.509  -10.571 9.783   1.00 139.63 ? 5   A   B "C2'" 1 
ATOM   1511 O "O2'" . A   B 2 5   ? -9.862  -11.470 8.749   1.00 115.62 ? 5   A   B "O2'" 1 
ATOM   1512 C "C1'" . A   B 2 5   ? -9.451  -11.327 11.112  1.00 145.71 ? 5   A   B "C1'" 1 
ATOM   1513 N N9    . A   B 2 5   ? -10.322 -10.817 12.175  1.00 142.00 ? 5   A   B N9    1 
ATOM   1514 C C8    . A   B 2 5   ? -11.560 -11.297 12.526  1.00 142.36 ? 5   A   B C8    1 
ATOM   1515 N N7    . A   B 2 5   ? -12.098 -10.676 13.546  1.00 126.94 ? 5   A   B N7    1 
ATOM   1516 C C5    . A   B 2 5   ? -11.143 -9.738  13.906  1.00 128.87 ? 5   A   B C5    1 
ATOM   1517 C C6    . A   B 2 5   ? -11.114 -8.763  14.918  1.00 147.55 ? 5   A   B C6    1 
ATOM   1518 N N6    . A   B 2 5   ? -12.105 -8.575  15.789  1.00 155.66 ? 5   A   B N6    1 
ATOM   1519 N N1    . A   B 2 5   ? -10.026 -7.964  14.991  1.00 139.52 ? 5   A   B N1    1 
ATOM   1520 C C2    . A   B 2 5   ? -9.031  -8.159  14.119  1.00 135.40 ? 5   A   B C2    1 
ATOM   1521 N N3    . A   B 2 5   ? -8.941  -9.044  13.123  1.00 139.19 ? 5   A   B N3    1 
ATOM   1522 C C4    . A   B 2 5   ? -10.045 -9.811  13.071  1.00 137.22 ? 5   A   B C4    1 
ATOM   1523 P P     . G   B 2 6   ? -6.509  -9.262  7.589   1.00 159.30 ? 6   G   B P     1 
ATOM   1524 O OP1   . G   B 2 6   ? -6.666  -9.223  6.103   1.00 129.51 ? 6   G   B OP1   1 
ATOM   1525 O OP2   . G   B 2 6   ? -5.253  -9.762  8.204   1.00 165.47 ? 6   G   B OP2   1 
ATOM   1526 O "O5'" . G   B 2 6   ? -6.734  -7.750  8.026   1.00 151.11 ? 6   G   B "O5'" 1 
ATOM   1527 C "C5'" . G   B 2 6   ? -6.147  -7.233  9.230   1.00 125.47 ? 6   G   B "C5'" 1 
ATOM   1528 C "C4'" . G   B 2 6   ? -6.613  -5.824  9.429   1.00 103.55 ? 6   G   B "C4'" 1 
ATOM   1529 O "O4'" . G   B 2 6   ? -8.040  -5.772  9.248   1.00 89.54  ? 6   G   B "O4'" 1 
ATOM   1530 C "C3'" . G   B 2 6   ? -6.414  -5.237  10.809  1.00 100.02 ? 6   G   B "C3'" 1 
ATOM   1531 O "O3'" . G   B 2 6   ? -5.126  -4.659  10.808  1.00 110.42 ? 6   G   B "O3'" 1 
ATOM   1532 C "C2'" . G   B 2 6   ? -7.449  -4.115  10.842  1.00 96.18  ? 6   G   B "C2'" 1 
ATOM   1533 O "O2'" . G   B 2 6   ? -6.914  -2.935  10.291  1.00 96.32  ? 6   G   B "O2'" 1 
ATOM   1534 C "C1'" . G   B 2 6   ? -8.527  -4.614  9.877   1.00 90.42  ? 6   G   B "C1'" 1 
ATOM   1535 N N9    . G   B 2 6   ? -9.819  -4.932  10.467  1.00 80.69  ? 6   G   B N9    1 
ATOM   1536 C C8    . G   B 2 6   ? -10.089 -5.848  11.455  1.00 72.76  ? 6   G   B C8    1 
ATOM   1537 N N7    . G   B 2 6   ? -11.359 -5.920  11.750  1.00 76.11  ? 6   G   B N7    1 
ATOM   1538 C C5    . G   B 2 6   ? -11.962 -5.002  10.902  1.00 76.37  ? 6   G   B C5    1 
ATOM   1539 C C6    . G   B 2 6   ? -13.321 -4.633  10.767  1.00 72.71  ? 6   G   B C6    1 
ATOM   1540 O O6    . G   B 2 6   ? -14.299 -5.077  11.376  1.00 75.28  ? 6   G   B O6    1 
ATOM   1541 N N1    . G   B 2 6   ? -13.494 -3.659  9.790   1.00 70.02  ? 6   G   B N1    1 
ATOM   1542 C C2    . G   B 2 6   ? -12.483 -3.078  9.068   1.00 77.69  ? 6   G   B C2    1 
ATOM   1543 N N2    . G   B 2 6   ? -12.847 -2.145  8.180   1.00 80.69  ? 6   G   B N2    1 
ATOM   1544 N N3    . G   B 2 6   ? -11.210 -3.413  9.183   1.00 78.34  ? 6   G   B N3    1 
ATOM   1545 C C4    . G   B 2 6   ? -11.025 -4.381  10.107  1.00 82.99  ? 6   G   B C4    1 
ATOM   1546 P P     . A   B 2 7   ? -4.156  -4.759  12.063  1.00 137.55 ? 7   A   B P     1 
ATOM   1547 O OP1   . A   B 2 7   ? -3.615  -3.395  12.278  1.00 137.43 ? 7   A   B OP1   1 
ATOM   1548 O OP2   . A   B 2 7   ? -3.232  -5.907  11.840  1.00 127.24 ? 7   A   B OP2   1 
ATOM   1549 O "O5'" . A   B 2 7   ? -5.095  -5.097  13.309  1.00 140.55 ? 7   A   B "O5'" 1 
ATOM   1550 C "C5'" . A   B 2 7   ? -4.845  -4.507  14.607  1.00 145.43 ? 7   A   B "C5'" 1 
ATOM   1551 C "C4'" . A   B 2 7   ? -4.842  -5.563  15.687  1.00 152.74 ? 7   A   B "C4'" 1 
ATOM   1552 O "O4'" . A   B 2 7   ? -3.700  -6.439  15.514  1.00 174.87 ? 7   A   B "O4'" 1 
ATOM   1553 C "C3'" . A   B 2 7   ? -4.688  -5.064  17.119  1.00 158.53 ? 7   A   B "C3'" 1 
ATOM   1554 O "O3'" . A   B 2 7   ? -5.943  -4.658  17.649  1.00 147.22 ? 7   A   B "O3'" 1 
ATOM   1555 C "C2'" . A   B 2 7   ? -4.182  -6.310  17.841  1.00 168.01 ? 7   A   B "C2'" 1 
ATOM   1556 O "O2'" . A   B 2 7   ? -5.193  -7.236  18.185  1.00 173.65 ? 7   A   B "O2'" 1 
ATOM   1557 C "C1'" . A   B 2 7   ? -3.303  -6.964  16.773  1.00 172.17 ? 7   A   B "C1'" 1 
ATOM   1558 N N9    . A   B 2 7   ? -1.864  -6.744  16.937  1.00 177.95 ? 7   A   B N9    1 
ATOM   1559 C C8    . A   B 2 7   ? -1.221  -5.714  17.582  1.00 174.38 ? 7   A   B C8    1 
ATOM   1560 N N7    . A   B 2 7   ? 0.086   -5.802  17.542  1.00 174.54 ? 7   A   B N7    1 
ATOM   1561 C C5    . A   B 2 7   ? 0.321   -6.963  16.819  1.00 182.74 ? 7   A   B C5    1 
ATOM   1562 C C6    . A   B 2 7   ? 1.506   -7.611  16.425  1.00 179.74 ? 7   A   B C6    1 
ATOM   1563 N N6    . A   B 2 7   ? 2.727   -7.158  16.718  1.00 173.71 ? 7   A   B N6    1 
ATOM   1564 N N1    . A   B 2 7   ? 1.391   -8.753  15.711  1.00 171.57 ? 7   A   B N1    1 
ATOM   1565 C C2    . A   B 2 7   ? 0.165   -9.206  15.419  1.00 159.25 ? 7   A   B C2    1 
ATOM   1566 N N3    . A   B 2 7   ? -1.020  -8.691  15.736  1.00 162.74 ? 7   A   B N3    1 
ATOM   1567 C C4    . A   B 2 7   ? -0.871  -7.557  16.444  1.00 178.40 ? 7   A   B C4    1 
ATOM   1568 P P     . A   B 2 8   ? -6.292  -3.106  17.845  1.00 145.31 ? 8   A   B P     1 
ATOM   1569 O OP1   . A   B 2 8   ? -7.772  -2.995  17.941  1.00 128.34 ? 8   A   B OP1   1 
ATOM   1570 O OP2   . A   B 2 8   ? -5.552  -2.323  16.816  1.00 155.76 ? 8   A   B OP2   1 
ATOM   1571 O "O5'" . A   B 2 8   ? -5.639  -2.742  19.256  1.00 161.20 ? 8   A   B "O5'" 1 
ATOM   1572 C "C5'" . A   B 2 8   ? -5.111  -1.417  19.501  1.00 167.15 ? 8   A   B "C5'" 1 
ATOM   1573 C "C4'" . A   B 2 8   ? -4.854  -1.184  20.976  1.00 180.57 ? 8   A   B "C4'" 1 
ATOM   1574 O "O4'" . A   B 2 8   ? -3.934  -2.191  21.486  1.00 183.78 ? 8   A   B "O4'" 1 
ATOM   1575 C "C3'" . A   B 2 8   ? -4.197  0.154   21.311  1.00 193.65 ? 8   A   B "C3'" 1 
ATOM   1576 O "O3'" . A   B 2 8   ? -5.142  1.211   21.460  1.00 209.88 ? 8   A   B "O3'" 1 
ATOM   1577 C "C2'" . A   B 2 8   ? -3.473  -0.152  22.617  1.00 186.17 ? 8   A   B "C2'" 1 
ATOM   1578 O "O2'" . A   B 2 8   ? -4.311  -0.043  23.747  1.00 191.84 ? 8   A   B "O2'" 1 
ATOM   1579 C "C1'" . A   B 2 8   ? -3.013  -1.592  22.385  1.00 178.44 ? 8   A   B "C1'" 1 
ATOM   1580 P P     . A   B 2 9   ? -5.093  2.483   20.476  1.00 218.68 ? 9   A   B P     1 
ATOM   1581 O OP1   . A   B 2 9   ? -6.391  2.561   19.760  1.00 198.57 ? 9   A   B OP1   1 
ATOM   1582 O OP2   . A   B 2 9   ? -3.833  2.418   19.693  1.00 219.42 ? 9   A   B OP2   1 
ATOM   1583 O "O5'" . A   B 2 9   ? -4.966  3.723   21.472  1.00 218.03 ? 9   A   B "O5'" 1 
ATOM   1584 C "C5'" . A   B 2 9   ? -5.720  3.803   22.697  1.00 209.11 ? 9   A   B "C5'" 1 
ATOM   1585 C "C4'" . A   B 2 9   ? -5.844  5.244   23.163  1.00 214.83 ? 9   A   B "C4'" 1 
ATOM   1586 O "O4'" . A   B 2 9   ? -4.535  5.802   23.453  1.00 215.88 ? 9   A   B "O4'" 1 
ATOM   1587 C "C3'" . A   B 2 9   ? -6.438  6.240   22.171  1.00 218.43 ? 9   A   B "C3'" 1 
ATOM   1588 O "O3'" . A   B 2 9   ? -7.855  6.132   22.127  1.00 228.34 ? 9   A   B "O3'" 1 
ATOM   1589 C "C2'" . A   B 2 9   ? -5.952  7.577   22.726  1.00 214.10 ? 9   A   B "C2'" 1 
ATOM   1590 O "O2'" . A   B 2 9   ? -6.754  8.106   23.760  1.00 219.27 ? 9   A   B "O2'" 1 
ATOM   1591 C "C1'" . A   B 2 9   ? -4.564  7.210   23.261  1.00 207.15 ? 9   A   B "C1'" 1 
HETATM 1592 O O     . HOH C 3 .   ? 23.601  -17.024 -4.075  1.00 70.81  ? 301 HOH A O     1 
HETATM 1593 O O     . HOH C 3 .   ? 0.316   -8.744  -6.318  1.00 65.37  ? 302 HOH A O     1 
HETATM 1594 O O     . HOH C 3 .   ? 0.735   11.732  3.770   1.00 77.53  ? 303 HOH A O     1 
HETATM 1595 O O     . HOH C 3 .   ? 0.792   14.283  5.551   1.00 74.40  ? 304 HOH A O     1 
HETATM 1596 O O     . HOH C 3 .   ? -9.627  -2.363  -14.076 1.00 87.54  ? 305 HOH A O     1 
HETATM 1597 O O     . HOH C 3 .   ? -35.277 2.682   18.113  1.00 100.12 ? 306 HOH A O     1 
HETATM 1598 O O     . HOH C 3 .   ? -3.302  15.556  18.825  1.00 85.34  ? 307 HOH A O     1 
HETATM 1599 O O     . HOH C 3 .   ? 12.476  -23.553 -4.670  1.00 79.52  ? 308 HOH A O     1 
HETATM 1600 O O     . HOH C 3 .   ? -19.437 -1.520  -10.528 1.00 88.74  ? 309 HOH A O     1 
HETATM 1601 O O     . HOH C 3 .   ? 10.250  0.565   -8.497  1.00 79.31  ? 310 HOH A O     1 
HETATM 1602 O O     . HOH C 3 .   ? -34.173 5.925   17.664  1.00 73.83  ? 311 HOH A O     1 
HETATM 1603 O O     . HOH C 3 .   ? 3.794   -19.543 -6.898  1.00 79.96  ? 312 HOH A O     1 
HETATM 1604 O O     . HOH D 3 .   ? -7.059  3.482   26.011  1.00 90.82  ? 101 HOH B O     1 
HETATM 1605 O O     . HOH D 3 .   ? -12.778 -13.976 7.014   1.00 81.98  ? 102 HOH B O     1 
# 
